data_6OMV
#
_entry.id   6OMV
#
_cell.length_a   1.00
_cell.length_b   1.00
_cell.length_c   1.00
_cell.angle_alpha   90.00
_cell.angle_beta   90.00
_cell.angle_gamma   90.00
#
_symmetry.space_group_name_H-M   'P 1'
#
loop_
_entity.id
_entity.type
_entity.pdbx_description
1 polymer "DNA (5'-D(P*TP*AP*AP*TP*TP*TP*CP*CP*TP*AP*AP*AP*GP*GP*AP*CP*G)-3')"
2 polymer "DNA (5'-D(*CP*GP*TP*CP*CP*TP*TP*TP*AP*GP*GP*A)-3')"
3 polymer AcrVA4
4 polymer Cpf1
5 polymer RNA
6 non-polymer 'MAGNESIUM ION'
7 water water
#
loop_
_entity_poly.entity_id
_entity_poly.type
_entity_poly.pdbx_seq_one_letter_code
_entity_poly.pdbx_strand_id
1 'polydeoxyribonucleotide' (DT)(DA)(DA)(DT)(DT)(DT)(DC)(DC)(DT)(DA)(DA)(DA)(DG)(DG)(DA)(DC)(DG) E
2 'polydeoxyribonucleotide' (DC)(DG)(DT)(DC)(DC)(DT)(DT)(DT)(DA)(DG)(DG)(DA) F
3 'polypeptide(L)'
;MYEIKLNDTLIHQTDDRVNAFVAYRYLLRRGDLPKCENIARMYYDGKVIKTDVIDHDSVHSDEQAKVSNNDIIKMAISEL
GVNNFKSLIKKQGYPFSNGHINSWFTDDPVKSKTMHNDEMYLVVQALIRACIIKEIDLYTEQLYNIIKSLPYDKRPNVVY
SDQPLDPNNLDLSEPELWAEQVGECMRYAHNDQPCFYIGSTKRELRVNYIVPVIGVRDEIERVMTLEEVRNLHK
;
A,C
4 'polypeptide(L)'
;MSKLEKFTNCYSLSKTLRFKAIPVGKTQENIDNKRLLVEDEKRAEDYKGVKKLLDRYYLSFINDVLHSIKLKNLNNYISL
FRKKTRTEKENKELENLEINLRKEIAKAFKGNEGYKSLFKKDIIETILPEFLDDKDEIALVNSFNGFTTAFTGFFDNREN
MFSEEAKSTSIAFRCINENLTRYISNMDIFEKVDAIFDKHEVQEIKEKILNSDYDVEDFFEGEFFNFVLTQEGIDVYNAI
IGGFVTESGEKIKGLNEYINLYNQKTKQKLPKFKPLYKQVLSDRESLSFYGEGYTSDEEVLEVFRNTLNKNSEIFSSIKK
LEKLFKNFDEYSSAGIFVKNGPAISTISKDIFGEWNVIRDKWNAEYDDIHLKKKAVVTEKYEDDRRKSFKKIGSFSLEQL
QEYADADLSVVEKLKEIIIQKVDEIYKVYGSSEKLFDADFVLEKSLKKNDAVVAIMKDLLDSVKSFENYIKAFFGEGKET
NRDESFYGDFVLAYDILLKVDHIYDAIRNYVTQKPYSKDKFKLYFQNPQFMGGWDKDKETDYRATILRYGSKYYLAIMDK
KYAKCLQKIDKDDVNGNYEKINYKLLPGPNKMLPKVFFSKKWMAYYNPSEDIQKIYKNGTFKKGDMFNLNDCHKLIDFFK
DSISRYPKWSNAYDFNFSETEKYKDIAGFYREVEEQGYKVSFESASKKEVDKLVEEGKLYMFQIYNKDFSDKSHGTPNLH
TMYFKLLFDENNHGQIRLSGGAELFMRRASLKKEELVVHPANSPIANKNPDNPKKTTTLSYDVYKDKRFSEDQYELHIPI
AINKCPKNIFKINTEVRVLLKHDDNPYVIGIDRGERNLLYIVVVDGKGNIVEQYSLNEIINNFNGIRIKTDYHSLLDKKE
KERFEARQNWTSIENIKELKAGYISQVVHKICELVEKYDAVIALEDLNSGFKNSRVKVEKQVYQKFEKMLIDKLNYMVDK
KSNPCATGGALKGYQITNKFESFKSMSTQNGFIFYIPAWLTSKIDPSTGFVNLLKTKYTSIADSKKFISSFDRIMYVPEE
DLFEFALDYKNFSRTDADYIKKWKLYSYGNRIRIFRNPKKNNVFDWEEVCLTSAYKELFNKYGINYQQGDIRALLCEQSD
KAFYSSFMALMSLMLQMRNSITGRTDVDFLISPVKNSDGIFYDSRNYEAQENAILPKNADANGAYNIARKVLWAIGQFKK
AEDEKLDKVKIAISNKEWLEYAQTSVK
;
B
5 'polyribonucleotide' AAUUUCUACUAAGUGUAGAUGGAAAUUAGGUGCGCUUGGC G
#
loop_
_chem_comp.id
_chem_comp.type
_chem_comp.name
_chem_comp.formula
A RNA linking ADENOSINE-5'-MONOPHOSPHATE 'C10 H14 N5 O7 P'
C RNA linking CYTIDINE-5'-MONOPHOSPHATE 'C9 H14 N3 O8 P'
DA DNA linking 2'-DEOXYADENOSINE-5'-MONOPHOSPHATE 'C10 H14 N5 O6 P'
DC DNA linking 2'-DEOXYCYTIDINE-5'-MONOPHOSPHATE 'C9 H14 N3 O7 P'
DG DNA linking 2'-DEOXYGUANOSINE-5'-MONOPHOSPHATE 'C10 H14 N5 O7 P'
DT DNA linking THYMIDINE-5'-MONOPHOSPHATE 'C10 H15 N2 O8 P'
G RNA linking GUANOSINE-5'-MONOPHOSPHATE 'C10 H14 N5 O8 P'
MG non-polymer 'MAGNESIUM ION' 'Mg 2'
U RNA linking URIDINE-5'-MONOPHOSPHATE 'C9 H13 N2 O9 P'
#
# COMPACT_ATOMS: atom_id res chain seq x y z
N MET C 120 -35.96 -50.48 6.17
CA MET C 120 -36.17 -50.73 4.75
C MET C 120 -34.90 -50.39 3.96
N TYR C 121 -34.90 -50.67 2.66
CA TYR C 121 -33.69 -50.54 1.85
C TYR C 121 -33.35 -49.10 1.50
N LEU C 122 -34.22 -48.13 1.84
CA LEU C 122 -33.89 -46.71 1.78
C LEU C 122 -34.00 -46.04 3.14
N VAL C 123 -34.01 -46.84 4.21
CA VAL C 123 -34.08 -46.33 5.56
C VAL C 123 -32.77 -46.53 6.30
N VAL C 124 -32.17 -47.73 6.20
CA VAL C 124 -30.85 -47.95 6.77
C VAL C 124 -29.78 -47.30 5.91
N GLN C 125 -30.09 -47.07 4.63
CA GLN C 125 -29.23 -46.26 3.78
C GLN C 125 -29.51 -44.77 3.95
N ALA C 126 -30.47 -44.42 4.80
CA ALA C 126 -30.53 -43.11 5.44
C ALA C 126 -29.92 -43.18 6.83
N LEU C 127 -29.36 -44.33 7.21
CA LEU C 127 -28.72 -44.53 8.49
C LEU C 127 -27.24 -44.90 8.38
N ILE C 128 -26.87 -45.71 7.38
CA ILE C 128 -25.46 -46.02 7.19
C ILE C 128 -24.68 -44.80 6.72
N ARG C 129 -25.36 -43.81 6.14
CA ARG C 129 -24.77 -42.51 5.88
C ARG C 129 -24.39 -41.79 7.17
N ALA C 130 -25.07 -42.08 8.27
CA ALA C 130 -24.63 -41.59 9.56
C ALA C 130 -23.54 -42.46 10.18
N CYS C 131 -23.33 -43.67 9.66
CA CYS C 131 -22.20 -44.47 10.12
C CYS C 131 -20.92 -44.04 9.41
N ILE C 132 -21.05 -43.60 8.16
CA ILE C 132 -19.85 -43.24 7.43
C ILE C 132 -19.29 -41.91 7.92
N ILE C 133 -20.13 -41.05 8.51
CA ILE C 133 -19.61 -39.82 9.10
C ILE C 133 -18.85 -40.14 10.38
N LYS C 134 -19.29 -41.16 11.11
CA LYS C 134 -18.50 -41.66 12.22
C LYS C 134 -17.18 -42.24 11.78
N GLU C 135 -17.12 -42.78 10.57
CA GLU C 135 -15.81 -43.18 10.05
C GLU C 135 -14.95 -41.97 9.67
N ILE C 136 -15.56 -41.00 8.99
CA ILE C 136 -14.85 -39.82 8.49
C ILE C 136 -14.24 -39.01 9.62
N ASP C 137 -14.98 -38.86 10.71
CA ASP C 137 -14.48 -38.05 11.81
C ASP C 137 -13.31 -38.70 12.52
N LEU C 138 -13.30 -40.03 12.57
CA LEU C 138 -12.13 -40.72 13.09
C LEU C 138 -10.94 -40.54 12.17
N TYR C 139 -11.19 -40.59 10.85
CA TYR C 139 -10.09 -40.36 9.91
C TYR C 139 -9.55 -38.95 10.02
N THR C 140 -10.44 -37.98 10.22
CA THR C 140 -10.04 -36.58 10.39
C THR C 140 -9.22 -36.38 11.65
N GLU C 141 -9.66 -36.97 12.77
CA GLU C 141 -8.92 -36.84 14.02
C GLU C 141 -7.59 -37.55 13.94
N GLN C 142 -7.54 -38.69 13.25
CA GLN C 142 -6.28 -39.40 13.07
C GLN C 142 -5.33 -38.62 12.19
N LEU C 143 -5.88 -37.82 11.27
CA LEU C 143 -5.05 -36.97 10.44
C LEU C 143 -4.52 -35.78 11.24
N TYR C 144 -5.39 -35.19 12.06
CA TYR C 144 -5.10 -33.95 12.77
C TYR C 144 -4.00 -34.13 13.81
N ASN C 145 -3.78 -35.34 14.27
CA ASN C 145 -2.72 -35.65 15.20
C ASN C 145 -1.41 -35.96 14.50
N ILE C 146 -1.33 -35.81 13.19
CA ILE C 146 -0.11 -36.17 12.50
C ILE C 146 0.37 -35.04 11.61
N ILE C 147 -0.53 -34.14 11.26
CA ILE C 147 -0.14 -32.93 10.54
C ILE C 147 0.62 -31.96 11.45
N LYS C 148 0.17 -31.80 12.69
CA LYS C 148 0.81 -31.02 13.73
C LYS C 148 2.24 -31.47 14.01
N SER C 149 2.54 -32.76 13.82
CA SER C 149 3.87 -33.29 14.06
C SER C 149 4.83 -33.11 12.89
N LEU C 150 4.55 -32.19 11.97
CA LEU C 150 5.40 -32.06 10.80
C LEU C 150 6.07 -30.68 10.78
N PRO C 151 7.22 -30.56 10.14
CA PRO C 151 7.68 -29.24 9.70
C PRO C 151 6.86 -28.78 8.50
N TYR C 152 6.84 -27.47 8.30
CA TYR C 152 5.92 -26.88 7.32
C TYR C 152 6.34 -27.13 5.88
N ASP C 153 7.62 -27.40 5.63
CA ASP C 153 8.08 -27.77 4.30
C ASP C 153 7.80 -29.22 3.96
N LYS C 154 7.23 -29.98 4.89
CA LYS C 154 6.90 -31.38 4.65
C LYS C 154 5.40 -31.61 4.74
N ARG C 155 4.62 -30.59 4.55
CA ARG C 155 3.19 -30.79 4.62
C ARG C 155 2.68 -31.34 3.29
N PRO C 156 1.85 -32.38 3.32
CA PRO C 156 1.41 -33.00 2.08
C PRO C 156 0.24 -32.26 1.46
N ASN C 157 0.16 -32.34 0.14
CA ASN C 157 -0.94 -31.73 -0.59
C ASN C 157 -2.23 -32.46 -0.28
N VAL C 158 -3.30 -31.72 -0.03
CA VAL C 158 -4.58 -32.33 0.28
C VAL C 158 -5.64 -31.76 -0.65
N VAL C 159 -6.79 -32.44 -0.64
CA VAL C 159 -7.98 -32.00 -1.34
C VAL C 159 -9.02 -31.64 -0.30
N TYR C 160 -9.57 -30.45 -0.40
CA TYR C 160 -10.37 -29.92 0.68
C TYR C 160 -11.81 -29.71 0.24
N SER C 161 -12.72 -29.90 1.19
CA SER C 161 -14.12 -29.54 0.99
C SER C 161 -14.80 -29.43 2.34
N ASP C 162 -16.02 -28.90 2.31
CA ASP C 162 -16.81 -28.78 3.52
C ASP C 162 -17.85 -29.89 3.66
N GLN C 163 -18.21 -30.55 2.59
CA GLN C 163 -18.91 -31.82 2.73
C GLN C 163 -17.91 -32.90 3.09
N PRO C 164 -18.34 -33.94 3.79
CA PRO C 164 -17.42 -35.04 4.10
C PRO C 164 -17.00 -35.79 2.84
N LEU C 165 -15.76 -36.26 2.84
CA LEU C 165 -15.13 -36.86 1.67
C LEU C 165 -14.64 -38.25 2.02
N ASP C 166 -15.20 -39.26 1.36
CA ASP C 166 -14.83 -40.65 1.62
C ASP C 166 -13.48 -40.97 1.01
N PRO C 167 -12.47 -41.37 1.80
CA PRO C 167 -11.16 -41.74 1.22
C PRO C 167 -11.13 -43.13 0.61
N ASN C 168 -12.27 -43.79 0.42
CA ASN C 168 -12.28 -45.04 -0.33
C ASN C 168 -12.46 -44.78 -1.82
N ASN C 169 -13.49 -44.02 -2.19
CA ASN C 169 -13.70 -43.75 -3.60
C ASN C 169 -13.19 -42.36 -4.00
N LEU C 170 -13.80 -41.34 -3.38
CA LEU C 170 -13.43 -39.91 -3.61
C LEU C 170 -14.00 -39.37 -4.93
N ASP C 171 -14.28 -40.24 -5.91
CA ASP C 171 -14.76 -39.79 -7.26
C ASP C 171 -13.78 -38.71 -7.73
N LEU C 172 -12.52 -39.12 -7.86
CA LEU C 172 -11.38 -38.23 -8.09
C LEU C 172 -11.45 -37.49 -9.43
N SER C 173 -12.26 -37.97 -10.37
CA SER C 173 -12.41 -37.29 -11.64
C SER C 173 -13.30 -36.05 -11.56
N GLU C 174 -13.87 -35.75 -10.40
CA GLU C 174 -14.77 -34.62 -10.27
C GLU C 174 -14.02 -33.30 -10.40
N PRO C 175 -14.51 -32.35 -11.20
CA PRO C 175 -13.77 -31.10 -11.41
C PRO C 175 -14.02 -30.03 -10.36
N GLU C 176 -14.55 -30.37 -9.19
CA GLU C 176 -14.92 -29.38 -8.19
C GLU C 176 -13.99 -29.39 -6.99
N LEU C 177 -12.69 -29.59 -7.21
CA LEU C 177 -11.75 -29.86 -6.14
C LEU C 177 -10.33 -29.72 -6.65
N TRP C 178 -9.46 -29.10 -5.85
CA TRP C 178 -8.06 -28.92 -6.21
C TRP C 178 -7.16 -29.55 -5.17
N ALA C 179 -5.85 -29.38 -5.36
CA ALA C 179 -4.86 -30.07 -4.55
C ALA C 179 -3.77 -29.12 -4.12
N GLU C 180 -3.98 -28.43 -3.00
CA GLU C 180 -3.02 -27.46 -2.49
C GLU C 180 -2.39 -28.02 -1.21
N GLN C 181 -1.33 -27.35 -0.75
CA GLN C 181 -0.74 -27.74 0.51
C GLN C 181 -1.62 -27.35 1.67
N VAL C 182 -1.38 -27.99 2.81
CA VAL C 182 -2.13 -27.74 4.03
C VAL C 182 -1.25 -26.92 4.96
N GLY C 183 -1.84 -25.89 5.55
CA GLY C 183 -1.08 -24.95 6.33
C GLY C 183 -1.18 -25.26 7.80
N GLU C 184 -2.04 -24.57 8.51
CA GLU C 184 -2.18 -24.84 9.92
C GLU C 184 -3.36 -25.77 10.18
N CYS C 185 -3.21 -26.57 11.23
CA CYS C 185 -4.23 -27.48 11.71
C CYS C 185 -4.69 -26.96 13.07
N MET C 186 -5.91 -26.46 13.13
CA MET C 186 -6.41 -25.89 14.36
C MET C 186 -7.75 -26.53 14.73
N ARG C 187 -8.36 -26.01 15.79
CA ARG C 187 -9.55 -26.61 16.38
C ARG C 187 -10.58 -25.52 16.63
N TYR C 188 -11.87 -25.87 16.54
CA TYR C 188 -12.87 -24.88 16.87
C TYR C 188 -12.95 -24.63 18.37
N ALA C 189 -13.87 -23.75 18.75
CA ALA C 189 -13.97 -23.30 20.13
C ALA C 189 -14.93 -24.14 20.95
N HIS C 190 -16.21 -24.18 20.57
CA HIS C 190 -17.20 -24.82 21.42
C HIS C 190 -17.08 -26.34 21.34
N ASN C 191 -16.94 -26.87 20.13
CA ASN C 191 -16.64 -28.27 19.93
C ASN C 191 -15.14 -28.42 19.77
N ASP C 192 -14.71 -29.60 19.38
CA ASP C 192 -13.30 -29.88 19.16
C ASP C 192 -13.06 -30.30 17.72
N GLN C 193 -13.94 -29.85 16.83
CA GLN C 193 -13.90 -30.29 15.44
C GLN C 193 -12.71 -29.68 14.73
N PRO C 194 -11.81 -30.48 14.20
CA PRO C 194 -10.53 -29.94 13.70
C PRO C 194 -10.60 -29.36 12.30
N CYS C 195 -10.88 -28.07 12.18
CA CYS C 195 -10.79 -27.38 10.89
C CYS C 195 -9.35 -27.32 10.42
N PHE C 196 -9.18 -27.02 9.13
CA PHE C 196 -7.85 -26.94 8.55
C PHE C 196 -7.72 -25.66 7.72
N TYR C 197 -6.48 -25.18 7.63
CA TYR C 197 -6.12 -24.01 6.87
C TYR C 197 -5.29 -24.41 5.67
N ILE C 198 -5.76 -24.06 4.50
CA ILE C 198 -5.10 -24.45 3.25
C ILE C 198 -4.33 -23.25 2.73
N GLY C 199 -3.04 -23.44 2.47
CA GLY C 199 -2.21 -22.30 2.19
C GLY C 199 -1.78 -21.68 3.50
N SER C 200 -1.37 -20.41 3.46
CA SER C 200 -0.93 -19.77 4.68
C SER C 200 -2.12 -19.31 5.50
N THR C 201 -1.83 -18.71 6.64
CA THR C 201 -2.85 -18.34 7.62
C THR C 201 -3.76 -17.25 7.10
N LYS C 202 -3.18 -16.16 6.58
CA LYS C 202 -3.93 -14.96 6.25
C LYS C 202 -4.83 -15.12 5.04
N ARG C 203 -4.84 -16.28 4.40
CA ARG C 203 -5.75 -16.51 3.28
C ARG C 203 -7.20 -16.63 3.72
N GLU C 204 -7.45 -16.87 5.00
CA GLU C 204 -8.78 -17.11 5.58
C GLU C 204 -9.48 -18.27 4.88
N LEU C 205 -8.71 -19.30 4.55
CA LEU C 205 -9.25 -20.47 3.89
C LEU C 205 -9.42 -21.56 4.94
N ARG C 206 -10.55 -21.51 5.62
CA ARG C 206 -10.88 -22.50 6.63
C ARG C 206 -11.62 -23.64 5.96
N VAL C 207 -11.28 -24.87 6.31
CA VAL C 207 -11.95 -26.01 5.72
C VAL C 207 -11.99 -27.14 6.76
N ASN C 208 -13.05 -27.94 6.67
CA ASN C 208 -13.37 -28.93 7.68
C ASN C 208 -12.99 -30.35 7.30
N TYR C 209 -12.83 -30.66 6.01
CA TYR C 209 -12.54 -32.01 5.57
C TYR C 209 -11.41 -31.99 4.56
N ILE C 210 -10.33 -32.72 4.86
CA ILE C 210 -9.20 -32.86 3.95
C ILE C 210 -8.93 -34.34 3.74
N VAL C 211 -8.32 -34.63 2.59
CA VAL C 211 -7.84 -35.98 2.25
C VAL C 211 -6.46 -35.86 1.63
N PRO C 212 -5.45 -36.55 2.16
CA PRO C 212 -4.08 -36.39 1.66
C PRO C 212 -3.93 -37.04 0.30
N VAL C 213 -3.38 -36.29 -0.64
CA VAL C 213 -3.08 -36.83 -1.96
C VAL C 213 -1.62 -36.59 -2.26
N ILE C 214 -1.19 -36.99 -3.46
CA ILE C 214 0.15 -36.70 -3.95
C ILE C 214 0.12 -35.88 -5.21
N GLY C 215 -1.02 -35.74 -5.86
CA GLY C 215 -1.10 -34.96 -7.07
C GLY C 215 -1.01 -33.47 -6.81
N VAL C 216 -0.48 -32.77 -7.81
CA VAL C 216 -0.31 -31.33 -7.76
C VAL C 216 -1.64 -30.71 -8.17
N ARG C 217 -1.73 -29.38 -8.11
CA ARG C 217 -2.89 -28.50 -8.03
C ARG C 217 -4.17 -28.93 -8.72
N ASP C 218 -4.09 -29.39 -9.97
CA ASP C 218 -5.28 -29.90 -10.64
C ASP C 218 -5.17 -31.33 -11.13
N GLU C 219 -3.98 -31.85 -11.40
CA GLU C 219 -3.84 -33.26 -11.75
C GLU C 219 -3.61 -34.05 -10.47
N ILE C 220 -4.70 -34.57 -9.93
CA ILE C 220 -4.63 -35.38 -8.73
C ILE C 220 -4.22 -36.79 -9.13
N GLU C 221 -3.05 -37.22 -8.67
CA GLU C 221 -2.51 -38.51 -9.07
C GLU C 221 -3.21 -39.65 -8.34
N ARG C 222 -3.09 -39.67 -7.02
CA ARG C 222 -3.69 -40.72 -6.21
C ARG C 222 -3.85 -40.20 -4.79
N VAL C 223 -4.61 -40.92 -3.99
CA VAL C 223 -4.84 -40.55 -2.61
C VAL C 223 -3.68 -41.06 -1.76
N MET C 224 -3.05 -40.15 -1.02
CA MET C 224 -1.93 -40.51 -0.16
C MET C 224 -2.45 -41.23 1.06
N THR C 225 -1.79 -42.31 1.46
CA THR C 225 -2.29 -43.09 2.58
C THR C 225 -1.70 -42.62 3.90
N LEU C 226 -2.10 -43.30 4.97
CA LEU C 226 -1.76 -42.86 6.32
C LEU C 226 -0.30 -43.09 6.64
N GLU C 227 0.22 -44.27 6.32
CA GLU C 227 1.61 -44.55 6.61
C GLU C 227 2.53 -43.76 5.70
N GLU C 228 2.04 -43.29 4.56
CA GLU C 228 2.84 -42.39 3.73
C GLU C 228 3.05 -41.05 4.40
N VAL C 229 2.01 -40.53 5.04
CA VAL C 229 2.14 -39.29 5.79
C VAL C 229 2.99 -39.53 7.04
N ARG C 230 2.81 -40.69 7.68
CA ARG C 230 3.53 -41.01 8.90
C ARG C 230 5.03 -41.16 8.66
N ASN C 231 5.40 -41.78 7.54
CA ASN C 231 6.79 -41.86 7.15
C ASN C 231 7.32 -40.56 6.58
N LEU C 232 6.44 -39.61 6.23
CA LEU C 232 6.92 -38.37 5.63
C LEU C 232 7.57 -37.48 6.67
N HIS C 233 7.23 -37.68 7.94
CA HIS C 233 7.98 -37.06 9.03
C HIS C 233 9.45 -37.46 9.06
N LYS C 234 9.74 -38.73 8.77
CA LYS C 234 11.06 -39.36 8.94
C LYS C 234 11.61 -39.15 10.35
N MET D 1 32.28 16.65 17.87
CA MET D 1 30.85 16.38 17.83
C MET D 1 30.49 15.62 16.56
N SER D 2 29.22 15.22 16.46
CA SER D 2 28.72 14.57 15.26
C SER D 2 28.05 15.57 14.35
N LYS D 3 27.63 15.12 13.18
CA LYS D 3 26.74 15.95 12.37
C LYS D 3 25.31 15.85 12.85
N LEU D 4 24.89 14.68 13.29
CA LEU D 4 23.54 14.48 13.79
C LEU D 4 23.32 15.13 15.14
N GLU D 5 24.39 15.49 15.84
CA GLU D 5 24.25 16.29 17.05
C GLU D 5 23.58 17.62 16.79
N LYS D 6 23.86 18.25 15.65
CA LYS D 6 23.24 19.53 15.37
C LYS D 6 21.78 19.35 14.99
N PHE D 7 21.45 18.26 14.33
CA PHE D 7 20.09 18.10 13.82
C PHE D 7 19.17 17.60 14.92
N THR D 8 18.78 18.51 15.78
CA THR D 8 17.73 18.27 16.75
C THR D 8 16.78 19.46 16.74
N ASN D 9 15.54 19.21 17.17
CA ASN D 9 14.60 20.25 17.60
C ASN D 9 14.25 21.22 16.48
N CYS D 10 13.92 20.71 15.31
CA CYS D 10 13.82 21.60 14.16
C CYS D 10 12.42 22.14 13.96
N TYR D 11 11.40 21.29 14.00
CA TYR D 11 10.05 21.76 13.71
C TYR D 11 9.01 20.85 14.33
N SER D 12 7.75 21.16 14.05
CA SER D 12 6.61 20.61 14.76
C SER D 12 6.08 19.36 14.07
N LEU D 13 5.17 18.66 14.74
CA LEU D 13 4.77 17.34 14.29
C LEU D 13 3.50 16.95 15.02
N SER D 14 2.64 16.17 14.37
CA SER D 14 1.38 15.74 14.95
C SER D 14 1.17 14.25 14.78
N LYS D 15 1.33 13.50 15.86
CA LYS D 15 1.14 12.08 15.81
C LYS D 15 -0.01 11.70 16.71
N THR D 16 -0.78 10.70 16.27
CA THR D 16 -1.91 10.18 17.04
C THR D 16 -1.51 8.83 17.61
N LEU D 17 -1.20 8.80 18.89
CA LEU D 17 -1.21 7.52 19.57
C LEU D 17 -2.64 7.03 19.65
N ARG D 18 -2.81 5.72 19.72
CA ARG D 18 -4.13 5.20 20.00
C ARG D 18 -4.01 4.09 21.03
N PHE D 19 -5.09 3.84 21.77
CA PHE D 19 -5.04 2.84 22.82
C PHE D 19 -6.40 2.18 23.03
N LYS D 20 -6.36 1.03 23.69
CA LYS D 20 -7.54 0.24 23.98
C LYS D 20 -8.06 0.63 25.35
N ALA D 21 -9.38 0.77 25.46
CA ALA D 21 -10.03 1.13 26.71
C ALA D 21 -10.66 -0.10 27.33
N ILE D 22 -10.12 -0.54 28.45
CA ILE D 22 -10.68 -1.67 29.22
C ILE D 22 -11.64 -1.06 30.25
N PRO D 23 -12.91 -1.42 30.24
CA PRO D 23 -13.80 -1.01 31.34
C PRO D 23 -13.43 -1.72 32.61
N VAL D 24 -13.36 -0.95 33.71
CA VAL D 24 -12.95 -1.46 35.01
C VAL D 24 -14.15 -1.43 35.93
N GLY D 25 -14.39 -2.53 36.65
CA GLY D 25 -15.51 -2.60 37.55
C GLY D 25 -16.78 -2.92 36.81
N LYS D 26 -17.88 -2.40 37.34
CA LYS D 26 -19.20 -2.63 36.76
C LYS D 26 -19.58 -1.57 35.75
N THR D 27 -18.61 -0.86 35.23
CA THR D 27 -18.87 0.27 34.34
C THR D 27 -19.46 -0.15 33.00
N GLN D 28 -19.05 -1.30 32.47
CA GLN D 28 -19.67 -1.82 31.26
C GLN D 28 -21.15 -2.14 31.51
N GLU D 29 -21.45 -2.70 32.68
CA GLU D 29 -22.84 -2.88 33.09
C GLU D 29 -23.54 -1.55 33.29
N ASN D 30 -22.79 -0.51 33.68
CA ASN D 30 -23.40 0.80 33.82
C ASN D 30 -23.82 1.36 32.47
N ILE D 31 -22.97 1.17 31.45
CA ILE D 31 -23.34 1.56 30.08
C ILE D 31 -24.53 0.75 29.60
N ASP D 32 -24.58 -0.53 29.95
CA ASP D 32 -25.69 -1.35 29.50
C ASP D 32 -27.02 -0.99 30.17
N ASN D 33 -27.08 -1.01 31.50
CA ASN D 33 -28.35 -0.76 32.15
C ASN D 33 -28.75 0.71 32.08
N LYS D 34 -27.78 1.61 31.92
CA LYS D 34 -28.12 3.01 31.78
C LYS D 34 -28.60 3.37 30.39
N ARG D 35 -28.63 2.39 29.47
CA ARG D 35 -29.14 2.51 28.12
C ARG D 35 -28.40 3.63 27.38
N LEU D 36 -27.12 3.35 27.16
CA LEU D 36 -26.21 4.38 26.67
C LEU D 36 -25.56 3.97 25.36
N LEU D 37 -25.62 2.70 25.00
CA LEU D 37 -24.86 2.19 23.87
C LEU D 37 -25.53 2.48 22.54
N VAL D 38 -26.81 2.12 22.39
CA VAL D 38 -27.50 2.24 21.10
C VAL D 38 -27.71 3.69 20.69
N GLU D 39 -27.65 4.61 21.65
CA GLU D 39 -27.91 6.03 21.42
C GLU D 39 -26.88 6.66 20.49
N ASP D 40 -25.60 6.43 20.76
CA ASP D 40 -24.57 6.91 19.84
C ASP D 40 -24.61 6.12 18.54
N GLU D 41 -24.97 4.84 18.64
CA GLU D 41 -24.99 3.96 17.47
C GLU D 41 -26.11 4.36 16.52
N LYS D 42 -27.23 4.81 17.07
CA LYS D 42 -28.24 5.35 16.18
C LYS D 42 -27.89 6.78 15.81
N ARG D 43 -27.08 7.45 16.63
CA ARG D 43 -26.65 8.79 16.28
C ARG D 43 -25.60 8.75 15.18
N ALA D 44 -24.72 7.77 15.21
CA ALA D 44 -23.72 7.66 14.16
C ALA D 44 -24.24 6.91 12.95
N GLU D 45 -25.54 6.66 12.86
CA GLU D 45 -26.11 6.05 11.67
C GLU D 45 -27.06 6.97 10.93
N ASP D 46 -27.44 8.11 11.52
CA ASP D 46 -28.15 9.13 10.78
C ASP D 46 -27.31 10.38 10.63
N TYR D 47 -26.10 10.40 11.20
CA TYR D 47 -25.18 11.50 11.03
C TYR D 47 -24.76 11.67 9.58
N LYS D 48 -24.55 10.56 8.88
CA LYS D 48 -24.34 10.61 7.44
C LYS D 48 -25.57 11.13 6.71
N GLY D 49 -26.77 10.80 7.18
CA GLY D 49 -27.97 11.23 6.48
C GLY D 49 -28.23 12.72 6.63
N VAL D 50 -28.02 13.24 7.84
CA VAL D 50 -28.18 14.68 8.02
C VAL D 50 -27.02 15.43 7.37
N LYS D 51 -25.83 14.81 7.26
CA LYS D 51 -24.77 15.45 6.51
C LYS D 51 -25.10 15.47 5.01
N LYS D 52 -25.76 14.43 4.52
CA LYS D 52 -26.17 14.40 3.12
C LYS D 52 -27.24 15.44 2.84
N LEU D 53 -28.19 15.61 3.77
CA LEU D 53 -29.22 16.63 3.59
C LEU D 53 -28.64 18.03 3.69
N LEU D 54 -27.63 18.21 4.54
CA LEU D 54 -26.99 19.51 4.64
C LEU D 54 -26.17 19.82 3.39
N ASP D 55 -25.52 18.82 2.79
CA ASP D 55 -24.84 19.05 1.53
C ASP D 55 -25.83 19.29 0.40
N ARG D 56 -27.03 18.69 0.50
CA ARG D 56 -28.09 18.99 -0.46
C ARG D 56 -28.50 20.45 -0.36
N TYR D 57 -28.66 20.96 0.86
CA TYR D 57 -29.01 22.36 1.02
C TYR D 57 -27.85 23.28 0.62
N TYR D 58 -26.62 22.83 0.80
CA TYR D 58 -25.48 23.66 0.42
C TYR D 58 -25.35 23.72 -1.10
N LEU D 59 -25.63 22.61 -1.77
CA LEU D 59 -25.69 22.63 -3.23
C LEU D 59 -26.84 23.50 -3.73
N SER D 60 -27.95 23.53 -2.98
CA SER D 60 -29.02 24.45 -3.32
C SER D 60 -28.59 25.91 -3.16
N PHE D 61 -27.80 26.19 -2.12
CA PHE D 61 -27.26 27.54 -1.92
C PHE D 61 -26.32 27.93 -3.05
N ILE D 62 -25.45 27.02 -3.45
CA ILE D 62 -24.49 27.32 -4.51
C ILE D 62 -25.20 27.47 -5.84
N ASN D 63 -26.22 26.65 -6.09
CA ASN D 63 -27.07 26.80 -7.27
C ASN D 63 -27.85 28.11 -7.24
N ASP D 64 -28.14 28.63 -6.05
CA ASP D 64 -28.78 29.92 -5.96
C ASP D 64 -27.81 31.04 -6.29
N VAL D 65 -26.60 31.00 -5.72
CA VAL D 65 -25.71 32.16 -5.75
C VAL D 65 -24.77 32.18 -6.95
N LEU D 66 -24.59 31.07 -7.65
CA LEU D 66 -23.78 31.07 -8.86
C LEU D 66 -24.53 31.66 -10.06
N HIS D 67 -25.85 31.73 -9.99
CA HIS D 67 -26.64 32.39 -11.00
C HIS D 67 -26.76 33.89 -10.77
N SER D 68 -25.90 34.44 -9.90
CA SER D 68 -25.81 35.87 -9.70
C SER D 68 -24.37 36.34 -9.63
N ILE D 69 -23.41 35.47 -9.95
CA ILE D 69 -22.01 35.87 -9.97
C ILE D 69 -21.76 36.67 -11.24
N LYS D 70 -20.74 37.52 -11.19
CA LYS D 70 -20.29 38.28 -12.35
C LYS D 70 -18.85 38.70 -12.09
N LEU D 71 -17.93 38.12 -12.84
CA LEU D 71 -16.50 38.40 -12.68
C LEU D 71 -16.16 39.51 -13.66
N LYS D 72 -16.16 40.74 -13.16
CA LYS D 72 -15.95 41.93 -13.98
C LYS D 72 -14.57 42.00 -14.60
N ASN D 73 -13.57 41.38 -13.97
CA ASN D 73 -12.20 41.48 -14.44
C ASN D 73 -11.87 40.43 -15.49
N LEU D 74 -12.88 39.75 -16.05
CA LEU D 74 -12.65 38.74 -17.08
C LEU D 74 -12.12 39.36 -18.37
N ASN D 75 -12.67 40.52 -18.75
CA ASN D 75 -12.46 41.14 -20.07
C ASN D 75 -11.01 41.50 -20.32
N ASN D 76 -10.25 41.75 -19.26
CA ASN D 76 -8.82 42.03 -19.37
C ASN D 76 -7.96 40.79 -19.26
N TYR D 77 -8.35 39.82 -18.43
CA TYR D 77 -7.51 38.66 -18.24
C TYR D 77 -7.57 37.73 -19.44
N ILE D 78 -8.72 37.71 -20.14
CA ILE D 78 -8.83 36.93 -21.36
C ILE D 78 -7.90 37.46 -22.44
N SER D 79 -7.58 38.75 -22.41
CA SER D 79 -6.57 39.31 -23.28
C SER D 79 -5.16 39.09 -22.76
N LEU D 80 -4.95 39.23 -21.46
CA LEU D 80 -3.59 39.23 -20.93
C LEU D 80 -3.00 37.83 -20.88
N PHE D 81 -3.83 36.78 -20.77
CA PHE D 81 -3.23 35.45 -20.93
C PHE D 81 -3.12 35.09 -22.39
N ARG D 82 -3.85 35.79 -23.25
CA ARG D 82 -3.67 35.68 -24.70
C ARG D 82 -2.60 36.65 -25.23
N LYS D 83 -1.65 37.05 -24.37
CA LYS D 83 -0.58 37.96 -24.73
C LYS D 83 0.73 37.24 -25.02
N LYS D 84 0.90 35.98 -24.61
CA LYS D 84 2.16 35.25 -24.60
C LYS D 84 3.21 36.03 -23.80
N THR D 85 3.00 35.95 -22.47
CA THR D 85 3.39 36.99 -21.52
C THR D 85 4.89 37.29 -21.52
N ARG D 86 5.70 36.26 -21.80
CA ARG D 86 7.17 36.41 -21.86
C ARG D 86 7.70 37.01 -20.55
N THR D 87 6.90 36.92 -19.49
CA THR D 87 7.29 37.45 -18.15
C THR D 87 7.71 38.92 -18.27
N GLU D 88 9.00 39.16 -18.51
CA GLU D 88 9.53 40.55 -18.60
C GLU D 88 9.03 41.49 -17.50
N LYS D 89 8.80 40.93 -16.31
CA LYS D 89 8.03 41.56 -15.22
C LYS D 89 6.69 42.08 -15.74
N GLU D 90 5.85 41.12 -16.14
CA GLU D 90 4.45 41.41 -16.43
C GLU D 90 3.48 40.42 -15.81
N ASN D 91 3.94 39.25 -15.40
CA ASN D 91 3.04 38.22 -14.90
C ASN D 91 2.66 38.41 -13.44
N LYS D 92 3.28 39.34 -12.72
CA LYS D 92 2.93 39.46 -11.31
C LYS D 92 1.73 40.38 -11.12
N GLU D 93 1.59 41.40 -11.97
CA GLU D 93 0.31 42.07 -12.02
C GLU D 93 -0.78 41.19 -12.61
N LEU D 94 -0.33 40.21 -13.42
CA LEU D 94 -1.24 39.19 -14.01
C LEU D 94 -1.76 38.32 -12.85
N GLU D 95 -0.86 37.97 -11.92
CA GLU D 95 -1.23 37.19 -10.75
C GLU D 95 -2.07 38.01 -9.77
N ASN D 96 -1.84 39.33 -9.74
CA ASN D 96 -2.71 40.19 -8.94
C ASN D 96 -4.11 40.27 -9.52
N LEU D 97 -4.23 40.32 -10.84
CA LEU D 97 -5.54 40.22 -11.47
C LEU D 97 -6.21 38.89 -11.18
N GLU D 98 -5.42 37.80 -11.18
CA GLU D 98 -5.98 36.49 -10.88
C GLU D 98 -6.44 36.38 -9.43
N ILE D 99 -5.67 36.96 -8.49
CA ILE D 99 -6.08 36.92 -7.09
C ILE D 99 -7.27 37.84 -6.87
N ASN D 100 -7.40 38.87 -7.70
CA ASN D 100 -8.62 39.68 -7.66
C ASN D 100 -9.82 38.90 -8.17
N LEU D 101 -9.63 38.07 -9.19
CA LEU D 101 -10.72 37.22 -9.69
C LEU D 101 -11.13 36.19 -8.65
N ARG D 102 -10.16 35.54 -8.01
CA ARG D 102 -10.55 34.51 -7.05
C ARG D 102 -10.99 35.11 -5.71
N LYS D 103 -10.69 36.39 -5.47
CA LYS D 103 -11.31 37.05 -4.32
C LYS D 103 -12.74 37.46 -4.64
N GLU D 104 -12.96 38.05 -5.82
CA GLU D 104 -14.26 38.61 -6.14
C GLU D 104 -15.34 37.56 -6.37
N ILE D 105 -14.96 36.31 -6.64
CA ILE D 105 -15.96 35.26 -6.68
C ILE D 105 -16.41 34.91 -5.26
N ALA D 106 -15.52 35.01 -4.28
CA ALA D 106 -15.83 34.69 -2.90
C ALA D 106 -16.74 35.71 -2.24
N LYS D 107 -16.83 36.92 -2.81
CA LYS D 107 -17.59 38.00 -2.19
C LYS D 107 -19.08 37.71 -2.18
N ALA D 108 -19.57 36.98 -3.18
CA ALA D 108 -20.97 36.58 -3.16
C ALA D 108 -21.22 35.49 -2.14
N PHE D 109 -20.26 34.57 -1.98
CA PHE D 109 -20.38 33.53 -0.97
C PHE D 109 -20.29 34.11 0.42
N LYS D 110 -19.16 34.73 0.76
CA LYS D 110 -18.91 35.16 2.12
C LYS D 110 -19.62 36.45 2.48
N GLY D 111 -20.21 37.13 1.51
CA GLY D 111 -20.82 38.40 1.80
C GLY D 111 -22.30 38.32 2.14
N ASN D 112 -23.08 37.71 1.27
CA ASN D 112 -24.52 37.88 1.33
C ASN D 112 -25.20 36.56 1.67
N GLU D 113 -26.54 36.59 1.63
CA GLU D 113 -27.44 35.45 1.87
C GLU D 113 -27.24 34.86 3.26
N GLY D 114 -27.03 35.74 4.23
CA GLY D 114 -26.77 35.33 5.59
C GLY D 114 -25.27 35.09 5.80
N TYR D 115 -24.86 33.82 5.63
CA TYR D 115 -23.50 33.26 5.66
C TYR D 115 -22.94 33.17 7.08
N LYS D 116 -23.60 33.81 8.03
CA LYS D 116 -23.40 33.44 9.41
C LYS D 116 -24.51 32.50 9.84
N SER D 117 -25.68 32.66 9.24
CA SER D 117 -26.74 31.66 9.36
C SER D 117 -26.62 30.62 8.24
N LEU D 118 -25.43 30.10 8.08
CA LEU D 118 -25.10 29.01 7.18
C LEU D 118 -24.28 27.94 7.86
N PHE D 119 -23.45 28.32 8.84
CA PHE D 119 -22.60 27.39 9.55
C PHE D 119 -22.76 27.46 11.06
N LYS D 120 -23.64 28.31 11.56
CA LYS D 120 -23.90 28.38 12.98
C LYS D 120 -24.88 27.27 13.38
N LYS D 121 -25.42 27.37 14.60
CA LYS D 121 -26.38 26.39 15.07
C LYS D 121 -27.74 26.52 14.41
N ASP D 122 -27.99 27.62 13.70
CA ASP D 122 -29.35 27.97 13.32
C ASP D 122 -29.85 27.14 12.16
N ILE D 123 -28.96 26.46 11.45
CA ILE D 123 -29.33 25.81 10.20
C ILE D 123 -30.17 24.57 10.48
N ILE D 124 -29.68 23.67 11.33
CA ILE D 124 -30.38 22.42 11.58
C ILE D 124 -31.52 22.63 12.55
N GLU D 125 -31.64 23.83 13.12
CA GLU D 125 -32.76 24.10 14.00
C GLU D 125 -33.89 24.80 13.24
N THR D 126 -33.56 25.61 12.25
CA THR D 126 -34.63 26.33 11.56
C THR D 126 -34.69 26.04 10.07
N ILE D 127 -33.57 26.12 9.36
CA ILE D 127 -33.61 26.19 7.91
C ILE D 127 -33.87 24.82 7.31
N LEU D 128 -33.14 23.81 7.80
CA LEU D 128 -33.38 22.45 7.35
C LEU D 128 -34.76 21.88 7.74
N PRO D 129 -35.43 22.33 8.81
CA PRO D 129 -36.88 22.07 8.88
C PRO D 129 -37.63 22.62 7.68
N GLU D 130 -37.34 23.85 7.26
CA GLU D 130 -38.03 24.40 6.11
C GLU D 130 -37.49 23.80 4.82
N PHE D 131 -36.20 23.49 4.80
CA PHE D 131 -35.63 22.82 3.64
C PHE D 131 -35.75 21.31 3.79
N LEU D 132 -37.01 20.84 3.61
CA LEU D 132 -37.49 19.43 3.66
C LEU D 132 -39.02 19.42 3.89
N ASP D 133 -39.78 18.55 3.20
CA ASP D 133 -41.22 18.46 3.35
C ASP D 133 -41.71 17.07 3.75
N ASP D 134 -40.84 16.07 3.75
CA ASP D 134 -41.22 14.72 4.13
C ASP D 134 -41.02 14.54 5.62
N LYS D 135 -41.98 13.86 6.26
CA LYS D 135 -42.00 13.75 7.72
C LYS D 135 -40.82 12.95 8.24
N ASP D 136 -40.40 11.92 7.49
CA ASP D 136 -39.28 11.09 7.88
C ASP D 136 -37.98 11.89 7.83
N GLU D 137 -37.88 12.81 6.89
CA GLU D 137 -36.70 13.66 6.79
C GLU D 137 -36.60 14.66 7.93
N ILE D 138 -37.71 15.32 8.29
CA ILE D 138 -37.70 16.22 9.43
C ILE D 138 -37.53 15.45 10.74
N ALA D 139 -37.93 14.18 10.77
CA ALA D 139 -37.73 13.35 11.95
C ALA D 139 -36.24 13.10 12.21
N LEU D 140 -35.42 13.13 11.17
CA LEU D 140 -33.98 12.98 11.37
C LEU D 140 -33.38 14.26 11.95
N VAL D 141 -33.74 15.42 11.39
CA VAL D 141 -33.10 16.65 11.81
C VAL D 141 -33.62 17.09 13.18
N ASN D 142 -34.81 16.64 13.58
CA ASN D 142 -35.28 16.98 14.91
C ASN D 142 -34.64 16.11 15.98
N SER D 143 -33.82 15.15 15.59
CA SER D 143 -33.14 14.29 16.56
C SER D 143 -31.84 14.88 17.06
N PHE D 144 -31.14 15.64 16.26
CA PHE D 144 -29.81 16.14 16.63
C PHE D 144 -29.85 17.47 17.35
N ASN D 145 -31.02 17.88 17.83
CA ASN D 145 -31.14 19.14 18.52
C ASN D 145 -30.42 19.07 19.85
N GLY D 146 -29.71 20.14 20.19
CA GLY D 146 -28.81 20.15 21.32
C GLY D 146 -27.43 19.65 20.99
N PHE D 147 -27.29 18.82 19.95
CA PHE D 147 -26.01 18.29 19.52
C PHE D 147 -25.48 18.98 18.26
N THR D 148 -25.68 20.29 18.13
CA THR D 148 -25.22 21.00 16.96
C THR D 148 -23.71 21.15 16.91
N THR D 149 -23.05 21.32 18.05
CA THR D 149 -21.62 21.61 18.06
C THR D 149 -20.76 20.43 17.66
N ALA D 150 -21.33 19.24 17.51
CA ALA D 150 -20.59 18.10 16.99
C ALA D 150 -20.17 18.28 15.55
N PHE D 151 -20.82 19.18 14.82
CA PHE D 151 -20.53 19.39 13.42
C PHE D 151 -19.42 20.41 13.18
N THR D 152 -18.70 20.83 14.22
CA THR D 152 -17.62 21.80 14.03
C THR D 152 -16.49 21.23 13.21
N GLY D 153 -16.24 19.92 13.31
CA GLY D 153 -15.33 19.29 12.38
C GLY D 153 -15.83 19.33 10.96
N PHE D 154 -17.11 19.05 10.76
CA PHE D 154 -17.67 19.09 9.41
C PHE D 154 -17.77 20.51 8.89
N PHE D 155 -18.08 21.47 9.77
CA PHE D 155 -18.13 22.86 9.34
C PHE D 155 -16.76 23.40 9.00
N ASP D 156 -15.72 22.97 9.72
CA ASP D 156 -14.37 23.36 9.36
C ASP D 156 -13.89 22.58 8.13
N ASN D 157 -14.60 21.51 7.78
CA ASN D 157 -14.41 20.92 6.46
C ASN D 157 -15.34 21.54 5.42
N ARG D 158 -16.21 22.46 5.82
CA ARG D 158 -17.02 23.20 4.86
C ARG D 158 -16.39 24.53 4.47
N GLU D 159 -15.76 25.22 5.43
CA GLU D 159 -15.33 26.59 5.18
C GLU D 159 -14.04 26.67 4.39
N ASN D 160 -13.53 25.54 3.93
CA ASN D 160 -12.36 25.57 3.07
C ASN D 160 -12.81 25.70 1.61
N MET D 161 -14.09 25.41 1.36
CA MET D 161 -14.65 25.57 0.03
C MET D 161 -14.73 27.02 -0.41
N PHE D 162 -14.80 27.95 0.53
CA PHE D 162 -15.13 29.33 0.24
C PHE D 162 -13.94 30.26 0.35
N SER D 163 -12.74 29.70 0.51
CA SER D 163 -11.54 30.49 0.78
C SER D 163 -10.73 30.69 -0.50
N GLU D 164 -9.54 31.27 -0.31
CA GLU D 164 -8.78 31.85 -1.41
C GLU D 164 -7.30 31.52 -1.29
N GLU D 165 -6.98 30.29 -0.92
CA GLU D 165 -5.62 29.96 -0.49
C GLU D 165 -4.84 29.26 -1.59
N ALA D 166 -5.46 29.12 -2.77
CA ALA D 166 -5.00 28.27 -3.87
C ALA D 166 -4.78 26.83 -3.39
N LYS D 167 -5.75 26.33 -2.65
CA LYS D 167 -5.86 24.92 -2.35
C LYS D 167 -6.90 24.35 -3.30
N SER D 168 -6.80 23.05 -3.58
CA SER D 168 -7.74 22.44 -4.50
C SER D 168 -9.13 22.32 -3.91
N THR D 169 -9.27 22.41 -2.59
CA THR D 169 -10.55 22.19 -1.93
C THR D 169 -11.33 23.48 -1.74
N SER D 170 -11.11 24.46 -2.60
CA SER D 170 -11.95 25.65 -2.62
C SER D 170 -12.99 25.50 -3.69
N ILE D 171 -13.82 26.52 -3.84
CA ILE D 171 -14.55 26.71 -5.07
C ILE D 171 -13.86 27.75 -5.94
N ALA D 172 -13.11 28.64 -5.29
CA ALA D 172 -12.44 29.72 -6.01
C ALA D 172 -11.32 29.20 -6.90
N PHE D 173 -10.45 28.34 -6.34
CA PHE D 173 -9.38 27.76 -7.14
C PHE D 173 -9.93 26.78 -8.17
N ARG D 174 -11.12 26.23 -7.93
CA ARG D 174 -11.80 25.46 -8.96
C ARG D 174 -12.22 26.35 -10.12
N CYS D 175 -13.05 27.34 -9.85
CA CYS D 175 -13.64 28.15 -10.89
C CYS D 175 -12.69 29.19 -11.46
N ILE D 176 -11.45 29.25 -10.99
CA ILE D 176 -10.45 30.02 -11.73
C ILE D 176 -9.46 29.09 -12.40
N ASN D 177 -8.69 28.35 -11.63
CA ASN D 177 -7.53 27.71 -12.22
C ASN D 177 -7.86 26.37 -12.85
N GLU D 178 -8.88 25.68 -12.38
CA GLU D 178 -9.34 24.48 -13.03
C GLU D 178 -10.42 24.74 -14.05
N ASN D 179 -10.90 25.98 -14.16
CA ASN D 179 -11.99 26.27 -15.08
C ASN D 179 -11.59 27.26 -16.17
N LEU D 180 -10.97 28.39 -15.81
CA LEU D 180 -10.65 29.40 -16.81
C LEU D 180 -9.50 28.97 -17.70
N THR D 181 -8.52 28.23 -17.15
CA THR D 181 -7.39 27.77 -17.94
C THR D 181 -7.84 26.85 -19.06
N ARG D 182 -8.65 25.85 -18.73
CA ARG D 182 -9.23 24.99 -19.75
C ARG D 182 -10.23 25.74 -20.62
N TYR D 183 -10.87 26.79 -20.08
CA TYR D 183 -11.79 27.58 -20.88
C TYR D 183 -11.07 28.30 -22.00
N ILE D 184 -9.95 28.95 -21.70
CA ILE D 184 -9.25 29.69 -22.73
C ILE D 184 -8.47 28.74 -23.64
N SER D 185 -8.07 27.58 -23.11
CA SER D 185 -7.46 26.57 -23.97
C SER D 185 -8.46 26.03 -24.99
N ASN D 186 -9.65 25.65 -24.52
CA ASN D 186 -10.67 25.14 -25.44
C ASN D 186 -11.22 26.25 -26.32
N MET D 187 -11.16 27.50 -25.85
CA MET D 187 -11.54 28.62 -26.69
C MET D 187 -10.57 28.81 -27.84
N ASP D 188 -9.26 28.70 -27.57
CA ASP D 188 -8.28 28.86 -28.64
C ASP D 188 -8.33 27.69 -29.62
N ILE D 189 -8.58 26.48 -29.10
CA ILE D 189 -8.76 25.32 -29.98
C ILE D 189 -10.03 25.47 -30.80
N PHE D 190 -11.06 26.11 -30.23
CA PHE D 190 -12.28 26.41 -30.96
C PHE D 190 -12.04 27.46 -32.04
N GLU D 191 -11.20 28.44 -31.73
CA GLU D 191 -10.96 29.54 -32.66
C GLU D 191 -10.04 29.14 -33.79
N LYS D 192 -9.21 28.10 -33.60
CA LYS D 192 -8.35 27.66 -34.70
C LYS D 192 -9.17 26.98 -35.81
N VAL D 193 -10.09 26.09 -35.43
CA VAL D 193 -10.81 25.29 -36.42
C VAL D 193 -12.30 25.63 -36.42
N ASP D 194 -12.62 26.91 -36.18
CA ASP D 194 -14.01 27.35 -36.17
C ASP D 194 -14.64 27.26 -37.55
N ALA D 195 -13.85 27.43 -38.61
CA ALA D 195 -14.34 27.36 -39.98
C ALA D 195 -14.49 25.92 -40.48
N ILE D 196 -14.19 24.94 -39.63
CA ILE D 196 -14.44 23.54 -39.97
C ILE D 196 -15.93 23.22 -39.87
N PHE D 197 -16.57 23.69 -38.81
CA PHE D 197 -17.90 23.22 -38.45
C PHE D 197 -18.96 24.10 -39.12
N ASP D 198 -19.88 23.45 -39.82
CA ASP D 198 -20.92 24.16 -40.53
C ASP D 198 -22.25 24.07 -39.77
N LYS D 199 -23.31 24.58 -40.42
CA LYS D 199 -24.59 24.74 -39.75
C LYS D 199 -25.41 23.46 -39.79
N HIS D 200 -25.67 22.96 -41.01
CA HIS D 200 -26.73 21.99 -41.28
C HIS D 200 -26.39 20.56 -40.91
N GLU D 201 -25.38 20.31 -40.07
CA GLU D 201 -25.08 18.95 -39.69
C GLU D 201 -24.93 18.74 -38.19
N VAL D 202 -24.51 19.75 -37.43
CA VAL D 202 -24.48 19.66 -35.97
C VAL D 202 -25.17 20.86 -35.32
N GLN D 203 -25.15 22.00 -36.01
CA GLN D 203 -25.62 23.21 -35.37
C GLN D 203 -27.14 23.26 -35.34
N GLU D 204 -27.79 22.70 -36.36
CA GLU D 204 -29.24 22.72 -36.46
C GLU D 204 -29.92 21.86 -35.40
N ILE D 205 -29.19 20.92 -34.80
CA ILE D 205 -29.75 20.17 -33.68
C ILE D 205 -29.23 20.70 -32.34
N LYS D 206 -27.98 21.20 -32.28
CA LYS D 206 -27.48 21.71 -31.02
C LYS D 206 -27.93 23.13 -30.73
N GLU D 207 -28.63 23.76 -31.66
CA GLU D 207 -29.22 25.06 -31.40
C GLU D 207 -30.53 24.93 -30.63
N LYS D 208 -31.11 23.72 -30.59
CA LYS D 208 -32.45 23.59 -30.04
C LYS D 208 -32.56 22.55 -28.92
N ILE D 209 -31.66 21.57 -28.87
CA ILE D 209 -31.72 20.55 -27.84
C ILE D 209 -30.93 20.95 -26.60
N LEU D 210 -30.02 21.90 -26.71
CA LEU D 210 -29.15 22.22 -25.58
C LEU D 210 -29.66 23.46 -24.85
N ASN D 211 -29.93 24.51 -25.58
CA ASN D 211 -30.24 25.79 -24.98
C ASN D 211 -31.50 26.44 -25.53
N SER D 212 -31.74 26.33 -26.84
CA SER D 212 -32.80 27.02 -27.61
C SER D 212 -32.66 28.55 -27.58
N ASP D 213 -31.47 29.05 -27.25
CA ASP D 213 -31.10 30.47 -27.36
C ASP D 213 -29.60 30.62 -27.17
N TYR D 214 -29.05 31.74 -27.67
CA TYR D 214 -27.58 31.93 -27.67
C TYR D 214 -27.10 30.53 -28.07
N ASP D 215 -26.95 30.29 -29.37
CA ASP D 215 -26.83 28.87 -29.67
C ASP D 215 -25.51 28.16 -29.35
N VAL D 216 -24.42 28.43 -30.06
CA VAL D 216 -23.18 27.68 -29.82
C VAL D 216 -21.98 28.61 -29.72
N GLU D 217 -21.81 29.49 -30.71
CA GLU D 217 -20.50 30.03 -31.02
C GLU D 217 -20.03 31.05 -29.99
N ASP D 218 -20.95 31.54 -29.17
CA ASP D 218 -20.56 32.50 -28.13
C ASP D 218 -20.02 31.79 -26.90
N PHE D 219 -20.11 30.46 -26.85
CA PHE D 219 -19.82 29.74 -25.61
C PHE D 219 -18.33 29.76 -25.29
N PHE D 220 -17.51 29.29 -26.23
CA PHE D 220 -16.07 29.38 -26.06
C PHE D 220 -15.61 30.81 -26.10
N GLU D 221 -16.34 31.66 -26.83
CA GLU D 221 -15.99 33.05 -27.00
C GLU D 221 -16.14 33.82 -25.69
N GLY D 222 -15.01 34.27 -25.16
CA GLY D 222 -14.97 35.47 -24.34
C GLY D 222 -15.76 35.42 -23.04
N GLU D 223 -16.90 36.11 -23.05
CA GLU D 223 -17.68 36.38 -21.86
C GLU D 223 -18.78 35.36 -21.63
N PHE D 224 -18.53 34.09 -21.97
CA PHE D 224 -19.47 33.08 -21.56
C PHE D 224 -18.85 32.13 -20.54
N PHE D 225 -17.68 32.47 -20.02
CA PHE D 225 -17.10 31.73 -18.91
C PHE D 225 -17.92 31.95 -17.65
N ASN D 226 -18.64 33.07 -17.57
CA ASN D 226 -19.48 33.39 -16.42
C ASN D 226 -20.81 32.65 -16.42
N PHE D 227 -20.96 31.62 -17.26
CA PHE D 227 -22.08 30.70 -17.11
C PHE D 227 -21.65 29.28 -16.79
N VAL D 228 -20.43 28.88 -17.11
CA VAL D 228 -20.04 27.47 -17.08
C VAL D 228 -19.62 27.08 -15.67
N LEU D 229 -19.72 28.02 -14.74
CA LEU D 229 -19.28 27.77 -13.37
C LEU D 229 -20.23 26.87 -12.59
N THR D 230 -21.42 26.58 -13.11
CA THR D 230 -22.39 25.77 -12.39
C THR D 230 -22.41 24.34 -12.94
N GLN D 231 -23.25 23.51 -12.34
CA GLN D 231 -23.30 22.09 -12.70
C GLN D 231 -24.11 21.88 -13.97
N GLU D 232 -25.20 22.62 -14.14
CA GLU D 232 -25.97 22.49 -15.38
C GLU D 232 -25.24 23.08 -16.58
N GLY D 233 -24.44 24.13 -16.38
CA GLY D 233 -23.68 24.68 -17.47
C GLY D 233 -22.55 23.76 -17.91
N ILE D 234 -21.87 23.16 -16.94
CA ILE D 234 -20.84 22.20 -17.29
C ILE D 234 -21.47 20.89 -17.79
N ASP D 235 -22.74 20.65 -17.45
CA ASP D 235 -23.45 19.52 -18.03
C ASP D 235 -23.73 19.77 -19.51
N VAL D 236 -24.11 20.99 -19.87
CA VAL D 236 -24.23 21.36 -21.28
C VAL D 236 -22.88 21.33 -21.98
N TYR D 237 -21.80 21.71 -21.28
CA TYR D 237 -20.45 21.62 -21.83
C TYR D 237 -20.06 20.18 -22.14
N ASN D 238 -20.36 19.27 -21.22
CA ASN D 238 -20.16 17.85 -21.42
C ASN D 238 -21.05 17.29 -22.52
N ALA D 239 -22.28 17.76 -22.66
CA ALA D 239 -23.15 17.29 -23.72
C ALA D 239 -22.69 17.77 -25.09
N ILE D 240 -22.08 18.95 -25.15
CA ILE D 240 -21.38 19.37 -26.35
C ILE D 240 -20.21 18.44 -26.63
N ILE D 241 -19.46 18.08 -25.57
CA ILE D 241 -18.30 17.25 -25.75
C ILE D 241 -18.67 15.77 -25.89
N GLY D 242 -19.39 15.22 -24.91
CA GLY D 242 -19.63 13.79 -24.90
C GLY D 242 -20.82 13.32 -25.73
N GLY D 243 -21.83 14.16 -25.84
CA GLY D 243 -23.04 13.82 -26.56
C GLY D 243 -24.25 13.75 -25.65
N PHE D 244 -25.34 14.34 -26.12
CA PHE D 244 -26.56 14.47 -25.34
C PHE D 244 -27.33 13.16 -25.32
N VAL D 245 -28.28 13.07 -24.39
CA VAL D 245 -29.08 11.86 -24.21
C VAL D 245 -30.46 11.98 -24.86
N THR D 246 -31.04 13.19 -24.89
CA THR D 246 -32.43 13.53 -25.28
C THR D 246 -33.45 12.46 -24.84
N GLU D 247 -33.35 12.11 -23.55
CA GLU D 247 -34.27 11.26 -22.76
C GLU D 247 -34.57 9.89 -23.39
N SER D 248 -33.77 9.44 -24.35
CA SER D 248 -34.11 8.22 -25.07
C SER D 248 -32.83 7.58 -25.59
N GLY D 249 -32.97 6.45 -26.26
CA GLY D 249 -31.84 5.61 -26.61
C GLY D 249 -31.30 5.82 -28.00
N GLU D 250 -31.41 7.04 -28.52
CA GLU D 250 -30.78 7.35 -29.80
C GLU D 250 -29.32 7.78 -29.61
N LYS D 251 -29.07 8.61 -28.59
CA LYS D 251 -27.75 9.08 -28.18
C LYS D 251 -27.02 9.76 -29.34
N ILE D 252 -27.61 10.88 -29.76
CA ILE D 252 -27.16 11.55 -30.96
C ILE D 252 -25.80 12.23 -30.75
N LYS D 253 -25.25 12.71 -31.86
CA LYS D 253 -23.83 13.06 -31.96
C LYS D 253 -23.54 14.40 -31.30
N GLY D 254 -22.36 14.51 -30.70
CA GLY D 254 -21.87 15.77 -30.14
C GLY D 254 -20.83 16.43 -31.04
N LEU D 255 -20.32 17.58 -30.57
CA LEU D 255 -19.38 18.36 -31.36
C LEU D 255 -18.00 17.72 -31.37
N ASN D 256 -17.54 17.26 -30.21
CA ASN D 256 -16.34 16.44 -30.17
C ASN D 256 -16.58 15.10 -30.86
N GLU D 257 -17.81 14.58 -30.77
CA GLU D 257 -18.19 13.47 -31.63
C GLU D 257 -18.25 13.91 -33.09
N TYR D 258 -18.45 15.20 -33.37
CA TYR D 258 -18.37 15.62 -34.77
C TYR D 258 -16.92 15.77 -35.23
N ILE D 259 -15.97 15.92 -34.33
CA ILE D 259 -14.57 15.82 -34.75
C ILE D 259 -14.18 14.34 -34.88
N ASN D 260 -14.89 13.47 -34.15
CA ASN D 260 -14.82 12.04 -34.41
C ASN D 260 -15.68 11.63 -35.60
N LEU D 261 -16.33 12.61 -36.25
CA LEU D 261 -17.22 12.31 -37.41
C LEU D 261 -16.71 13.02 -38.66
N TYR D 262 -15.83 14.01 -38.47
CA TYR D 262 -15.26 14.80 -39.56
C TYR D 262 -14.12 14.04 -40.26
N ASN D 263 -14.18 12.71 -40.29
CA ASN D 263 -13.01 11.92 -40.59
C ASN D 263 -12.73 11.71 -42.08
N GLN D 264 -13.37 12.40 -43.01
CA GLN D 264 -13.39 11.94 -44.41
C GLN D 264 -12.06 12.13 -45.16
N LYS D 265 -11.03 12.68 -44.49
CA LYS D 265 -9.72 12.93 -45.17
C LYS D 265 -8.75 11.77 -44.92
N THR D 266 -8.64 11.34 -43.65
CA THR D 266 -7.77 10.22 -43.25
C THR D 266 -6.31 10.64 -42.92
N LYS D 267 -6.15 11.71 -42.16
CA LYS D 267 -4.82 12.20 -41.74
C LYS D 267 -5.10 12.96 -40.45
N GLN D 268 -5.11 12.27 -39.31
CA GLN D 268 -5.61 13.06 -38.16
C GLN D 268 -4.72 14.12 -37.52
N LYS D 269 -3.79 13.68 -36.65
CA LYS D 269 -2.74 14.45 -35.97
C LYS D 269 -3.09 15.88 -35.55
N LEU D 270 -4.28 16.07 -34.94
CA LEU D 270 -4.56 17.38 -34.34
C LEU D 270 -5.47 17.25 -33.12
N PRO D 271 -5.20 18.00 -32.03
CA PRO D 271 -5.96 17.80 -30.79
C PRO D 271 -7.39 18.34 -30.80
N LYS D 272 -8.20 17.82 -29.88
CA LYS D 272 -9.59 18.20 -29.68
C LYS D 272 -9.73 19.06 -28.42
N PHE D 273 -10.97 19.33 -28.01
CA PHE D 273 -11.29 20.02 -26.77
C PHE D 273 -11.04 19.12 -25.57
N LYS D 274 -11.34 19.64 -24.38
CA LYS D 274 -11.12 18.90 -23.15
C LYS D 274 -12.27 19.15 -22.18
N PRO D 275 -12.72 18.11 -21.47
CA PRO D 275 -13.80 18.29 -20.50
C PRO D 275 -13.31 19.06 -19.28
N LEU D 276 -14.26 19.46 -18.45
CA LEU D 276 -13.99 20.36 -17.34
C LEU D 276 -14.34 19.75 -15.99
N TYR D 277 -13.83 20.37 -14.93
CA TYR D 277 -13.98 19.88 -13.57
C TYR D 277 -15.13 20.59 -12.86
N LYS D 278 -15.76 19.89 -11.92
CA LYS D 278 -16.86 20.45 -11.15
C LYS D 278 -16.95 19.76 -9.79
N GLN D 279 -17.23 20.55 -8.75
CA GLN D 279 -17.30 20.04 -7.39
C GLN D 279 -18.75 19.90 -6.93
N VAL D 280 -18.92 19.14 -5.84
CA VAL D 280 -20.18 18.84 -5.12
C VAL D 280 -21.44 18.70 -5.95
N GLU D 292 -22.97 -3.19 -7.28
CA GLU D 292 -21.57 -2.93 -7.03
C GLU D 292 -21.06 -3.73 -5.84
N GLY D 293 -21.93 -4.57 -5.29
CA GLY D 293 -21.55 -5.45 -4.20
C GLY D 293 -21.46 -4.74 -2.87
N TYR D 294 -20.50 -5.18 -2.04
CA TYR D 294 -20.17 -4.70 -0.69
C TYR D 294 -21.38 -4.56 0.24
N THR D 295 -22.46 -5.32 -0.01
CA THR D 295 -23.59 -5.37 0.90
C THR D 295 -23.83 -6.78 1.40
N SER D 296 -23.96 -7.75 0.49
CA SER D 296 -24.22 -9.14 0.84
C SER D 296 -23.60 -10.00 -0.23
N ASP D 297 -23.83 -11.32 -0.12
CA ASP D 297 -23.25 -12.24 -1.09
C ASP D 297 -24.18 -12.45 -2.28
N GLU D 298 -25.47 -12.59 -2.01
CA GLU D 298 -26.44 -12.79 -3.09
C GLU D 298 -26.64 -11.53 -3.91
N GLU D 299 -26.34 -10.35 -3.36
CA GLU D 299 -26.37 -9.14 -4.19
C GLU D 299 -25.23 -9.14 -5.19
N VAL D 300 -24.05 -9.62 -4.78
CA VAL D 300 -22.94 -9.81 -5.71
C VAL D 300 -23.29 -10.83 -6.77
N LEU D 301 -23.95 -11.92 -6.36
CA LEU D 301 -24.41 -12.91 -7.34
C LEU D 301 -25.45 -12.34 -8.30
N GLU D 302 -26.38 -11.52 -7.78
CA GLU D 302 -27.39 -10.86 -8.61
C GLU D 302 -26.75 -9.93 -9.61
N VAL D 303 -25.85 -9.06 -9.14
CA VAL D 303 -25.11 -8.13 -9.99
C VAL D 303 -24.35 -8.89 -11.07
N PHE D 304 -23.68 -9.97 -10.67
CA PHE D 304 -22.88 -10.76 -11.59
C PHE D 304 -23.72 -11.41 -12.68
N ARG D 305 -24.69 -12.24 -12.31
CA ARG D 305 -25.40 -13.01 -13.32
C ARG D 305 -26.55 -12.22 -13.95
N ASN D 306 -26.79 -10.98 -13.52
CA ASN D 306 -27.82 -10.18 -14.15
C ASN D 306 -27.28 -9.02 -14.95
N THR D 307 -26.07 -8.55 -14.66
CA THR D 307 -25.44 -7.53 -15.46
C THR D 307 -24.29 -8.06 -16.29
N LEU D 308 -23.88 -9.29 -16.06
CA LEU D 308 -22.86 -9.93 -16.88
C LEU D 308 -23.26 -11.31 -17.40
N ASN D 309 -24.55 -11.58 -17.54
CA ASN D 309 -24.95 -12.76 -18.31
C ASN D 309 -24.76 -12.48 -19.80
N LYS D 310 -24.90 -13.54 -20.60
CA LYS D 310 -24.92 -13.38 -22.05
C LYS D 310 -26.14 -12.61 -22.54
N ASN D 311 -27.18 -12.51 -21.71
CA ASN D 311 -28.34 -11.69 -21.99
C ASN D 311 -28.07 -10.21 -21.88
N SER D 312 -26.94 -9.82 -21.27
CA SER D 312 -26.65 -8.41 -21.03
C SER D 312 -26.32 -7.69 -22.34
N GLU D 313 -26.41 -6.36 -22.27
CA GLU D 313 -26.04 -5.51 -23.39
C GLU D 313 -24.54 -5.52 -23.67
N ILE D 314 -23.73 -5.90 -22.69
CA ILE D 314 -22.29 -5.97 -22.88
C ILE D 314 -21.94 -7.08 -23.86
N PHE D 315 -22.63 -8.22 -23.75
CA PHE D 315 -22.42 -9.30 -24.71
C PHE D 315 -22.96 -8.93 -26.08
N SER D 316 -24.00 -8.09 -26.13
CA SER D 316 -24.46 -7.55 -27.41
C SER D 316 -23.41 -6.64 -28.03
N SER D 317 -22.72 -5.86 -27.20
CA SER D 317 -21.61 -5.04 -27.68
C SER D 317 -20.48 -5.92 -28.22
N ILE D 318 -20.24 -7.06 -27.57
CA ILE D 318 -19.24 -8.02 -28.06
C ILE D 318 -19.63 -8.59 -29.41
N LYS D 319 -20.90 -8.97 -29.59
CA LYS D 319 -21.33 -9.54 -30.86
C LYS D 319 -21.36 -8.49 -31.96
N LYS D 320 -21.68 -7.24 -31.60
CA LYS D 320 -21.55 -6.12 -32.54
C LYS D 320 -20.10 -5.91 -32.95
N LEU D 321 -19.17 -6.05 -32.00
CA LEU D 321 -17.76 -5.97 -32.33
C LEU D 321 -17.31 -7.12 -33.21
N GLU D 322 -17.88 -8.31 -33.02
CA GLU D 322 -17.53 -9.45 -33.85
C GLU D 322 -17.97 -9.24 -35.30
N LYS D 323 -19.20 -8.76 -35.50
CA LYS D 323 -19.64 -8.47 -36.87
C LYS D 323 -18.91 -7.25 -37.44
N LEU D 324 -18.51 -6.32 -36.57
CA LEU D 324 -17.78 -5.14 -37.03
C LEU D 324 -16.37 -5.49 -37.51
N PHE D 325 -15.69 -6.40 -36.80
CA PHE D 325 -14.39 -6.88 -37.22
C PHE D 325 -14.48 -7.97 -38.27
N LYS D 326 -15.66 -8.51 -38.53
CA LYS D 326 -15.89 -9.25 -39.76
C LYS D 326 -15.85 -8.31 -40.96
N ASN D 327 -16.24 -7.05 -40.76
CA ASN D 327 -16.16 -6.02 -41.78
C ASN D 327 -14.96 -5.09 -41.59
N PHE D 328 -13.87 -5.60 -41.01
CA PHE D 328 -12.72 -4.76 -40.70
C PHE D 328 -11.86 -4.42 -41.91
N ASP D 329 -11.72 -5.33 -42.88
CA ASP D 329 -10.83 -5.06 -44.01
C ASP D 329 -11.54 -4.28 -45.12
N GLU D 330 -12.85 -4.12 -45.01
CA GLU D 330 -13.64 -3.47 -46.04
C GLU D 330 -13.67 -1.95 -45.89
N TYR D 331 -12.97 -1.40 -44.90
CA TYR D 331 -12.83 0.03 -44.74
C TYR D 331 -11.49 0.48 -45.30
N SER D 332 -11.16 1.75 -45.04
CA SER D 332 -9.88 2.30 -45.47
C SER D 332 -8.78 1.70 -44.60
N SER D 333 -7.65 1.37 -45.22
CA SER D 333 -6.49 0.83 -44.52
C SER D 333 -5.58 1.92 -43.98
N ALA D 334 -6.01 3.17 -43.98
CA ALA D 334 -5.22 4.27 -43.45
C ALA D 334 -5.95 5.01 -42.33
N GLY D 335 -7.20 4.64 -42.04
CA GLY D 335 -8.00 5.38 -41.09
C GLY D 335 -8.10 4.73 -39.72
N ILE D 336 -7.01 4.11 -39.28
CA ILE D 336 -6.94 3.53 -37.95
C ILE D 336 -5.72 4.10 -37.25
N PHE D 337 -5.95 4.88 -36.19
CA PHE D 337 -4.88 5.43 -35.37
C PHE D 337 -4.83 4.63 -34.06
N VAL D 338 -3.63 4.23 -33.66
CA VAL D 338 -3.42 3.52 -32.40
C VAL D 338 -2.44 4.29 -31.54
N LYS D 339 -2.80 4.50 -30.27
CA LYS D 339 -2.06 5.40 -29.38
C LYS D 339 -0.74 4.77 -28.92
N ASN D 340 0.35 5.49 -29.14
CA ASN D 340 1.66 5.06 -28.67
C ASN D 340 1.76 5.25 -27.16
N GLY D 341 2.49 4.35 -26.52
CA GLY D 341 2.67 4.37 -25.09
C GLY D 341 3.30 3.08 -24.62
N PRO D 342 2.71 2.44 -23.62
CA PRO D 342 3.14 1.09 -23.24
C PRO D 342 2.60 0.01 -24.17
N ALA D 343 1.72 0.36 -25.10
CA ALA D 343 0.96 -0.63 -25.85
C ALA D 343 1.69 -1.19 -27.05
N ILE D 344 2.54 -0.38 -27.70
CA ILE D 344 3.10 -0.76 -29.00
C ILE D 344 4.09 -1.91 -28.85
N SER D 345 4.69 -2.07 -27.66
CA SER D 345 5.60 -3.17 -27.41
C SER D 345 4.89 -4.52 -27.48
N THR D 346 3.64 -4.59 -27.03
CA THR D 346 2.84 -5.79 -27.19
C THR D 346 2.12 -5.86 -28.52
N ILE D 347 1.79 -4.70 -29.11
CA ILE D 347 1.19 -4.65 -30.44
C ILE D 347 2.12 -5.25 -31.49
N SER D 348 3.36 -4.77 -31.54
CA SER D 348 4.36 -5.28 -32.46
C SER D 348 4.75 -6.72 -32.16
N LYS D 349 4.57 -7.17 -30.91
CA LYS D 349 4.90 -8.53 -30.55
C LYS D 349 3.76 -9.48 -30.86
N ASP D 350 2.53 -8.97 -30.99
CA ASP D 350 1.42 -9.84 -31.33
C ASP D 350 1.16 -9.89 -32.83
N ILE D 351 1.48 -8.80 -33.55
CA ILE D 351 1.41 -8.90 -35.01
C ILE D 351 2.57 -9.74 -35.53
N PHE D 352 3.80 -9.28 -35.34
CA PHE D 352 4.96 -9.98 -35.89
C PHE D 352 5.47 -11.03 -34.91
N GLY D 353 5.89 -10.60 -33.73
CA GLY D 353 6.55 -11.49 -32.79
C GLY D 353 7.81 -10.89 -32.21
N GLU D 354 8.13 -9.65 -32.60
CA GLU D 354 9.29 -8.94 -32.08
C GLU D 354 8.82 -7.72 -31.29
N TRP D 355 9.66 -7.30 -30.34
CA TRP D 355 9.18 -6.45 -29.26
C TRP D 355 8.93 -5.02 -29.73
N ASN D 356 9.92 -4.35 -30.28
CA ASN D 356 9.84 -2.92 -30.58
C ASN D 356 10.30 -2.62 -32.00
N VAL D 357 10.01 -3.52 -32.94
CA VAL D 357 10.48 -3.34 -34.32
C VAL D 357 9.75 -2.20 -35.03
N ILE D 358 8.54 -1.86 -34.57
CA ILE D 358 7.86 -0.68 -35.09
C ILE D 358 8.51 0.57 -34.52
N ARG D 359 8.91 0.53 -33.25
CA ARG D 359 9.79 1.57 -32.72
C ARG D 359 11.14 1.56 -33.42
N ASP D 360 11.65 0.38 -33.78
CA ASP D 360 12.89 0.31 -34.54
C ASP D 360 12.73 0.86 -35.96
N LYS D 361 11.55 0.65 -36.56
CA LYS D 361 11.31 1.19 -37.90
C LYS D 361 11.16 2.71 -37.87
N TRP D 362 10.43 3.26 -36.89
CA TRP D 362 10.36 4.71 -36.75
C TRP D 362 11.72 5.29 -36.35
N ASN D 363 12.50 4.55 -35.57
CA ASN D 363 13.83 5.02 -35.21
C ASN D 363 14.76 5.02 -36.41
N ALA D 364 14.61 4.05 -37.30
CA ALA D 364 15.35 4.05 -38.56
C ALA D 364 14.93 5.23 -39.43
N GLU D 365 13.62 5.50 -39.51
CA GLU D 365 13.15 6.60 -40.35
C GLU D 365 13.56 7.95 -39.77
N TYR D 366 13.51 8.12 -38.45
CA TYR D 366 13.95 9.37 -37.84
C TYR D 366 15.47 9.48 -37.84
N ASP D 367 16.17 8.36 -37.95
CA ASP D 367 17.61 8.40 -38.19
C ASP D 367 17.90 8.86 -39.62
N ASP D 368 17.00 8.53 -40.55
CA ASP D 368 17.10 9.04 -41.91
C ASP D 368 16.69 10.51 -42.03
N ILE D 369 15.79 10.99 -41.18
CA ILE D 369 15.26 12.33 -41.34
C ILE D 369 16.16 13.35 -40.66
N HIS D 370 16.34 13.22 -39.33
CA HIS D 370 16.94 14.34 -38.63
C HIS D 370 18.44 14.16 -38.40
N LEU D 371 18.93 12.93 -38.35
CA LEU D 371 20.37 12.73 -38.20
C LEU D 371 21.05 12.66 -39.57
N LYS D 372 22.29 13.12 -39.60
CA LYS D 372 23.02 13.30 -40.84
C LYS D 372 23.57 11.96 -41.35
N LYS D 373 24.44 12.02 -42.35
CA LYS D 373 25.04 10.84 -42.95
C LYS D 373 26.34 10.42 -42.26
N LYS D 374 26.58 10.94 -41.05
CA LYS D 374 27.79 10.58 -40.31
C LYS D 374 27.55 9.32 -39.48
N ALA D 375 28.62 8.55 -39.29
CA ALA D 375 28.51 7.21 -38.75
C ALA D 375 28.49 7.15 -37.24
N VAL D 376 28.22 8.27 -36.55
CA VAL D 376 28.14 8.27 -35.09
C VAL D 376 26.85 8.97 -34.69
N VAL D 377 26.00 8.24 -33.97
CA VAL D 377 24.79 8.83 -33.39
C VAL D 377 25.20 9.66 -32.16
N THR D 378 24.53 10.78 -31.96
CA THR D 378 24.69 11.56 -30.75
C THR D 378 23.77 10.97 -29.68
N GLU D 379 24.30 10.78 -28.48
CA GLU D 379 23.48 10.15 -27.43
C GLU D 379 22.47 11.13 -26.87
N LYS D 380 22.77 12.44 -26.94
CA LYS D 380 21.75 13.44 -26.68
C LYS D 380 20.67 13.40 -27.75
N TYR D 381 21.04 13.13 -29.00
CA TYR D 381 20.04 12.94 -30.05
C TYR D 381 19.23 11.67 -29.81
N GLU D 382 19.85 10.66 -29.21
CA GLU D 382 19.11 9.47 -28.79
C GLU D 382 18.08 9.78 -27.71
N ASP D 383 18.47 10.55 -26.70
CA ASP D 383 17.53 10.91 -25.63
C ASP D 383 16.42 11.81 -26.15
N ASP D 384 16.76 12.74 -27.04
CA ASP D 384 15.76 13.59 -27.66
C ASP D 384 14.84 12.79 -28.57
N ARG D 385 15.37 11.75 -29.23
CA ARG D 385 14.55 10.88 -30.05
C ARG D 385 13.59 10.07 -29.20
N ARG D 386 14.05 9.63 -28.03
CA ARG D 386 13.17 8.93 -27.09
C ARG D 386 12.05 9.84 -26.59
N LYS D 387 12.40 11.06 -26.19
CA LYS D 387 11.39 11.98 -25.67
C LYS D 387 10.44 12.46 -26.77
N SER D 388 10.92 12.54 -28.01
CA SER D 388 10.05 12.94 -29.13
C SER D 388 9.16 11.79 -29.59
N PHE D 389 9.68 10.56 -29.56
CA PHE D 389 8.85 9.39 -29.82
C PHE D 389 7.76 9.25 -28.77
N LYS D 390 8.08 9.61 -27.52
CA LYS D 390 7.04 9.72 -26.51
C LYS D 390 6.14 10.94 -26.71
N LYS D 391 6.63 11.96 -27.42
CA LYS D 391 5.84 13.15 -27.70
C LYS D 391 4.92 12.97 -28.92
N ILE D 392 5.38 12.27 -29.95
CA ILE D 392 4.59 12.09 -31.16
C ILE D 392 3.38 11.20 -30.85
N GLY D 393 2.19 11.67 -31.23
CA GLY D 393 0.93 11.14 -30.75
C GLY D 393 0.59 9.71 -31.12
N SER D 394 0.37 9.44 -32.41
CA SER D 394 -0.05 8.11 -32.83
C SER D 394 0.39 7.86 -34.26
N PHE D 395 0.26 6.60 -34.68
CA PHE D 395 0.67 6.17 -36.01
C PHE D 395 -0.55 5.61 -36.73
N SER D 396 -0.61 5.83 -38.05
CA SER D 396 -1.70 5.33 -38.85
C SER D 396 -1.47 3.87 -39.23
N LEU D 397 -2.54 3.19 -39.66
CA LEU D 397 -2.41 1.80 -40.08
C LEU D 397 -1.66 1.68 -41.40
N GLU D 398 -1.65 2.72 -42.23
CA GLU D 398 -0.78 2.73 -43.39
C GLU D 398 0.68 2.83 -42.97
N GLN D 399 0.95 3.46 -41.82
CA GLN D 399 2.31 3.48 -41.30
C GLN D 399 2.72 2.12 -40.77
N LEU D 400 1.75 1.29 -40.37
CA LEU D 400 2.05 -0.11 -40.10
C LEU D 400 2.13 -0.93 -41.39
N GLN D 401 1.49 -0.48 -42.46
CA GLN D 401 1.68 -1.16 -43.75
C GLN D 401 3.09 -0.91 -44.28
N GLU D 402 3.60 0.32 -44.13
CA GLU D 402 4.96 0.62 -44.58
C GLU D 402 6.02 0.02 -43.66
N TYR D 403 5.68 -0.24 -42.40
CA TYR D 403 6.64 -0.84 -41.50
C TYR D 403 6.65 -2.35 -41.58
N ALA D 404 5.58 -2.95 -42.12
CA ALA D 404 5.56 -4.35 -42.46
C ALA D 404 6.28 -4.56 -43.78
N ASP D 405 6.72 -5.79 -44.00
CA ASP D 405 7.42 -6.15 -45.22
C ASP D 405 6.42 -6.41 -46.34
N ALA D 406 6.90 -7.00 -47.43
CA ALA D 406 6.02 -7.40 -48.51
C ALA D 406 5.20 -8.63 -48.09
N ASP D 407 4.10 -8.83 -48.82
CA ASP D 407 3.17 -9.95 -48.66
C ASP D 407 2.52 -9.99 -47.27
N LEU D 408 2.46 -8.84 -46.61
CA LEU D 408 1.89 -8.76 -45.26
C LEU D 408 1.15 -7.44 -45.13
N SER D 409 -0.17 -7.50 -45.19
CA SER D 409 -1.00 -6.41 -44.71
C SER D 409 -1.40 -6.68 -43.27
N VAL D 410 -1.36 -5.63 -42.45
CA VAL D 410 -1.39 -5.79 -41.00
C VAL D 410 -2.81 -5.86 -40.47
N VAL D 411 -3.81 -5.51 -41.28
CA VAL D 411 -5.19 -5.45 -40.79
C VAL D 411 -5.77 -6.87 -40.62
N GLU D 412 -5.24 -7.83 -41.39
CA GLU D 412 -5.72 -9.21 -41.32
C GLU D 412 -5.36 -9.87 -40.00
N LYS D 413 -4.14 -9.64 -39.49
CA LYS D 413 -3.73 -10.22 -38.22
C LYS D 413 -4.50 -9.62 -37.06
N LEU D 414 -4.76 -8.30 -37.10
CA LEU D 414 -5.57 -7.67 -36.06
C LEU D 414 -7.00 -8.20 -36.06
N LYS D 415 -7.62 -8.31 -37.24
CA LYS D 415 -8.95 -8.89 -37.35
C LYS D 415 -9.00 -10.31 -36.83
N GLU D 416 -8.03 -11.14 -37.24
CA GLU D 416 -8.05 -12.56 -36.90
C GLU D 416 -7.78 -12.78 -35.41
N ILE D 417 -6.83 -12.05 -34.83
CA ILE D 417 -6.50 -12.25 -33.43
C ILE D 417 -7.60 -11.65 -32.54
N ILE D 418 -8.25 -10.58 -32.99
CA ILE D 418 -9.38 -10.02 -32.23
C ILE D 418 -10.56 -11.00 -32.22
N ILE D 419 -10.86 -11.60 -33.38
CA ILE D 419 -11.92 -12.59 -33.45
C ILE D 419 -11.55 -13.84 -32.67
N GLN D 420 -10.27 -14.22 -32.67
CA GLN D 420 -9.86 -15.41 -31.94
C GLN D 420 -9.84 -15.18 -30.43
N LYS D 421 -9.59 -13.94 -30.00
CA LYS D 421 -9.63 -13.64 -28.58
C LYS D 421 -11.06 -13.55 -28.05
N VAL D 422 -11.98 -12.97 -28.84
CA VAL D 422 -13.37 -13.05 -28.38
C VAL D 422 -13.91 -14.47 -28.56
N ASP D 423 -13.30 -15.28 -29.44
CA ASP D 423 -13.63 -16.70 -29.48
C ASP D 423 -13.11 -17.43 -28.25
N GLU D 424 -11.95 -17.03 -27.74
CA GLU D 424 -11.47 -17.51 -26.45
C GLU D 424 -12.45 -17.14 -25.35
N ILE D 425 -12.98 -15.91 -25.41
CA ILE D 425 -14.03 -15.47 -24.48
C ILE D 425 -15.27 -16.34 -24.62
N TYR D 426 -15.66 -16.66 -25.86
CA TYR D 426 -16.79 -17.55 -26.14
C TYR D 426 -16.58 -18.94 -25.55
N LYS D 427 -15.37 -19.47 -25.71
CA LYS D 427 -15.11 -20.84 -25.28
C LYS D 427 -15.03 -20.95 -23.77
N VAL D 428 -14.43 -19.94 -23.11
CA VAL D 428 -14.39 -19.97 -21.65
C VAL D 428 -15.76 -19.61 -21.08
N TYR D 429 -16.61 -18.95 -21.86
CA TYR D 429 -18.00 -18.80 -21.43
C TYR D 429 -18.75 -20.11 -21.51
N GLY D 430 -18.64 -20.81 -22.65
CA GLY D 430 -19.39 -22.04 -22.84
C GLY D 430 -18.94 -23.17 -21.92
N SER D 431 -17.66 -23.16 -21.55
CA SER D 431 -17.20 -24.11 -20.54
C SER D 431 -17.66 -23.75 -19.14
N SER D 432 -18.16 -22.53 -18.94
CA SER D 432 -18.54 -22.05 -17.62
C SER D 432 -20.00 -21.64 -17.51
N GLU D 433 -20.86 -22.11 -18.42
CA GLU D 433 -22.26 -21.71 -18.38
C GLU D 433 -23.05 -22.41 -17.29
N LYS D 434 -22.43 -23.36 -16.57
CA LYS D 434 -23.15 -24.12 -15.55
C LYS D 434 -23.48 -23.25 -14.35
N LEU D 435 -22.77 -22.15 -14.17
CA LEU D 435 -23.07 -21.19 -13.11
C LEU D 435 -24.15 -20.20 -13.52
N PHE D 436 -24.33 -19.97 -14.83
CA PHE D 436 -25.15 -18.86 -15.31
C PHE D 436 -26.65 -19.10 -15.23
N ASP D 437 -27.09 -20.25 -14.72
CA ASP D 437 -28.50 -20.38 -14.35
C ASP D 437 -28.80 -19.42 -13.21
N ALA D 438 -29.84 -18.60 -13.40
CA ALA D 438 -30.09 -17.48 -12.50
C ALA D 438 -30.62 -17.90 -11.14
N ASP D 439 -30.94 -19.19 -10.97
CA ASP D 439 -31.36 -19.74 -9.69
C ASP D 439 -30.23 -20.53 -9.03
N PHE D 440 -28.99 -20.08 -9.24
CA PHE D 440 -27.84 -20.76 -8.66
C PHE D 440 -27.81 -20.56 -7.15
N VAL D 441 -27.58 -21.67 -6.44
CA VAL D 441 -27.59 -21.66 -4.99
C VAL D 441 -26.16 -21.90 -4.50
N LEU D 442 -25.72 -21.01 -3.62
CA LEU D 442 -24.38 -21.02 -3.06
C LEU D 442 -24.23 -22.14 -2.04
N GLU D 443 -23.00 -22.38 -1.60
CA GLU D 443 -22.72 -23.40 -0.59
C GLU D 443 -21.80 -22.91 0.52
N LYS D 444 -21.08 -21.81 0.31
CA LYS D 444 -20.17 -21.27 1.30
C LYS D 444 -20.31 -19.76 1.29
N SER D 445 -19.59 -19.11 2.19
CA SER D 445 -19.32 -17.70 2.01
C SER D 445 -18.32 -17.53 0.88
N LEU D 446 -18.61 -16.60 -0.02
CA LEU D 446 -17.77 -16.43 -1.21
C LEU D 446 -16.40 -15.85 -0.87
N LYS D 447 -16.28 -15.21 0.30
CA LYS D 447 -14.97 -14.91 0.86
C LYS D 447 -14.15 -16.19 1.07
N LYS D 448 -14.79 -17.28 1.48
CA LYS D 448 -14.10 -18.55 1.66
C LYS D 448 -14.29 -19.50 0.50
N ASN D 449 -15.33 -19.30 -0.32
CA ASN D 449 -15.61 -20.24 -1.40
C ASN D 449 -14.61 -20.06 -2.53
N ASP D 450 -14.29 -21.16 -3.20
CA ASP D 450 -13.31 -21.16 -4.27
C ASP D 450 -13.86 -21.60 -5.62
N ALA D 451 -14.87 -22.47 -5.64
CA ALA D 451 -15.37 -23.03 -6.89
C ALA D 451 -16.11 -22.02 -7.74
N VAL D 452 -16.65 -20.97 -7.15
CA VAL D 452 -17.40 -19.97 -7.88
C VAL D 452 -16.54 -18.77 -8.23
N VAL D 453 -15.57 -18.45 -7.37
CA VAL D 453 -14.71 -17.29 -7.56
C VAL D 453 -13.83 -17.47 -8.78
N ALA D 454 -13.38 -18.69 -9.05
CA ALA D 454 -12.54 -18.97 -10.21
C ALA D 454 -13.26 -18.72 -11.52
N ILE D 455 -14.55 -18.99 -11.56
CA ILE D 455 -15.33 -18.81 -12.78
C ILE D 455 -15.45 -17.32 -13.11
N MET D 456 -15.81 -16.51 -12.11
CA MET D 456 -15.86 -15.07 -12.30
C MET D 456 -14.48 -14.52 -12.64
N LYS D 457 -13.44 -15.13 -12.06
CA LYS D 457 -12.07 -14.75 -12.39
C LYS D 457 -11.74 -14.99 -13.86
N ASP D 458 -12.01 -16.18 -14.37
CA ASP D 458 -11.57 -16.50 -15.73
C ASP D 458 -12.45 -15.82 -16.76
N LEU D 459 -13.68 -15.47 -16.41
CA LEU D 459 -14.48 -14.70 -17.37
C LEU D 459 -14.10 -13.23 -17.35
N LEU D 460 -13.94 -12.68 -16.14
CA LEU D 460 -13.59 -11.27 -15.98
C LEU D 460 -12.21 -10.98 -16.53
N ASP D 461 -11.29 -11.93 -16.44
CA ASP D 461 -9.96 -11.72 -16.98
C ASP D 461 -9.97 -11.77 -18.50
N SER D 462 -10.83 -12.60 -19.10
CA SER D 462 -10.93 -12.64 -20.55
C SER D 462 -11.51 -11.35 -21.09
N VAL D 463 -12.60 -10.87 -20.48
CA VAL D 463 -13.23 -9.66 -21.00
C VAL D 463 -12.39 -8.42 -20.68
N LYS D 464 -11.68 -8.42 -19.54
CA LYS D 464 -10.83 -7.29 -19.20
C LYS D 464 -9.56 -7.27 -20.03
N SER D 465 -9.01 -8.44 -20.38
CA SER D 465 -7.87 -8.50 -21.26
C SER D 465 -8.22 -8.10 -22.68
N PHE D 466 -9.41 -8.44 -23.15
CA PHE D 466 -9.80 -7.91 -24.47
C PHE D 466 -10.08 -6.41 -24.41
N GLU D 467 -10.58 -5.91 -23.27
CA GLU D 467 -10.76 -4.47 -23.11
C GLU D 467 -9.42 -3.75 -23.13
N ASN D 468 -8.42 -4.31 -22.46
CA ASN D 468 -7.06 -3.78 -22.60
C ASN D 468 -6.50 -4.01 -23.99
N TYR D 469 -6.92 -5.09 -24.68
CA TYR D 469 -6.47 -5.33 -26.04
C TYR D 469 -7.01 -4.32 -27.03
N ILE D 470 -8.12 -3.66 -26.68
CA ILE D 470 -8.74 -2.72 -27.59
C ILE D 470 -8.57 -1.28 -27.04
N LYS D 471 -8.03 -1.15 -25.82
CA LYS D 471 -7.75 0.17 -25.26
C LYS D 471 -6.65 0.91 -26.01
N ALA D 472 -5.75 0.19 -26.67
CA ALA D 472 -4.79 0.84 -27.55
C ALA D 472 -5.42 1.39 -28.82
N PHE D 473 -6.54 0.83 -29.27
CA PHE D 473 -7.09 1.14 -30.58
C PHE D 473 -7.97 2.38 -30.59
N PHE D 474 -7.47 3.47 -29.99
CA PHE D 474 -8.22 4.74 -29.91
C PHE D 474 -7.39 5.87 -30.53
N GLY D 475 -6.12 5.98 -30.13
CA GLY D 475 -5.22 7.03 -30.64
C GLY D 475 -5.57 8.40 -30.08
N GLU D 476 -6.12 8.46 -28.87
CA GLU D 476 -6.48 9.76 -28.22
C GLU D 476 -7.96 10.09 -28.43
N GLY D 477 -8.61 9.45 -29.39
CA GLY D 477 -10.07 9.57 -29.60
C GLY D 477 -10.43 10.90 -30.25
N LYS D 478 -10.05 12.01 -29.62
CA LYS D 478 -10.33 13.36 -30.17
C LYS D 478 -9.24 13.68 -31.20
N GLU D 479 -9.37 13.11 -32.40
CA GLU D 479 -8.39 13.27 -33.51
C GLU D 479 -9.12 13.67 -34.79
N THR D 480 -8.40 14.28 -35.75
CA THR D 480 -9.02 14.74 -36.99
C THR D 480 -9.28 13.55 -37.91
N ASN D 481 -8.98 13.77 -39.19
CA ASN D 481 -9.33 12.86 -40.31
C ASN D 481 -8.90 11.43 -40.01
N ARG D 482 -9.80 10.48 -40.30
CA ARG D 482 -9.57 9.07 -40.00
C ARG D 482 -10.52 8.17 -40.84
N ASP D 483 -10.91 7.01 -40.30
CA ASP D 483 -12.04 6.22 -40.83
C ASP D 483 -13.21 6.36 -39.86
N GLU D 484 -14.43 6.10 -40.34
CA GLU D 484 -15.63 6.51 -39.60
C GLU D 484 -16.53 5.35 -39.16
N SER D 485 -17.03 4.56 -40.12
CA SER D 485 -18.17 3.69 -39.82
C SER D 485 -17.75 2.46 -39.03
N PHE D 486 -16.47 2.11 -39.08
CA PHE D 486 -15.91 1.20 -38.10
C PHE D 486 -15.97 1.83 -36.71
N TYR D 487 -15.56 3.09 -36.61
CA TYR D 487 -15.39 3.75 -35.33
C TYR D 487 -16.71 4.05 -34.62
N GLY D 488 -17.81 4.17 -35.38
CA GLY D 488 -19.11 4.36 -34.75
C GLY D 488 -19.53 3.18 -33.89
N ASP D 489 -19.63 1.98 -34.50
CA ASP D 489 -19.97 0.78 -33.74
C ASP D 489 -18.89 0.42 -32.74
N PHE D 490 -17.64 0.80 -33.05
CA PHE D 490 -16.52 0.64 -32.13
C PHE D 490 -16.76 1.37 -30.81
N VAL D 491 -17.06 2.67 -30.88
CA VAL D 491 -17.22 3.43 -29.63
C VAL D 491 -18.53 3.06 -28.95
N LEU D 492 -19.58 2.77 -29.72
CA LEU D 492 -20.86 2.48 -29.08
C LEU D 492 -20.93 1.04 -28.58
N ALA D 493 -19.91 0.23 -28.86
CA ALA D 493 -19.78 -1.03 -28.14
C ALA D 493 -18.79 -0.92 -26.98
N TYR D 494 -17.77 -0.07 -27.12
CA TYR D 494 -16.76 0.08 -26.06
C TYR D 494 -17.33 0.77 -24.82
N ASP D 495 -18.21 1.76 -24.99
CA ASP D 495 -18.81 2.42 -23.83
C ASP D 495 -19.71 1.46 -23.03
N ILE D 496 -20.31 0.49 -23.70
CA ILE D 496 -21.09 -0.53 -23.03
C ILE D 496 -20.16 -1.56 -22.37
N LEU D 497 -19.07 -1.90 -23.05
CA LEU D 497 -18.14 -2.91 -22.56
C LEU D 497 -17.40 -2.50 -21.29
N LEU D 498 -17.02 -1.22 -21.17
CA LEU D 498 -16.04 -0.83 -20.16
C LEU D 498 -16.52 -0.90 -18.71
N LYS D 499 -17.82 -1.13 -18.46
CA LYS D 499 -18.33 -1.21 -17.09
C LYS D 499 -17.92 -2.50 -16.38
N VAL D 500 -17.52 -3.52 -17.15
CA VAL D 500 -17.09 -4.79 -16.57
C VAL D 500 -15.78 -4.63 -15.79
N ASP D 501 -15.00 -3.60 -16.08
CA ASP D 501 -13.78 -3.39 -15.30
C ASP D 501 -14.10 -2.75 -13.95
N HIS D 502 -15.14 -1.92 -13.88
CA HIS D 502 -15.58 -1.42 -12.58
C HIS D 502 -16.22 -2.55 -11.78
N ILE D 503 -16.89 -3.47 -12.46
CA ILE D 503 -17.37 -4.68 -11.81
C ILE D 503 -16.20 -5.50 -11.29
N TYR D 504 -15.11 -5.57 -12.06
CA TYR D 504 -13.89 -6.26 -11.64
C TYR D 504 -13.29 -5.63 -10.40
N ASP D 505 -13.21 -4.31 -10.35
CA ASP D 505 -12.68 -3.63 -9.18
C ASP D 505 -13.62 -3.71 -7.98
N ALA D 506 -14.92 -3.91 -8.21
CA ALA D 506 -15.87 -4.10 -7.13
C ALA D 506 -15.82 -5.50 -6.53
N ILE D 507 -15.70 -6.53 -7.36
CA ILE D 507 -15.72 -7.90 -6.87
C ILE D 507 -14.41 -8.26 -6.18
N ARG D 508 -13.31 -7.61 -6.55
CA ARG D 508 -12.09 -7.79 -5.79
C ARG D 508 -12.18 -7.07 -4.45
N ASN D 509 -13.06 -6.07 -4.37
CA ASN D 509 -13.43 -5.48 -3.08
C ASN D 509 -14.57 -6.23 -2.41
N TYR D 510 -14.80 -7.49 -2.77
CA TYR D 510 -15.63 -8.39 -1.98
C TYR D 510 -14.95 -9.70 -1.68
N VAL D 511 -14.17 -10.23 -2.62
CA VAL D 511 -13.49 -11.49 -2.35
C VAL D 511 -12.30 -11.25 -1.42
N THR D 512 -11.74 -10.05 -1.43
CA THR D 512 -10.70 -9.70 -0.48
C THR D 512 -11.29 -8.88 0.67
N GLN D 513 -12.49 -9.22 1.12
CA GLN D 513 -13.06 -8.60 2.31
C GLN D 513 -12.29 -9.03 3.54
N LYS D 514 -12.34 -8.18 4.56
CA LYS D 514 -11.68 -8.49 5.82
C LYS D 514 -12.44 -9.60 6.56
N PRO D 515 -11.76 -10.50 7.25
CA PRO D 515 -12.48 -11.42 8.14
C PRO D 515 -12.95 -10.75 9.41
N TYR D 516 -12.27 -9.68 9.81
CA TYR D 516 -12.68 -8.84 10.92
C TYR D 516 -13.75 -7.85 10.47
N SER D 517 -13.95 -6.83 11.29
CA SER D 517 -14.74 -5.66 10.92
C SER D 517 -14.20 -4.46 11.69
N LYS D 518 -13.59 -3.52 10.97
CA LYS D 518 -13.14 -2.28 11.56
C LYS D 518 -14.17 -1.16 11.44
N ASP D 519 -15.44 -1.52 11.40
CA ASP D 519 -16.51 -0.56 11.60
C ASP D 519 -16.46 -0.13 13.06
N LYS D 520 -16.62 1.16 13.29
CA LYS D 520 -16.68 1.69 14.63
C LYS D 520 -17.58 2.92 14.60
N PHE D 521 -17.78 3.52 15.78
CA PHE D 521 -18.51 4.77 15.83
C PHE D 521 -18.02 5.59 17.01
N LYS D 522 -18.38 6.86 16.98
CA LYS D 522 -17.91 7.83 17.95
C LYS D 522 -18.80 7.77 19.19
N LEU D 523 -18.17 7.56 20.34
CA LEU D 523 -18.90 7.56 21.59
C LEU D 523 -19.19 9.00 22.00
N TYR D 524 -20.36 9.22 22.61
CA TYR D 524 -20.76 10.56 22.99
C TYR D 524 -21.08 10.74 24.45
N PHE D 525 -21.79 9.79 25.06
CA PHE D 525 -22.26 9.84 26.45
C PHE D 525 -23.08 11.11 26.72
N GLN D 526 -24.00 11.39 25.79
CA GLN D 526 -24.98 12.46 25.89
C GLN D 526 -24.31 13.82 26.07
N ASN D 527 -23.29 14.04 25.28
CA ASN D 527 -22.53 15.26 25.41
C ASN D 527 -21.91 15.64 24.08
N PRO D 528 -22.34 16.75 23.48
CA PRO D 528 -21.64 17.25 22.30
C PRO D 528 -20.25 17.76 22.62
N GLN D 529 -20.01 18.15 23.86
CA GLN D 529 -18.69 18.60 24.29
C GLN D 529 -17.86 17.47 24.86
N PHE D 530 -18.05 16.25 24.37
CA PHE D 530 -17.32 15.12 24.88
C PHE D 530 -15.87 15.16 24.44
N MET D 531 -14.96 14.98 25.40
CA MET D 531 -13.51 14.88 25.18
C MET D 531 -12.95 16.09 24.46
N GLY D 532 -13.01 17.26 25.09
CA GLY D 532 -12.46 18.44 24.45
C GLY D 532 -10.95 18.50 24.56
N GLY D 533 -10.44 18.45 25.77
CA GLY D 533 -9.01 18.52 25.98
C GLY D 533 -8.69 18.34 27.44
N TRP D 534 -7.44 18.02 27.72
CA TRP D 534 -6.99 17.83 29.09
C TRP D 534 -6.66 19.16 29.73
N ASP D 535 -7.25 19.39 30.90
CA ASP D 535 -7.57 20.72 31.36
C ASP D 535 -7.62 20.70 32.88
N LYS D 536 -7.67 21.88 33.50
CA LYS D 536 -7.95 21.94 34.92
C LYS D 536 -9.44 22.17 35.18
N ASP D 537 -10.00 23.27 34.67
CA ASP D 537 -11.34 23.61 35.11
C ASP D 537 -12.41 22.95 34.25
N LYS D 538 -12.06 22.61 33.01
CA LYS D 538 -13.08 22.10 32.11
C LYS D 538 -13.35 20.61 32.25
N GLU D 539 -12.96 20.00 33.39
CA GLU D 539 -13.46 18.68 33.73
C GLU D 539 -14.96 18.70 33.90
N THR D 540 -15.50 19.83 34.33
CA THR D 540 -16.93 19.98 34.49
C THR D 540 -17.68 19.99 33.17
N ASP D 541 -16.99 20.13 32.05
CA ASP D 541 -17.67 20.13 30.76
C ASP D 541 -17.24 19.01 29.83
N TYR D 542 -15.95 18.78 29.66
CA TYR D 542 -15.52 17.70 28.79
C TYR D 542 -15.71 16.34 29.44
N ARG D 543 -15.65 16.32 30.77
CA ARG D 543 -15.96 15.16 31.61
C ARG D 543 -15.02 14.00 31.30
N ALA D 544 -13.73 14.30 31.35
CA ALA D 544 -12.72 13.34 30.89
C ALA D 544 -11.42 13.67 31.59
N THR D 545 -11.03 12.86 32.55
CA THR D 545 -9.78 13.11 33.23
C THR D 545 -8.96 11.83 33.33
N ILE D 546 -7.66 11.98 33.17
CA ILE D 546 -6.72 10.87 33.18
C ILE D 546 -6.22 10.69 34.61
N LEU D 547 -6.29 9.45 35.10
CA LEU D 547 -5.81 9.14 36.43
C LEU D 547 -4.70 8.11 36.38
N ARG D 548 -3.66 8.35 37.16
CA ARG D 548 -2.47 7.53 37.11
C ARG D 548 -2.39 6.76 38.42
N TYR D 549 -2.15 5.46 38.35
CA TYR D 549 -1.97 4.66 39.54
C TYR D 549 -0.87 3.65 39.31
N GLY D 550 0.17 3.73 40.13
CA GLY D 550 1.33 2.88 39.97
C GLY D 550 2.00 3.14 38.65
N SER D 551 1.83 2.22 37.72
CA SER D 551 2.19 2.42 36.34
C SER D 551 1.06 1.99 35.43
N LYS D 552 -0.17 2.11 35.92
CA LYS D 552 -1.35 1.70 35.18
C LYS D 552 -2.34 2.85 35.14
N TYR D 553 -2.75 3.23 33.94
CA TYR D 553 -3.41 4.49 33.69
C TYR D 553 -4.91 4.27 33.60
N TYR D 554 -5.67 5.35 33.68
CA TYR D 554 -7.11 5.29 33.53
C TYR D 554 -7.64 6.57 32.91
N LEU D 555 -8.58 6.41 32.00
CA LEU D 555 -9.47 7.49 31.64
C LEU D 555 -10.77 7.39 32.43
N ALA D 556 -11.29 8.54 32.84
CA ALA D 556 -12.49 8.58 33.65
C ALA D 556 -13.51 9.52 33.01
N ILE D 557 -14.67 8.97 32.66
CA ILE D 557 -15.80 9.75 32.18
C ILE D 557 -16.88 9.68 33.23
N MET D 558 -17.47 10.84 33.60
CA MET D 558 -18.44 10.75 34.67
C MET D 558 -19.81 10.31 34.21
N ASP D 559 -20.62 11.24 33.69
CA ASP D 559 -21.97 11.07 33.12
C ASP D 559 -22.54 12.44 32.78
N LYS D 560 -23.78 12.49 32.30
CA LYS D 560 -24.44 13.78 32.10
C LYS D 560 -24.93 14.40 33.41
N LYS D 561 -25.86 13.75 34.10
CA LYS D 561 -26.61 14.40 35.18
C LYS D 561 -25.94 14.27 36.53
N TYR D 562 -24.64 14.06 36.58
CA TYR D 562 -23.85 14.13 37.80
C TYR D 562 -22.52 14.78 37.50
N ALA D 563 -22.55 15.89 36.77
CA ALA D 563 -21.36 16.35 36.06
C ALA D 563 -20.27 16.96 36.93
N LYS D 564 -20.44 16.99 38.25
CA LYS D 564 -19.40 17.59 39.11
C LYS D 564 -18.88 16.61 40.13
N CYS D 565 -18.83 15.33 39.80
CA CYS D 565 -18.40 14.33 40.77
C CYS D 565 -16.90 14.23 40.94
N LEU D 566 -16.13 15.12 40.35
CA LEU D 566 -14.67 15.10 40.48
C LEU D 566 -14.18 16.39 41.11
N GLN D 567 -14.86 16.84 42.13
CA GLN D 567 -14.40 18.06 42.77
C GLN D 567 -13.98 17.84 44.22
N LYS D 568 -14.85 17.28 45.04
CA LYS D 568 -14.66 17.29 46.49
C LYS D 568 -13.96 16.04 46.98
N ILE D 569 -12.76 15.77 46.46
CA ILE D 569 -12.01 14.57 46.80
C ILE D 569 -10.64 15.02 47.29
N ASP D 570 -10.19 14.44 48.39
CA ASP D 570 -8.96 14.87 49.04
C ASP D 570 -7.98 13.71 49.19
N LYS D 571 -6.86 14.00 49.85
CA LYS D 571 -5.74 13.07 49.88
C LYS D 571 -5.95 11.97 50.92
N ASP D 572 -6.06 12.44 52.17
CA ASP D 572 -6.37 11.73 53.45
C ASP D 572 -5.35 10.66 53.87
N ASP D 573 -4.94 9.82 52.94
CA ASP D 573 -4.08 8.64 53.19
C ASP D 573 -4.88 7.42 53.68
N VAL D 574 -5.71 6.91 52.80
CA VAL D 574 -6.41 5.65 53.04
C VAL D 574 -5.66 4.48 52.45
N ASN D 575 -4.34 4.65 52.23
CA ASN D 575 -3.46 3.69 51.57
C ASN D 575 -3.90 3.37 50.15
N GLY D 576 -4.65 4.29 49.55
CA GLY D 576 -5.08 4.19 48.17
C GLY D 576 -5.35 5.57 47.63
N ASN D 577 -4.70 5.93 46.54
CA ASN D 577 -4.71 7.31 46.07
C ASN D 577 -4.38 7.32 44.59
N TYR D 578 -5.39 7.49 43.75
CA TYR D 578 -5.12 7.73 42.35
C TYR D 578 -4.60 9.15 42.19
N GLU D 579 -3.70 9.35 41.25
CA GLU D 579 -3.29 10.70 40.98
C GLU D 579 -4.16 11.29 39.88
N LYS D 580 -4.03 12.60 39.66
CA LYS D 580 -4.91 13.27 38.70
C LYS D 580 -4.11 14.35 38.00
N ILE D 581 -4.39 14.55 36.72
CA ILE D 581 -3.58 15.39 35.86
C ILE D 581 -4.42 16.59 35.50
N ASN D 582 -3.77 17.74 35.38
CA ASN D 582 -4.42 19.05 35.30
C ASN D 582 -3.50 19.97 34.50
N TYR D 583 -3.58 21.27 34.80
CA TYR D 583 -2.76 22.34 34.22
C TYR D 583 -3.02 22.52 32.73
N LYS D 584 -4.17 23.12 32.46
CA LYS D 584 -4.70 23.40 31.13
C LYS D 584 -3.73 24.16 30.23
N LEU D 585 -4.03 24.15 28.94
CA LEU D 585 -3.14 24.70 27.93
C LEU D 585 -3.45 26.16 27.68
N LEU D 586 -3.08 26.63 26.51
CA LEU D 586 -3.38 27.99 26.11
C LEU D 586 -3.39 28.05 24.59
N PRO D 587 -4.48 27.66 23.95
CA PRO D 587 -4.43 27.32 22.52
C PRO D 587 -4.37 28.49 21.57
N GLY D 588 -3.21 28.71 20.94
CA GLY D 588 -3.07 29.73 19.94
C GLY D 588 -3.19 31.14 20.50
N PRO D 589 -2.19 31.57 21.29
CA PRO D 589 -2.29 32.85 22.00
C PRO D 589 -2.39 34.04 21.07
N ASN D 590 -1.87 33.91 19.86
CA ASN D 590 -2.03 34.93 18.83
C ASN D 590 -3.49 35.11 18.45
N LYS D 591 -4.31 34.08 18.63
CA LYS D 591 -5.75 34.32 18.56
C LYS D 591 -6.42 34.26 19.91
N MET D 592 -5.75 33.75 20.94
CA MET D 592 -6.43 33.55 22.22
C MET D 592 -6.47 34.84 23.04
N LEU D 593 -5.37 35.57 23.09
CA LEU D 593 -5.32 36.76 23.93
C LEU D 593 -6.23 37.90 23.47
N PRO D 594 -6.45 38.15 22.16
CA PRO D 594 -7.57 39.03 21.81
C PRO D 594 -8.93 38.46 22.15
N LYS D 595 -9.06 37.14 22.24
CA LYS D 595 -10.37 36.59 22.58
C LYS D 595 -10.69 36.81 24.04
N VAL D 596 -9.67 36.96 24.89
CA VAL D 596 -9.93 37.05 26.30
C VAL D 596 -9.73 38.48 26.79
N PHE D 597 -9.05 39.30 26.01
CA PHE D 597 -8.68 40.60 26.53
C PHE D 597 -9.55 41.76 26.04
N PHE D 598 -10.35 41.56 25.01
CA PHE D 598 -11.21 42.62 24.52
C PHE D 598 -12.69 42.23 24.61
N SER D 599 -12.96 41.06 25.17
CA SER D 599 -14.31 40.51 25.23
C SER D 599 -14.98 40.77 26.56
N LYS D 600 -15.34 42.04 26.81
CA LYS D 600 -16.04 42.47 28.02
C LYS D 600 -15.25 42.14 29.28
N LYS D 601 -13.93 42.11 29.12
CA LYS D 601 -12.99 41.84 30.24
C LYS D 601 -12.15 43.09 30.46
N TRP D 602 -12.07 43.95 29.44
CA TRP D 602 -11.29 45.21 29.53
C TRP D 602 -11.89 46.10 30.61
N MET D 603 -13.21 46.24 30.64
CA MET D 603 -13.91 47.09 31.65
C MET D 603 -13.68 46.56 33.06
N ALA D 604 -13.72 45.23 33.25
CA ALA D 604 -13.56 44.62 34.59
C ALA D 604 -12.17 44.87 35.18
N TYR D 605 -11.11 44.74 34.38
CA TYR D 605 -9.72 44.90 34.91
C TYR D 605 -9.18 46.31 34.66
N TYR D 606 -9.44 46.88 33.49
CA TYR D 606 -8.90 48.22 33.12
C TYR D 606 -10.02 49.24 32.96
N ASN D 607 -9.84 50.15 32.00
CA ASN D 607 -10.78 51.25 31.65
C ASN D 607 -10.50 51.66 30.20
N PRO D 608 -10.87 52.89 29.77
CA PRO D 608 -10.59 53.36 28.43
C PRO D 608 -9.28 54.13 28.18
N SER D 609 -8.13 53.45 28.20
CA SER D 609 -6.86 54.14 27.85
C SER D 609 -7.07 54.68 26.44
N GLU D 610 -7.39 53.76 25.52
CA GLU D 610 -7.81 54.03 24.15
C GLU D 610 -6.67 53.94 23.15
N ASP D 611 -5.48 54.36 23.57
CA ASP D 611 -4.29 54.37 22.67
C ASP D 611 -4.02 52.93 22.21
N ILE D 612 -4.16 51.96 23.12
CA ILE D 612 -3.94 50.58 22.76
C ILE D 612 -5.10 50.06 21.91
N GLN D 613 -6.31 50.57 22.15
CA GLN D 613 -7.48 50.14 21.40
C GLN D 613 -7.37 50.57 19.95
N LYS D 614 -6.86 51.76 19.70
CA LYS D 614 -6.71 52.24 18.34
C LYS D 614 -5.64 51.48 17.57
N ILE D 615 -4.51 51.16 18.19
CA ILE D 615 -3.48 50.44 17.45
C ILE D 615 -3.81 48.97 17.30
N TYR D 616 -4.70 48.41 18.12
CA TYR D 616 -5.25 47.11 17.77
C TYR D 616 -6.28 47.25 16.66
N LYS D 617 -6.99 48.38 16.63
CA LYS D 617 -8.04 48.60 15.64
C LYS D 617 -7.44 48.76 14.25
N ASN D 618 -6.27 49.38 14.16
CA ASN D 618 -5.60 49.49 12.87
C ASN D 618 -5.00 48.16 12.44
N GLY D 619 -4.66 47.31 13.40
CA GLY D 619 -3.87 46.14 13.07
C GLY D 619 -2.46 46.53 12.69
N THR D 620 -1.95 47.62 13.26
CA THR D 620 -0.67 48.19 12.89
C THR D 620 0.50 47.59 13.63
N PHE D 621 0.27 46.54 14.42
CA PHE D 621 1.35 45.76 15.01
C PHE D 621 1.66 44.51 14.20
N LYS D 622 0.76 44.11 13.31
CA LYS D 622 1.05 43.11 12.31
C LYS D 622 1.83 43.72 11.16
N LYS D 623 1.90 43.00 10.05
CA LYS D 623 2.42 43.60 8.83
C LYS D 623 1.29 44.38 8.16
N GLY D 624 1.63 45.18 7.15
CA GLY D 624 0.78 46.26 6.67
C GLY D 624 1.29 47.57 7.24
N ASP D 625 2.08 47.43 8.31
CA ASP D 625 3.03 48.41 8.80
C ASP D 625 4.21 47.55 9.23
N MET D 626 5.43 48.10 9.20
CA MET D 626 6.56 47.30 9.68
C MET D 626 6.42 47.01 11.16
N PHE D 627 6.55 48.06 11.98
CA PHE D 627 6.24 48.14 13.40
C PHE D 627 6.57 49.57 13.79
N ASN D 628 6.30 49.93 15.04
CA ASN D 628 7.04 51.00 15.66
C ASN D 628 7.32 50.55 17.08
N LEU D 629 8.49 50.94 17.60
CA LEU D 629 8.93 50.44 18.91
C LEU D 629 8.06 50.96 20.05
N ASN D 630 7.23 51.96 19.78
CA ASN D 630 6.06 52.24 20.60
C ASN D 630 4.84 51.46 20.18
N ASP D 631 4.63 51.27 18.86
CA ASP D 631 3.40 50.67 18.34
C ASP D 631 3.27 49.20 18.73
N CYS D 632 4.30 48.40 18.46
CA CYS D 632 4.25 47.00 18.85
C CYS D 632 4.46 46.85 20.35
N HIS D 633 5.34 47.65 20.93
CA HIS D 633 5.65 47.36 22.31
C HIS D 633 4.60 47.90 23.27
N LYS D 634 3.70 48.78 22.82
CA LYS D 634 2.52 49.08 23.62
C LYS D 634 1.65 47.84 23.79
N LEU D 635 1.45 47.07 22.71
CA LEU D 635 0.82 45.77 22.82
C LEU D 635 1.60 44.84 23.72
N ILE D 636 2.94 44.89 23.65
CA ILE D 636 3.78 43.99 24.44
C ILE D 636 3.59 44.24 25.92
N ASP D 637 3.79 45.47 26.37
CA ASP D 637 3.64 45.71 27.81
C ASP D 637 2.19 45.72 28.24
N PHE D 638 1.26 46.02 27.33
CA PHE D 638 -0.16 45.94 27.66
C PHE D 638 -0.57 44.52 27.97
N PHE D 639 -0.15 43.57 27.12
CA PHE D 639 -0.36 42.17 27.42
C PHE D 639 0.44 41.72 28.62
N LYS D 640 1.69 42.17 28.74
CA LYS D 640 2.61 41.66 29.76
C LYS D 640 2.18 42.11 31.15
N ASP D 641 1.44 43.21 31.23
CA ASP D 641 0.94 43.68 32.52
C ASP D 641 -0.53 43.39 32.73
N SER D 642 -1.32 43.18 31.68
CA SER D 642 -2.69 42.72 31.85
C SER D 642 -2.76 41.26 32.23
N ILE D 643 -1.85 40.45 31.70
CA ILE D 643 -1.63 39.10 32.19
C ILE D 643 -1.22 39.11 33.66
N SER D 644 -0.39 40.08 34.06
CA SER D 644 0.27 40.13 35.37
C SER D 644 -0.70 40.24 36.54
N ARG D 645 -1.99 40.41 36.22
CA ARG D 645 -3.08 40.47 37.23
C ARG D 645 -4.17 39.43 36.94
N TYR D 646 -3.98 38.56 35.94
CA TYR D 646 -5.03 37.60 35.61
C TYR D 646 -4.95 36.42 36.56
N PRO D 647 -5.93 36.24 37.46
CA PRO D 647 -5.74 35.28 38.56
C PRO D 647 -5.91 33.85 38.14
N LYS D 648 -6.42 33.58 36.94
CA LYS D 648 -6.57 32.21 36.49
C LYS D 648 -5.26 31.63 36.01
N TRP D 649 -4.38 32.45 35.45
CA TRP D 649 -3.18 31.96 34.81
C TRP D 649 -1.92 32.36 35.52
N SER D 650 -1.81 33.61 35.99
CA SER D 650 -0.54 34.19 36.37
C SER D 650 0.05 33.51 37.60
N ASN D 651 -0.80 32.96 38.45
CA ASN D 651 -0.34 32.12 39.54
C ASN D 651 0.05 30.73 39.05
N ALA D 652 -0.57 30.22 37.98
CA ALA D 652 -0.30 28.86 37.53
C ALA D 652 0.96 28.80 36.68
N TYR D 653 1.15 29.76 35.80
CA TYR D 653 2.33 29.81 34.96
C TYR D 653 3.28 30.87 35.49
N ASP D 654 4.55 30.52 35.60
CA ASP D 654 5.58 31.53 35.79
C ASP D 654 5.87 32.12 34.42
N PHE D 655 5.59 33.40 34.25
CA PHE D 655 5.94 34.09 33.01
C PHE D 655 7.22 34.89 33.19
N ASN D 656 8.32 34.15 33.41
CA ASN D 656 9.65 34.74 33.40
C ASN D 656 9.96 35.18 31.97
N PHE D 657 9.86 36.49 31.76
CA PHE D 657 9.87 37.01 30.41
C PHE D 657 11.17 37.75 30.11
N SER D 658 11.43 37.92 28.82
CA SER D 658 12.57 38.71 28.38
C SER D 658 12.21 40.18 28.43
N GLU D 659 13.18 41.05 28.15
CA GLU D 659 13.04 42.46 28.43
C GLU D 659 12.33 43.18 27.29
N THR D 660 12.38 44.51 27.33
CA THR D 660 11.64 45.33 26.39
C THR D 660 12.22 45.32 24.98
N GLU D 661 13.52 45.08 24.85
CA GLU D 661 14.16 45.24 23.54
C GLU D 661 14.28 43.92 22.80
N LYS D 662 14.12 42.80 23.48
CA LYS D 662 14.17 41.50 22.80
C LYS D 662 13.00 41.32 21.85
N TYR D 663 11.82 41.77 22.23
CA TYR D 663 10.65 41.63 21.38
C TYR D 663 10.69 42.69 20.28
N LYS D 664 11.43 42.38 19.22
CA LYS D 664 11.51 43.25 18.05
C LYS D 664 10.43 42.94 17.04
N ASP D 665 9.49 42.07 17.37
CA ASP D 665 8.29 41.80 16.60
C ASP D 665 7.23 41.33 17.58
N ILE D 666 6.15 40.75 17.08
CA ILE D 666 5.05 40.35 17.94
C ILE D 666 5.05 38.82 18.01
N ALA D 667 5.62 38.20 16.98
CA ALA D 667 5.71 36.75 16.94
C ALA D 667 6.65 36.18 17.98
N GLY D 668 7.62 36.95 18.45
CA GLY D 668 8.54 36.45 19.45
C GLY D 668 7.89 36.27 20.80
N PHE D 669 7.12 37.27 21.23
CA PHE D 669 6.35 37.16 22.47
C PHE D 669 5.27 36.09 22.38
N TYR D 670 4.60 36.01 21.22
CA TYR D 670 3.62 34.97 21.01
C TYR D 670 4.26 33.60 21.04
N ARG D 671 5.48 33.48 20.50
CA ARG D 671 6.20 32.21 20.58
C ARG D 671 6.62 31.92 22.01
N GLU D 672 6.90 32.97 22.79
CA GLU D 672 7.27 32.77 24.18
C GLU D 672 6.11 32.26 25.01
N VAL D 673 4.92 32.82 24.82
CA VAL D 673 3.77 32.34 25.57
C VAL D 673 3.27 31.01 25.00
N GLU D 674 3.58 30.73 23.73
CA GLU D 674 3.39 29.38 23.22
C GLU D 674 4.30 28.37 23.90
N GLU D 675 5.55 28.77 24.18
CA GLU D 675 6.45 27.91 24.93
C GLU D 675 5.94 27.71 26.35
N GLN D 676 5.65 28.78 27.06
CA GLN D 676 5.19 28.68 28.43
C GLN D 676 3.69 28.73 28.55
N GLY D 677 3.01 27.59 28.61
CA GLY D 677 1.57 27.57 28.74
C GLY D 677 1.01 26.18 28.88
N TYR D 678 1.84 25.26 29.36
CA TYR D 678 1.51 23.85 29.43
C TYR D 678 2.39 23.26 30.53
N LYS D 679 1.83 23.03 31.72
CA LYS D 679 2.64 22.67 32.88
C LYS D 679 2.04 21.52 33.69
N VAL D 680 1.68 20.41 33.02
CA VAL D 680 0.90 19.32 33.60
C VAL D 680 1.62 18.64 34.76
N SER D 681 0.88 18.34 35.83
CA SER D 681 1.42 17.67 36.99
C SER D 681 0.34 16.83 37.68
N PHE D 682 0.64 16.45 38.93
CA PHE D 682 -0.15 15.47 39.65
C PHE D 682 -1.08 16.16 40.65
N GLU D 683 -2.29 15.64 40.76
CA GLU D 683 -3.25 16.02 41.79
C GLU D 683 -3.75 14.77 42.49
N SER D 684 -3.92 14.85 43.80
CA SER D 684 -4.20 13.67 44.60
C SER D 684 -5.70 13.48 44.78
N ALA D 685 -6.13 12.22 44.75
CA ALA D 685 -7.53 11.86 44.89
C ALA D 685 -7.61 10.41 45.36
N SER D 686 -8.10 10.21 46.57
CA SER D 686 -7.95 8.91 47.23
C SER D 686 -8.96 7.89 46.71
N LYS D 687 -8.65 6.62 46.97
CA LYS D 687 -9.18 5.52 46.18
C LYS D 687 -10.59 5.10 46.55
N LYS D 688 -10.94 5.11 47.84
CA LYS D 688 -12.17 4.44 48.26
C LYS D 688 -13.41 5.20 47.79
N GLU D 689 -13.34 6.52 47.73
CA GLU D 689 -14.52 7.30 47.38
C GLU D 689 -14.73 7.32 45.89
N VAL D 690 -13.64 7.36 45.12
CA VAL D 690 -13.79 7.31 43.67
C VAL D 690 -14.19 5.91 43.22
N ASP D 691 -13.76 4.87 43.96
CA ASP D 691 -14.24 3.53 43.64
C ASP D 691 -15.71 3.37 44.00
N LYS D 692 -16.14 4.01 45.10
CA LYS D 692 -17.56 4.05 45.41
C LYS D 692 -18.35 4.81 44.35
N LEU D 693 -17.78 5.89 43.84
CA LEU D 693 -18.40 6.67 42.78
C LEU D 693 -18.56 5.84 41.51
N VAL D 694 -17.58 4.98 41.24
CA VAL D 694 -17.71 4.01 40.17
C VAL D 694 -18.82 3.03 40.48
N GLU D 695 -18.89 2.58 41.74
CA GLU D 695 -19.87 1.59 42.16
C GLU D 695 -21.29 2.12 42.09
N GLU D 696 -21.49 3.39 42.46
CA GLU D 696 -22.82 3.97 42.42
C GLU D 696 -23.27 4.25 41.00
N GLY D 697 -22.33 4.35 40.05
CA GLY D 697 -22.69 4.55 38.66
C GLY D 697 -22.60 5.98 38.21
N LYS D 698 -21.82 6.80 38.91
CA LYS D 698 -21.66 8.19 38.54
C LYS D 698 -20.42 8.45 37.72
N LEU D 699 -19.56 7.45 37.53
CA LEU D 699 -18.27 7.67 36.88
C LEU D 699 -17.84 6.40 36.19
N TYR D 700 -17.89 6.40 34.87
CA TYR D 700 -17.38 5.31 34.05
C TYR D 700 -15.87 5.40 34.09
N MET D 701 -15.22 4.34 34.55
CA MET D 701 -13.76 4.35 34.66
C MET D 701 -13.18 3.28 33.75
N PHE D 702 -12.58 3.76 32.66
CA PHE D 702 -11.91 2.87 31.73
C PHE D 702 -10.43 2.80 32.05
N GLN D 703 -9.79 1.74 31.60
CA GLN D 703 -8.34 1.62 31.71
C GLN D 703 -7.73 1.63 30.33
N ILE D 704 -6.81 2.57 30.11
CA ILE D 704 -6.04 2.60 28.88
C ILE D 704 -5.06 1.44 28.87
N TYR D 705 -5.09 0.65 27.80
CA TYR D 705 -4.32 -0.59 27.82
C TYR D 705 -3.71 -0.85 26.46
N ASN D 706 -2.49 -1.36 26.48
CA ASN D 706 -1.86 -2.00 25.33
C ASN D 706 -1.06 -3.17 25.87
N LYS D 707 -0.36 -3.86 24.99
CA LYS D 707 0.28 -5.08 25.48
C LYS D 707 1.67 -4.85 26.06
N ASP D 708 1.99 -3.65 26.54
CA ASP D 708 3.17 -3.43 27.34
C ASP D 708 2.84 -2.98 28.75
N PHE D 709 1.56 -2.76 29.02
CA PHE D 709 1.14 -2.35 30.35
C PHE D 709 1.04 -3.52 31.31
N SER D 710 0.92 -4.73 30.81
CA SER D 710 0.77 -5.89 31.67
C SER D 710 2.06 -6.17 32.42
N ASP D 711 1.92 -6.90 33.54
CA ASP D 711 3.09 -7.28 34.33
C ASP D 711 3.95 -8.31 33.62
N LYS D 712 3.40 -9.03 32.65
CA LYS D 712 4.14 -10.04 31.94
C LYS D 712 5.10 -9.46 30.92
N SER D 713 4.79 -8.28 30.39
CA SER D 713 5.55 -7.69 29.30
C SER D 713 6.90 -7.20 29.79
N HIS D 714 7.91 -8.03 29.68
CA HIS D 714 9.24 -7.66 30.11
C HIS D 714 10.18 -7.35 28.97
N GLY D 715 9.71 -7.40 27.74
CA GLY D 715 10.54 -7.07 26.60
C GLY D 715 10.63 -5.56 26.40
N THR D 716 11.05 -5.20 25.23
CA THR D 716 11.17 -3.80 24.88
C THR D 716 9.80 -3.28 24.47
N PRO D 717 9.34 -2.16 25.02
CA PRO D 717 7.97 -1.73 24.80
C PRO D 717 7.78 -1.14 23.43
N ASN D 718 6.52 -0.92 23.07
CA ASN D 718 6.18 -0.22 21.86
C ASN D 718 6.68 1.21 21.93
N LEU D 719 6.98 1.77 20.76
CA LEU D 719 7.44 3.16 20.69
C LEU D 719 6.35 4.12 21.15
N HIS D 720 5.12 3.81 20.79
CA HIS D 720 3.99 4.63 21.21
C HIS D 720 3.79 4.56 22.71
N THR D 721 3.99 3.38 23.30
CA THR D 721 3.90 3.26 24.74
C THR D 721 5.06 3.98 25.41
N MET D 722 6.20 4.09 24.72
CA MET D 722 7.29 4.88 25.28
C MET D 722 6.95 6.36 25.27
N TYR D 723 6.26 6.83 24.23
CA TYR D 723 5.82 8.22 24.21
C TYR D 723 4.80 8.48 25.32
N PHE D 724 3.86 7.56 25.50
CA PHE D 724 2.82 7.77 26.49
C PHE D 724 3.35 7.62 27.90
N LYS D 725 4.46 6.91 28.08
CA LYS D 725 5.12 6.94 29.37
C LYS D 725 5.91 8.22 29.53
N LEU D 726 6.48 8.73 28.45
CA LEU D 726 7.34 9.90 28.55
C LEU D 726 6.52 11.17 28.72
N LEU D 727 5.23 11.10 28.44
CA LEU D 727 4.36 12.26 28.56
C LEU D 727 4.25 12.81 29.97
N PHE D 728 4.55 11.98 30.96
CA PHE D 728 4.49 12.40 32.35
C PHE D 728 5.80 12.14 33.08
N ASP D 729 6.90 12.10 32.35
CA ASP D 729 8.21 12.09 32.96
C ASP D 729 8.51 13.46 33.55
N GLU D 730 9.49 13.49 34.45
CA GLU D 730 9.93 14.74 35.04
C GLU D 730 10.99 15.42 34.19
N ASN D 731 11.38 14.82 33.08
CA ASN D 731 12.29 15.44 32.13
C ASN D 731 11.55 16.12 31.00
N ASN D 732 10.30 15.73 30.77
CA ASN D 732 9.46 16.35 29.77
C ASN D 732 9.11 17.76 30.25
N HIS D 733 9.82 18.74 29.70
CA HIS D 733 9.56 20.12 30.08
C HIS D 733 8.42 20.71 29.28
N GLY D 734 8.62 20.90 27.99
CA GLY D 734 7.57 21.38 27.12
C GLY D 734 7.67 20.75 25.76
N GLN D 735 8.52 19.71 25.69
CA GLN D 735 8.89 19.13 24.41
C GLN D 735 7.73 18.37 23.81
N ILE D 736 7.18 17.41 24.54
CA ILE D 736 6.13 16.54 24.05
C ILE D 736 4.87 16.86 24.81
N ARG D 737 3.95 17.58 24.18
CA ARG D 737 2.75 17.98 24.88
C ARG D 737 1.60 17.08 24.47
N LEU D 738 0.71 16.84 25.43
CA LEU D 738 -0.45 15.98 25.24
C LEU D 738 -1.68 16.85 24.97
N SER D 739 -1.81 17.24 23.71
CA SER D 739 -2.85 18.19 23.36
C SER D 739 -4.18 17.51 23.27
N GLY D 740 -5.24 18.30 23.21
CA GLY D 740 -6.57 17.76 23.23
C GLY D 740 -7.04 17.37 21.85
N GLY D 741 -8.31 17.01 21.78
CA GLY D 741 -8.86 16.56 20.52
C GLY D 741 -8.93 15.06 20.49
N ALA D 742 -8.83 14.46 21.67
CA ALA D 742 -8.93 13.02 21.79
C ALA D 742 -10.38 12.58 21.60
N GLU D 743 -10.56 11.32 21.22
CA GLU D 743 -11.89 10.81 20.92
C GLU D 743 -12.08 9.46 21.57
N LEU D 744 -13.15 8.78 21.19
CA LEU D 744 -13.46 7.48 21.74
C LEU D 744 -14.25 6.67 20.73
N PHE D 745 -13.83 5.44 20.49
CA PHE D 745 -14.45 4.61 19.48
C PHE D 745 -14.63 3.18 19.99
N MET D 746 -15.76 2.58 19.62
CA MET D 746 -16.05 1.19 19.95
C MET D 746 -16.26 0.41 18.67
N ARG D 747 -15.54 -0.70 18.54
CA ARG D 747 -15.70 -1.60 17.42
C ARG D 747 -16.66 -2.70 17.88
N ARG D 748 -17.41 -3.26 16.94
CA ARG D 748 -18.31 -4.33 17.29
C ARG D 748 -17.57 -5.66 17.29
N ALA D 749 -18.04 -6.61 18.09
CA ALA D 749 -17.49 -7.96 18.06
C ALA D 749 -18.00 -8.65 16.81
N SER D 750 -17.10 -9.02 15.91
CA SER D 750 -17.51 -9.50 14.60
C SER D 750 -17.24 -10.98 14.39
N LEU D 751 -16.15 -11.52 14.90
CA LEU D 751 -15.94 -12.95 14.89
C LEU D 751 -16.89 -13.58 15.90
N LYS D 752 -17.98 -14.13 15.40
CA LYS D 752 -19.03 -14.63 16.27
C LYS D 752 -18.56 -15.84 17.05
N LYS D 753 -19.18 -16.07 18.20
CA LYS D 753 -18.69 -17.08 19.12
C LYS D 753 -18.95 -18.50 18.64
N GLU D 754 -19.80 -18.68 17.64
CA GLU D 754 -19.91 -19.96 16.96
C GLU D 754 -18.91 -20.10 15.82
N GLU D 755 -17.91 -19.22 15.77
CA GLU D 755 -17.04 -19.16 14.59
C GLU D 755 -15.57 -19.01 14.96
N LEU D 756 -15.24 -18.89 16.24
CA LEU D 756 -13.84 -18.80 16.65
C LEU D 756 -13.11 -20.10 16.37
N VAL D 757 -11.82 -20.00 16.18
CA VAL D 757 -10.92 -21.15 16.22
C VAL D 757 -9.87 -20.84 17.26
N VAL D 758 -9.21 -21.88 17.77
CA VAL D 758 -8.39 -21.74 18.96
C VAL D 758 -7.40 -22.89 19.02
N HIS D 759 -6.15 -22.57 19.30
CA HIS D 759 -5.19 -23.63 19.56
C HIS D 759 -5.47 -24.24 20.93
N PRO D 760 -5.34 -25.54 21.13
CA PRO D 760 -5.63 -26.12 22.43
C PRO D 760 -4.43 -26.03 23.36
N ALA D 761 -4.73 -25.99 24.65
CA ALA D 761 -3.70 -25.86 25.67
C ALA D 761 -2.95 -27.18 25.83
N ASN D 762 -1.69 -27.06 26.27
CA ASN D 762 -0.81 -28.19 26.61
C ASN D 762 -0.59 -29.12 25.43
N SER D 763 -0.68 -28.59 24.22
CA SER D 763 -0.50 -29.35 23.01
C SER D 763 0.75 -28.86 22.30
N PRO D 764 1.62 -29.76 21.85
CA PRO D 764 2.85 -29.32 21.19
C PRO D 764 2.57 -28.70 19.82
N ILE D 765 2.78 -27.40 19.72
CA ILE D 765 2.57 -26.67 18.48
C ILE D 765 3.92 -26.41 17.83
N ALA D 766 3.96 -26.51 16.51
CA ALA D 766 5.21 -26.46 15.78
C ALA D 766 5.59 -25.02 15.44
N ASN D 767 6.83 -24.84 15.01
CA ASN D 767 7.36 -23.53 14.72
C ASN D 767 7.47 -23.32 13.22
N LYS D 768 7.03 -22.16 12.75
CA LYS D 768 7.00 -21.89 11.32
C LYS D 768 8.26 -21.23 10.79
N ASN D 769 9.13 -20.75 11.66
CA ASN D 769 10.38 -20.17 11.21
C ASN D 769 11.39 -21.29 11.03
N PRO D 770 11.98 -21.45 9.85
CA PRO D 770 12.94 -22.53 9.65
C PRO D 770 14.24 -22.35 10.42
N ASP D 771 14.63 -21.13 10.73
CA ASP D 771 15.86 -20.92 11.49
C ASP D 771 15.61 -20.84 12.98
N ASN D 772 14.44 -21.19 13.44
CA ASN D 772 14.16 -21.23 14.86
C ASN D 772 14.72 -22.51 15.45
N PRO D 773 15.76 -22.43 16.30
CA PRO D 773 16.47 -23.66 16.73
C PRO D 773 15.65 -24.56 17.64
N LYS D 774 14.82 -24.01 18.50
CA LYS D 774 13.84 -24.83 19.19
C LYS D 774 12.75 -25.21 18.19
N LYS D 775 12.41 -26.49 18.12
CA LYS D 775 11.67 -27.01 16.99
C LYS D 775 10.20 -27.24 17.27
N THR D 776 9.80 -27.27 18.54
CA THR D 776 8.40 -27.51 18.89
C THR D 776 8.11 -26.87 20.24
N THR D 777 7.02 -26.14 20.32
CA THR D 777 6.68 -25.41 21.54
C THR D 777 5.38 -25.92 22.11
N THR D 778 5.27 -25.85 23.44
CA THR D 778 4.07 -26.21 24.18
C THR D 778 3.57 -24.95 24.86
N LEU D 779 2.26 -24.75 24.87
CA LEU D 779 1.66 -23.62 25.54
C LEU D 779 0.85 -24.08 26.74
N SER D 780 1.04 -23.40 27.87
CA SER D 780 0.45 -23.84 29.13
C SER D 780 -0.97 -23.33 29.33
N TYR D 781 -1.57 -22.73 28.30
CA TYR D 781 -2.93 -22.22 28.34
C TYR D 781 -3.42 -22.12 26.90
N ASP D 782 -4.53 -21.44 26.70
CA ASP D 782 -5.14 -21.34 25.37
C ASP D 782 -4.67 -20.08 24.67
N VAL D 783 -4.49 -20.18 23.36
CA VAL D 783 -4.26 -19.00 22.54
C VAL D 783 -5.27 -19.04 21.41
N TYR D 784 -5.81 -17.89 21.07
CA TYR D 784 -6.90 -17.85 20.11
C TYR D 784 -6.44 -17.23 18.81
N LYS D 785 -7.28 -17.28 17.79
CA LYS D 785 -6.99 -16.60 16.53
C LYS D 785 -7.93 -15.41 16.41
N ASP D 786 -7.35 -14.22 16.42
CA ASP D 786 -8.05 -12.95 16.28
C ASP D 786 -9.16 -12.80 17.31
N LYS D 787 -8.80 -13.08 18.56
CA LYS D 787 -9.72 -12.93 19.67
C LYS D 787 -10.15 -11.48 19.84
N ARG D 788 -9.25 -10.55 19.55
CA ARG D 788 -9.51 -9.13 19.73
C ARG D 788 -10.62 -8.60 18.83
N PHE D 789 -11.06 -9.36 17.85
CA PHE D 789 -12.25 -9.01 17.08
C PHE D 789 -13.50 -9.68 17.61
N SER D 790 -13.38 -10.59 18.57
CA SER D 790 -14.52 -11.33 19.09
C SER D 790 -15.07 -10.70 20.36
N GLU D 791 -14.60 -9.51 20.71
CA GLU D 791 -15.08 -8.83 21.89
C GLU D 791 -15.48 -7.42 21.50
N ASP D 792 -16.59 -6.96 22.05
CA ASP D 792 -16.95 -5.56 21.87
C ASP D 792 -15.91 -4.71 22.59
N GLN D 793 -15.06 -4.05 21.81
CA GLN D 793 -13.84 -3.46 22.32
C GLN D 793 -13.88 -1.96 22.10
N TYR D 794 -13.48 -1.20 23.11
CA TYR D 794 -13.39 0.24 23.02
C TYR D 794 -11.97 0.63 22.67
N GLU D 795 -11.81 1.52 21.71
CA GLU D 795 -10.49 2.05 21.40
C GLU D 795 -10.49 3.57 21.49
N LEU D 796 -9.38 4.09 21.99
CA LEU D 796 -9.23 5.49 22.35
C LEU D 796 -8.09 6.08 21.56
N HIS D 797 -8.33 7.25 20.97
CA HIS D 797 -7.32 7.95 20.19
C HIS D 797 -6.98 9.21 20.94
N ILE D 798 -5.70 9.45 21.17
CA ILE D 798 -5.24 10.73 21.73
C ILE D 798 -4.27 11.35 20.73
N PRO D 799 -4.39 12.63 20.43
CA PRO D 799 -3.37 13.29 19.62
C PRO D 799 -2.31 13.94 20.48
N ILE D 800 -1.07 13.57 20.23
CA ILE D 800 0.03 14.26 20.88
C ILE D 800 0.62 15.19 19.85
N ALA D 801 1.29 16.22 20.33
CA ALA D 801 1.95 17.19 19.47
C ALA D 801 3.41 17.18 19.90
N ILE D 802 4.28 16.82 18.98
CA ILE D 802 5.69 16.67 19.31
C ILE D 802 6.44 17.89 18.82
N ASN D 803 7.22 18.49 19.72
CA ASN D 803 8.07 19.65 19.46
C ASN D 803 7.25 20.83 18.96
N LYS D 804 6.35 21.28 19.83
CA LYS D 804 5.48 22.41 19.51
C LYS D 804 6.27 23.70 19.45
N CYS D 805 7.35 23.82 20.23
CA CYS D 805 8.18 25.02 20.17
C CYS D 805 9.63 24.63 19.92
N PRO D 806 10.10 24.72 18.67
CA PRO D 806 11.50 24.40 18.37
C PRO D 806 12.40 25.63 18.43
N LYS D 807 13.70 25.37 18.58
CA LYS D 807 14.68 26.45 18.69
C LYS D 807 15.57 26.54 17.46
N ASN D 808 16.22 25.43 17.09
CA ASN D 808 17.16 25.43 15.97
C ASN D 808 16.42 25.45 14.64
N ILE D 809 15.94 26.62 14.24
CA ILE D 809 15.08 26.71 13.08
C ILE D 809 15.90 27.13 11.87
N PHE D 810 15.93 26.28 10.84
CA PHE D 810 16.64 26.56 9.60
C PHE D 810 16.09 25.64 8.52
N LYS D 811 16.34 26.02 7.28
CA LYS D 811 15.99 25.14 6.17
C LYS D 811 16.97 23.98 6.10
N ILE D 812 16.43 22.78 6.04
CA ILE D 812 17.22 21.57 6.20
C ILE D 812 18.05 21.27 4.96
N ASN D 813 17.47 21.51 3.78
CA ASN D 813 18.15 21.21 2.53
C ASN D 813 19.39 22.06 2.32
N THR D 814 19.38 23.29 2.79
CA THR D 814 20.59 24.08 2.78
C THR D 814 21.56 23.63 3.85
N GLU D 815 21.01 23.21 4.99
CA GLU D 815 21.82 22.90 6.14
C GLU D 815 22.64 21.63 5.93
N VAL D 816 22.06 20.62 5.29
CA VAL D 816 22.81 19.40 5.01
C VAL D 816 23.96 19.69 4.06
N ARG D 817 23.76 20.60 3.12
CA ARG D 817 24.82 20.91 2.16
C ARG D 817 25.94 21.70 2.84
N VAL D 818 25.60 22.68 3.66
CA VAL D 818 26.66 23.47 4.29
C VAL D 818 27.37 22.66 5.35
N LEU D 819 26.69 21.68 5.95
CA LEU D 819 27.38 20.77 6.84
C LEU D 819 28.30 19.84 6.08
N LEU D 820 27.85 19.28 4.97
CA LEU D 820 28.63 18.27 4.28
C LEU D 820 29.82 18.88 3.55
N LYS D 821 29.75 20.16 3.20
CA LYS D 821 30.91 20.80 2.59
C LYS D 821 32.04 20.91 3.59
N HIS D 822 31.72 21.23 4.85
CA HIS D 822 32.74 21.29 5.88
C HIS D 822 33.24 19.91 6.29
N ASP D 823 32.53 18.86 5.90
CA ASP D 823 32.90 17.52 6.30
C ASP D 823 34.04 17.01 5.43
N ASP D 824 34.87 16.14 6.01
CA ASP D 824 36.02 15.60 5.30
C ASP D 824 35.84 14.15 4.89
N ASN D 825 35.08 13.35 5.65
CA ASN D 825 34.85 11.95 5.32
C ASN D 825 33.38 11.62 5.57
N PRO D 826 32.52 11.97 4.63
CA PRO D 826 31.09 11.69 4.82
C PRO D 826 30.74 10.29 4.36
N TYR D 827 30.11 9.51 5.23
CA TYR D 827 29.71 8.20 4.81
C TYR D 827 28.42 8.28 4.02
N VAL D 828 28.16 7.25 3.22
CA VAL D 828 26.99 7.21 2.35
C VAL D 828 26.43 5.81 2.41
N ILE D 829 25.15 5.68 2.70
CA ILE D 829 24.44 4.42 2.59
C ILE D 829 23.62 4.45 1.32
N GLY D 830 23.81 3.43 0.48
CA GLY D 830 23.02 3.36 -0.72
C GLY D 830 22.15 2.13 -0.74
N ILE D 831 20.88 2.29 -1.07
CA ILE D 831 19.93 1.20 -1.10
C ILE D 831 19.49 1.05 -2.55
N ASP D 832 19.21 -0.18 -2.98
CA ASP D 832 18.71 -0.42 -4.32
C ASP D 832 17.96 -1.73 -4.36
N ARG D 833 17.23 -1.94 -5.45
CA ARG D 833 16.48 -3.16 -5.60
C ARG D 833 17.30 -4.18 -6.37
N GLY D 834 16.73 -5.35 -6.57
CA GLY D 834 17.41 -6.42 -7.29
C GLY D 834 16.56 -7.66 -7.35
N GLU D 835 17.16 -8.74 -7.84
CA GLU D 835 16.41 -9.95 -8.11
C GLU D 835 16.65 -11.03 -7.07
N ARG D 836 17.89 -11.43 -6.86
CA ARG D 836 18.20 -12.41 -5.84
C ARG D 836 18.07 -11.84 -4.43
N ASN D 837 18.30 -10.55 -4.27
CA ASN D 837 18.18 -9.88 -3.00
C ASN D 837 17.15 -8.79 -3.16
N LEU D 838 16.33 -8.58 -2.12
CA LEU D 838 15.26 -7.59 -2.25
C LEU D 838 15.82 -6.19 -2.15
N LEU D 839 16.66 -5.92 -1.16
CA LEU D 839 17.37 -4.65 -1.04
C LEU D 839 18.79 -4.96 -0.62
N TYR D 840 19.77 -4.39 -1.32
CA TYR D 840 21.16 -4.61 -0.96
C TYR D 840 21.75 -3.35 -0.40
N ILE D 841 22.18 -3.42 0.86
CA ILE D 841 22.79 -2.30 1.54
C ILE D 841 24.26 -2.28 1.18
N VAL D 842 24.75 -1.14 0.72
CA VAL D 842 26.17 -0.87 0.72
C VAL D 842 26.35 0.29 1.68
N VAL D 843 27.57 0.47 2.17
CA VAL D 843 27.93 1.69 2.86
C VAL D 843 29.39 1.97 2.54
N VAL D 844 29.72 3.23 2.31
CA VAL D 844 30.99 3.61 1.70
C VAL D 844 31.49 4.84 2.45
N ASP D 845 32.77 5.14 2.28
CA ASP D 845 33.38 6.30 2.93
C ASP D 845 33.43 7.50 2.00
N GLY D 846 34.16 8.54 2.39
CA GLY D 846 34.37 9.67 1.52
C GLY D 846 35.32 9.39 0.36
N LYS D 847 36.16 8.37 0.47
CA LYS D 847 37.12 8.04 -0.58
C LYS D 847 36.54 7.13 -1.64
N GLY D 848 35.61 6.26 -1.28
CA GLY D 848 35.09 5.30 -2.21
C GLY D 848 35.37 3.90 -1.71
N ASN D 849 36.02 3.81 -0.57
CA ASN D 849 36.32 2.52 0.03
C ASN D 849 35.04 1.95 0.65
N ILE D 850 34.67 0.75 0.23
CA ILE D 850 33.53 0.06 0.80
C ILE D 850 33.88 -0.35 2.22
N VAL D 851 32.97 -0.11 3.16
CA VAL D 851 33.25 -0.49 4.54
C VAL D 851 32.36 -1.62 5.05
N GLU D 852 31.14 -1.77 4.53
CA GLU D 852 30.33 -2.92 4.85
C GLU D 852 29.27 -3.07 3.78
N GLN D 853 28.83 -4.30 3.57
CA GLN D 853 27.72 -4.56 2.67
C GLN D 853 27.13 -5.91 3.02
N TYR D 854 25.82 -6.05 2.86
CA TYR D 854 25.18 -7.34 2.96
C TYR D 854 23.84 -7.26 2.25
N SER D 855 23.18 -8.40 2.14
CA SER D 855 21.83 -8.46 1.63
C SER D 855 20.85 -8.33 2.78
N LEU D 856 19.60 -8.14 2.42
CA LEU D 856 18.52 -8.04 3.40
C LEU D 856 17.44 -9.06 3.14
N ASN D 857 17.82 -10.22 2.58
CA ASN D 857 16.88 -11.32 2.51
C ASN D 857 16.57 -11.86 3.89
N GLU D 858 17.51 -11.75 4.80
CA GLU D 858 17.35 -12.18 6.18
C GLU D 858 17.37 -10.93 7.04
N ILE D 859 16.41 -10.83 7.96
CA ILE D 859 16.43 -9.76 8.95
C ILE D 859 16.70 -10.40 10.31
N ILE D 860 17.77 -9.96 10.96
CA ILE D 860 18.25 -10.63 12.15
C ILE D 860 17.67 -9.91 13.37
N ASN D 861 16.51 -10.37 13.81
CA ASN D 861 15.93 -9.90 15.05
C ASN D 861 16.77 -10.38 16.22
N ASN D 862 17.08 -9.48 17.14
CA ASN D 862 17.93 -9.77 18.27
C ASN D 862 17.20 -9.41 19.55
N PHE D 863 17.36 -10.23 20.58
CA PHE D 863 16.82 -9.89 21.88
C PHE D 863 17.63 -10.58 22.97
N ASN D 864 17.94 -9.81 24.02
CA ASN D 864 18.66 -10.27 25.21
C ASN D 864 20.01 -10.87 24.90
N GLY D 865 20.66 -10.39 23.84
CA GLY D 865 21.92 -10.97 23.39
C GLY D 865 21.76 -12.18 22.50
N ILE D 866 20.54 -12.61 22.21
CA ILE D 866 20.28 -13.74 21.34
C ILE D 866 19.67 -13.20 20.06
N ARG D 867 20.26 -13.53 18.92
CA ARG D 867 19.79 -13.01 17.65
C ARG D 867 19.35 -14.14 16.73
N ILE D 868 18.10 -14.07 16.31
CA ILE D 868 17.44 -15.11 15.54
C ILE D 868 17.04 -14.53 14.20
N LYS D 869 17.67 -15.00 13.14
CA LYS D 869 17.52 -14.38 11.83
C LYS D 869 16.21 -14.82 11.18
N THR D 870 15.56 -13.88 10.50
CA THR D 870 14.29 -14.11 9.83
C THR D 870 14.49 -13.89 8.33
N ASP D 871 14.52 -14.98 7.58
CA ASP D 871 14.49 -14.87 6.13
C ASP D 871 13.15 -14.31 5.69
N TYR D 872 13.16 -13.58 4.58
CA TYR D 872 11.93 -13.11 3.98
C TYR D 872 11.77 -13.62 2.57
N HIS D 873 12.86 -13.85 1.87
CA HIS D 873 12.82 -14.24 0.47
C HIS D 873 12.25 -15.62 0.27
N SER D 874 12.62 -16.57 1.12
CA SER D 874 12.02 -17.89 1.01
C SER D 874 10.56 -17.88 1.43
N LEU D 875 10.21 -16.98 2.34
CA LEU D 875 8.81 -16.80 2.68
C LEU D 875 8.05 -16.20 1.50
N LEU D 876 8.64 -15.21 0.85
CA LEU D 876 7.99 -14.62 -0.31
C LEU D 876 7.98 -15.62 -1.47
N ASP D 877 8.96 -16.51 -1.51
CA ASP D 877 8.92 -17.58 -2.49
C ASP D 877 7.82 -18.57 -2.19
N LYS D 878 7.57 -18.84 -0.89
CA LYS D 878 6.47 -19.72 -0.52
C LYS D 878 5.13 -19.12 -0.92
N LYS D 879 4.97 -17.82 -0.66
CA LYS D 879 3.70 -17.19 -0.99
C LYS D 879 3.49 -17.03 -2.49
N GLU D 880 4.57 -16.80 -3.25
CA GLU D 880 4.43 -16.77 -4.69
C GLU D 880 4.18 -18.17 -5.25
N LYS D 881 4.74 -19.20 -4.59
CA LYS D 881 4.45 -20.56 -4.99
C LYS D 881 3.00 -20.92 -4.70
N GLU D 882 2.42 -20.30 -3.67
CA GLU D 882 0.99 -20.45 -3.44
C GLU D 882 0.18 -19.70 -4.49
N ARG D 883 0.64 -18.53 -4.91
CA ARG D 883 -0.05 -17.79 -5.96
C ARG D 883 0.01 -18.51 -7.29
N PHE D 884 1.04 -19.34 -7.50
CA PHE D 884 1.14 -20.10 -8.73
C PHE D 884 0.04 -21.15 -8.84
N GLU D 885 -0.31 -21.80 -7.73
CA GLU D 885 -1.33 -22.84 -7.72
C GLU D 885 -2.55 -22.39 -6.94
N ALA D 886 -2.96 -21.14 -7.14
CA ALA D 886 -3.89 -20.46 -6.27
C ALA D 886 -5.35 -20.71 -6.62
N ARG D 887 -5.68 -20.84 -7.90
CA ARG D 887 -7.00 -21.12 -8.46
C ARG D 887 -7.97 -19.94 -8.30
N GLN D 888 -7.60 -18.88 -7.58
CA GLN D 888 -8.45 -17.69 -7.59
C GLN D 888 -7.71 -16.37 -7.67
N ASN D 889 -6.42 -16.29 -7.30
CA ASN D 889 -5.50 -15.19 -7.56
C ASN D 889 -6.00 -13.83 -7.08
N TRP D 890 -6.82 -13.79 -6.04
CA TRP D 890 -7.22 -12.52 -5.46
C TRP D 890 -6.99 -12.46 -3.96
N THR D 891 -7.19 -13.56 -3.26
CA THR D 891 -6.71 -13.62 -1.88
C THR D 891 -5.23 -13.93 -1.83
N SER D 892 -4.67 -14.43 -2.91
CA SER D 892 -3.29 -14.83 -2.92
C SER D 892 -2.36 -13.72 -3.34
N ILE D 893 -2.85 -12.73 -4.10
CA ILE D 893 -2.00 -11.64 -4.53
C ILE D 893 -2.10 -10.42 -3.63
N GLU D 894 -3.15 -10.30 -2.81
CA GLU D 894 -3.19 -9.19 -1.89
C GLU D 894 -2.24 -9.39 -0.73
N ASN D 895 -2.04 -10.63 -0.32
CA ASN D 895 -1.21 -10.91 0.83
C ASN D 895 0.26 -10.72 0.52
N ILE D 896 0.64 -10.90 -0.75
CA ILE D 896 2.00 -10.56 -1.13
C ILE D 896 2.22 -9.06 -1.02
N LYS D 897 1.21 -8.27 -1.39
CA LYS D 897 1.32 -6.82 -1.25
C LYS D 897 1.39 -6.40 0.21
N GLU D 898 0.63 -7.05 1.07
CA GLU D 898 0.68 -6.66 2.48
C GLU D 898 1.93 -7.18 3.16
N LEU D 899 2.45 -8.33 2.71
CA LEU D 899 3.71 -8.83 3.23
C LEU D 899 4.85 -7.91 2.87
N LYS D 900 4.81 -7.36 1.66
CA LYS D 900 5.83 -6.39 1.28
C LYS D 900 5.71 -5.09 2.08
N ALA D 901 4.49 -4.67 2.40
CA ALA D 901 4.30 -3.59 3.35
C ALA D 901 4.32 -4.07 4.79
N GLY D 902 4.78 -5.29 5.03
CA GLY D 902 5.12 -5.74 6.35
C GLY D 902 6.60 -6.03 6.35
N TYR D 903 7.19 -6.08 5.16
CA TYR D 903 8.63 -6.21 5.06
C TYR D 903 9.34 -4.87 5.06
N ILE D 904 8.79 -3.85 4.41
CA ILE D 904 9.45 -2.56 4.34
C ILE D 904 9.38 -1.88 5.70
N SER D 905 8.53 -2.38 6.58
CA SER D 905 8.45 -1.86 7.92
C SER D 905 9.44 -2.51 8.84
N GLN D 906 10.44 -3.23 8.33
CA GLN D 906 11.52 -3.69 9.18
C GLN D 906 12.89 -3.37 8.64
N VAL D 907 13.00 -3.03 7.37
CA VAL D 907 14.24 -2.47 6.87
C VAL D 907 14.46 -1.08 7.44
N VAL D 908 13.37 -0.38 7.78
CA VAL D 908 13.42 1.00 8.25
C VAL D 908 14.16 1.09 9.57
N HIS D 909 14.02 0.07 10.41
CA HIS D 909 14.80 0.06 11.65
C HIS D 909 16.28 -0.17 11.39
N LYS D 910 16.61 -0.99 10.39
CA LYS D 910 18.01 -1.13 10.02
C LYS D 910 18.60 0.15 9.44
N ILE D 911 17.82 0.90 8.69
CA ILE D 911 18.30 2.14 8.12
C ILE D 911 18.47 3.21 9.17
N CYS D 912 17.50 3.37 10.05
CA CYS D 912 17.63 4.30 11.16
C CYS D 912 18.68 3.87 12.16
N GLU D 913 19.03 2.59 12.22
CA GLU D 913 20.19 2.23 13.01
C GLU D 913 21.47 2.66 12.32
N LEU D 914 21.55 2.41 11.02
CA LEU D 914 22.78 2.68 10.29
C LEU D 914 23.06 4.16 10.14
N VAL D 915 22.01 4.98 10.15
CA VAL D 915 22.18 6.42 9.96
C VAL D 915 22.89 7.02 11.16
N GLU D 916 22.40 6.74 12.36
CA GLU D 916 23.11 7.21 13.54
C GLU D 916 24.39 6.43 13.77
N LYS D 917 24.50 5.22 13.23
CA LYS D 917 25.75 4.48 13.35
C LYS D 917 26.87 5.12 12.55
N TYR D 918 26.56 5.67 11.38
CA TYR D 918 27.59 6.11 10.46
C TYR D 918 27.46 7.54 9.98
N ASP D 919 26.57 8.34 10.58
CA ASP D 919 26.48 9.79 10.38
C ASP D 919 26.18 10.16 8.92
N ALA D 920 25.56 9.25 8.18
CA ALA D 920 25.63 9.27 6.74
C ALA D 920 24.51 10.10 6.12
N VAL D 921 24.43 10.03 4.80
CA VAL D 921 23.23 10.34 4.08
C VAL D 921 22.77 9.07 3.40
N ILE D 922 21.53 9.07 2.94
CA ILE D 922 20.94 7.90 2.28
C ILE D 922 20.71 8.25 0.83
N ALA D 923 20.97 7.29 -0.04
CA ALA D 923 20.80 7.48 -1.48
C ALA D 923 19.75 6.50 -1.92
N LEU D 924 18.60 6.99 -2.36
CA LEU D 924 17.54 6.11 -2.78
C LEU D 924 17.31 6.21 -4.27
N GLU D 925 17.06 5.05 -4.87
CA GLU D 925 16.75 4.95 -6.28
C GLU D 925 15.44 5.67 -6.58
N ASP D 926 15.51 6.64 -7.49
CA ASP D 926 14.34 7.39 -7.91
C ASP D 926 13.38 6.47 -8.64
N LEU D 927 12.12 6.87 -8.72
CA LEU D 927 11.17 6.19 -9.59
C LEU D 927 10.30 7.14 -10.40
N ASN D 928 10.81 8.29 -10.79
CA ASN D 928 10.07 9.10 -11.74
C ASN D 928 10.60 8.97 -13.15
N SER D 929 11.88 8.72 -13.33
CA SER D 929 12.54 8.89 -14.62
C SER D 929 13.25 7.61 -15.04
N GLY D 930 12.56 6.48 -14.92
CA GLY D 930 13.16 5.23 -15.37
C GLY D 930 12.10 4.17 -15.56
N PHE D 931 12.25 3.42 -16.64
CA PHE D 931 11.42 2.25 -16.91
C PHE D 931 12.35 1.06 -16.64
N LYS D 932 12.15 0.42 -15.51
CA LYS D 932 13.09 -0.60 -15.11
C LYS D 932 12.73 -1.94 -15.72
N ASN D 933 13.38 -2.99 -15.24
CA ASN D 933 13.56 -4.23 -15.98
C ASN D 933 12.33 -5.12 -15.90
N SER D 934 11.32 -4.69 -15.13
CA SER D 934 10.04 -5.37 -14.94
C SER D 934 10.17 -6.82 -14.47
N ARG D 935 11.31 -7.15 -13.86
CA ARG D 935 11.62 -8.47 -13.37
C ARG D 935 12.16 -8.42 -11.96
N VAL D 936 12.51 -7.21 -11.49
CA VAL D 936 13.02 -7.00 -10.15
C VAL D 936 11.90 -7.29 -9.15
N LYS D 937 12.28 -7.75 -7.96
CA LYS D 937 11.30 -8.31 -7.03
C LYS D 937 10.40 -7.25 -6.42
N VAL D 938 10.99 -6.29 -5.73
CA VAL D 938 10.22 -5.22 -5.09
C VAL D 938 9.79 -4.24 -6.18
N GLU D 939 8.53 -4.30 -6.60
CA GLU D 939 8.12 -3.48 -7.72
C GLU D 939 7.77 -2.06 -7.28
N LYS D 940 7.17 -1.33 -8.22
CA LYS D 940 7.06 0.13 -8.12
C LYS D 940 6.14 0.56 -6.99
N GLN D 941 4.97 -0.07 -6.88
CA GLN D 941 4.01 0.33 -5.87
C GLN D 941 4.43 -0.08 -4.46
N VAL D 942 5.52 -0.84 -4.35
CA VAL D 942 6.09 -1.10 -3.04
C VAL D 942 7.23 -0.15 -2.75
N TYR D 943 8.02 0.22 -3.76
CA TYR D 943 9.13 1.13 -3.50
C TYR D 943 8.65 2.54 -3.22
N GLN D 944 7.58 2.96 -3.90
CA GLN D 944 6.97 4.24 -3.57
C GLN D 944 6.42 4.24 -2.16
N LYS D 945 5.84 3.12 -1.74
CA LYS D 945 5.41 2.95 -0.36
C LYS D 945 6.58 2.94 0.59
N PHE D 946 7.75 2.48 0.14
CA PHE D 946 8.91 2.46 0.99
C PHE D 946 9.46 3.84 1.25
N GLU D 947 9.52 4.68 0.24
CA GLU D 947 10.07 6.00 0.47
C GLU D 947 9.17 6.88 1.32
N LYS D 948 7.86 6.68 1.27
CA LYS D 948 6.94 7.34 2.17
C LYS D 948 7.11 6.86 3.60
N MET D 949 7.67 5.67 3.81
CA MET D 949 7.86 5.13 5.15
C MET D 949 9.30 5.30 5.62
N LEU D 950 10.15 5.90 4.81
CA LEU D 950 11.46 6.31 5.29
C LEU D 950 11.51 7.79 5.56
N ILE D 951 10.69 8.58 4.90
CA ILE D 951 10.63 10.00 5.23
C ILE D 951 9.90 10.21 6.54
N ASP D 952 8.75 9.56 6.71
CA ASP D 952 7.97 9.79 7.92
C ASP D 952 8.52 9.08 9.13
N LYS D 953 9.50 8.20 8.97
CA LYS D 953 10.23 7.74 10.13
C LYS D 953 11.39 8.66 10.43
N LEU D 954 12.07 9.15 9.41
CA LEU D 954 13.15 10.10 9.65
C LEU D 954 12.66 11.44 10.15
N ASN D 955 11.37 11.73 10.05
CA ASN D 955 10.84 12.96 10.61
C ASN D 955 11.03 13.02 12.12
N TYR D 956 10.94 11.91 12.81
CA TYR D 956 11.21 11.92 14.24
C TYR D 956 11.99 10.67 14.61
N MET D 957 13.14 10.49 13.98
CA MET D 957 13.98 9.31 14.19
C MET D 957 14.31 9.08 15.66
N VAL D 958 14.00 7.88 16.13
CA VAL D 958 14.14 7.52 17.54
C VAL D 958 14.45 6.04 17.63
N ASP D 959 15.45 5.71 18.45
CA ASP D 959 15.78 4.32 18.74
C ASP D 959 15.37 3.98 20.17
N LYS D 960 14.65 2.87 20.32
CA LYS D 960 13.93 2.61 21.56
C LYS D 960 14.86 2.29 22.72
N LYS D 961 16.00 1.67 22.44
CA LYS D 961 16.87 1.16 23.49
C LYS D 961 17.87 2.20 23.99
N SER D 962 17.54 3.47 23.88
CA SER D 962 18.42 4.54 24.30
C SER D 962 17.81 5.29 25.47
N ASN D 963 18.66 6.08 26.11
CA ASN D 963 18.24 6.96 27.19
C ASN D 963 17.31 8.02 26.64
N PRO D 964 16.09 8.16 27.17
CA PRO D 964 15.18 9.20 26.68
C PRO D 964 15.68 10.61 26.89
N CYS D 965 16.46 10.86 27.94
CA CYS D 965 16.96 12.19 28.20
C CYS D 965 18.01 12.61 27.18
N ALA D 966 18.84 11.69 26.72
CA ALA D 966 19.95 12.03 25.86
C ALA D 966 19.47 12.33 24.43
N THR D 967 20.43 12.69 23.58
CA THR D 967 20.14 12.88 22.18
C THR D 967 19.90 11.53 21.51
N GLY D 968 19.08 11.54 20.48
CA GLY D 968 18.61 10.32 19.86
C GLY D 968 17.42 9.69 20.56
N GLY D 969 17.23 9.97 21.85
CA GLY D 969 16.15 9.41 22.61
C GLY D 969 14.81 10.00 22.23
N ALA D 970 13.76 9.47 22.84
CA ALA D 970 12.42 9.80 22.41
C ALA D 970 12.00 11.20 22.83
N LEU D 971 12.68 11.82 23.78
CA LEU D 971 12.50 13.24 24.00
C LEU D 971 13.21 14.09 22.97
N LYS D 972 14.21 13.54 22.31
CA LYS D 972 15.13 14.33 21.50
C LYS D 972 15.39 13.71 20.14
N GLY D 973 14.35 13.36 19.41
CA GLY D 973 14.54 12.73 18.12
C GLY D 973 15.16 13.68 17.11
N TYR D 974 16.01 13.13 16.26
CA TYR D 974 16.50 13.90 15.12
C TYR D 974 15.38 14.06 14.11
N GLN D 975 15.29 15.23 13.51
CA GLN D 975 14.30 15.50 12.47
C GLN D 975 15.08 15.88 11.24
N ILE D 976 15.53 14.88 10.49
CA ILE D 976 16.53 15.13 9.47
C ILE D 976 15.91 15.08 8.08
N THR D 977 14.63 15.35 8.00
CA THR D 977 13.99 15.50 6.70
C THR D 977 12.83 16.47 6.83
N ASN D 978 12.15 16.68 5.72
CA ASN D 978 10.95 17.48 5.74
C ASN D 978 9.75 16.55 5.77
N LYS D 979 8.57 17.13 5.67
CA LYS D 979 7.38 16.30 5.54
C LYS D 979 7.27 15.79 4.12
N PHE D 980 6.86 14.53 3.98
CA PHE D 980 6.51 13.97 2.69
C PHE D 980 5.36 14.74 2.08
N GLU D 981 5.45 15.05 0.79
CA GLU D 981 4.38 15.80 0.16
C GLU D 981 3.56 14.96 -0.81
N SER D 982 4.20 14.38 -1.82
CA SER D 982 3.51 13.63 -2.86
C SER D 982 4.49 12.81 -3.67
N PHE D 983 3.95 11.86 -4.42
CA PHE D 983 4.77 10.90 -5.15
C PHE D 983 5.44 11.51 -6.36
N LYS D 984 5.02 12.69 -6.80
CA LYS D 984 5.74 13.39 -7.86
C LYS D 984 6.65 14.47 -7.31
N SER D 985 6.53 14.81 -6.03
CA SER D 985 7.28 15.91 -5.43
C SER D 985 8.56 15.41 -4.78
N MET D 986 9.01 14.23 -5.17
CA MET D 986 10.23 13.65 -4.64
C MET D 986 11.33 13.85 -5.69
N SER D 987 12.06 14.95 -5.54
CA SER D 987 12.98 15.40 -6.55
C SER D 987 14.30 15.83 -5.91
N THR D 988 15.31 14.98 -6.11
CA THR D 988 16.75 15.21 -6.06
C THR D 988 17.32 15.63 -4.70
N GLN D 989 16.46 15.90 -3.72
CA GLN D 989 16.88 16.22 -2.36
C GLN D 989 15.66 16.21 -1.47
N ASN D 990 15.81 15.58 -0.31
CA ASN D 990 14.89 15.78 0.80
C ASN D 990 15.64 15.36 2.07
N GLY D 991 16.01 16.33 2.88
CA GLY D 991 16.71 16.06 4.12
C GLY D 991 18.07 15.43 3.93
N PHE D 992 18.24 14.20 4.37
CA PHE D 992 19.41 13.43 4.00
C PHE D 992 19.13 12.50 2.85
N ILE D 993 17.87 12.26 2.54
CA ILE D 993 17.47 11.30 1.54
C ILE D 993 17.71 11.95 0.19
N PHE D 994 18.71 11.47 -0.51
CA PHE D 994 18.95 11.92 -1.87
C PHE D 994 18.22 10.98 -2.81
N TYR D 995 17.49 11.54 -3.76
CA TYR D 995 16.99 10.75 -4.87
C TYR D 995 17.98 10.85 -6.01
N ILE D 996 18.36 9.72 -6.57
CA ILE D 996 19.29 9.71 -7.68
C ILE D 996 18.67 8.80 -8.73
N PRO D 997 18.85 9.08 -10.02
CA PRO D 997 18.35 8.15 -11.03
C PRO D 997 19.28 6.95 -11.14
N ALA D 998 18.76 5.88 -11.73
CA ALA D 998 19.44 4.59 -11.75
C ALA D 998 19.87 4.24 -13.16
N TRP D 999 20.35 5.22 -13.90
CA TRP D 999 20.88 4.95 -15.23
C TRP D 999 22.36 4.62 -15.14
N LEU D 1000 22.77 3.66 -15.97
CA LEU D 1000 24.17 3.24 -16.15
C LEU D 1000 24.79 2.83 -14.82
N THR D 1001 23.98 2.16 -14.01
CA THR D 1001 24.27 1.89 -12.61
C THR D 1001 24.50 0.42 -12.34
N SER D 1002 23.80 -0.45 -13.06
CA SER D 1002 23.98 -1.88 -12.94
C SER D 1002 25.08 -2.43 -13.85
N LYS D 1003 25.11 -2.02 -15.11
CA LYS D 1003 26.06 -2.58 -16.06
C LYS D 1003 27.32 -1.74 -16.17
N ILE D 1004 28.10 -1.68 -15.09
CA ILE D 1004 29.36 -0.95 -15.10
C ILE D 1004 30.31 -1.64 -14.13
N ASP D 1005 31.49 -1.98 -14.63
CA ASP D 1005 32.49 -2.56 -13.76
C ASP D 1005 32.97 -1.54 -12.75
N PRO D 1006 33.08 -1.89 -11.48
CA PRO D 1006 33.52 -0.94 -10.46
C PRO D 1006 35.03 -0.82 -10.31
N SER D 1007 35.82 -1.60 -11.06
CA SER D 1007 37.26 -1.43 -10.97
C SER D 1007 37.79 -0.58 -12.13
N THR D 1008 37.05 -0.53 -13.24
CA THR D 1008 37.43 0.27 -14.39
C THR D 1008 36.51 1.46 -14.58
N GLY D 1009 35.22 1.22 -14.68
CA GLY D 1009 34.33 2.25 -15.13
C GLY D 1009 34.00 2.01 -16.58
N PHE D 1010 34.23 0.79 -17.02
CA PHE D 1010 33.86 0.42 -18.38
C PHE D 1010 32.36 0.24 -18.46
N VAL D 1011 31.80 0.50 -19.64
CA VAL D 1011 30.41 0.22 -19.92
C VAL D 1011 30.31 -0.45 -21.29
N ASN D 1012 29.41 -1.40 -21.39
CA ASN D 1012 28.94 -1.89 -22.67
C ASN D 1012 28.01 -0.78 -23.16
N LEU D 1013 28.29 -0.25 -24.34
CA LEU D 1013 27.53 0.88 -24.83
C LEU D 1013 27.07 0.65 -26.27
N LEU D 1014 27.52 -0.43 -26.89
CA LEU D 1014 27.28 -0.65 -28.31
C LEU D 1014 25.87 -1.17 -28.55
N LYS D 1015 25.56 -1.42 -29.82
CA LYS D 1015 24.31 -2.04 -30.26
C LYS D 1015 24.71 -3.26 -31.08
N THR D 1016 24.86 -4.41 -30.41
CA THR D 1016 25.55 -5.56 -30.99
C THR D 1016 24.61 -6.71 -31.32
N LYS D 1017 23.43 -6.44 -31.86
CA LYS D 1017 22.60 -7.50 -32.39
C LYS D 1017 22.53 -7.40 -33.91
N TYR D 1018 22.32 -8.54 -34.55
CA TYR D 1018 22.54 -8.69 -35.98
C TYR D 1018 21.36 -8.14 -36.78
N THR D 1019 21.67 -7.43 -37.86
CA THR D 1019 20.69 -7.13 -38.89
C THR D 1019 21.12 -7.55 -40.29
N SER D 1020 22.36 -7.28 -40.70
CA SER D 1020 22.80 -7.54 -42.07
C SER D 1020 24.32 -7.64 -42.10
N ILE D 1021 24.83 -8.06 -43.25
CA ILE D 1021 26.25 -8.36 -43.38
C ILE D 1021 27.09 -7.11 -43.47
N ALA D 1022 26.69 -6.16 -44.32
CA ALA D 1022 27.52 -4.97 -44.56
C ALA D 1022 27.54 -4.06 -43.34
N ASP D 1023 26.45 -4.06 -42.57
CA ASP D 1023 26.45 -3.35 -41.31
C ASP D 1023 27.39 -4.00 -40.32
N SER D 1024 27.45 -5.33 -40.31
CA SER D 1024 28.39 -6.03 -39.45
C SER D 1024 29.83 -5.77 -39.89
N LYS D 1025 30.05 -5.63 -41.20
CA LYS D 1025 31.39 -5.32 -41.66
C LYS D 1025 31.76 -3.88 -41.36
N LYS D 1026 30.76 -2.99 -41.35
CA LYS D 1026 30.96 -1.63 -40.85
C LYS D 1026 31.36 -1.64 -39.39
N PHE D 1027 30.72 -2.50 -38.61
CA PHE D 1027 31.08 -2.70 -37.20
C PHE D 1027 32.51 -3.22 -37.07
N ILE D 1028 32.89 -4.17 -37.93
CA ILE D 1028 34.22 -4.76 -37.81
C ILE D 1028 35.28 -3.76 -38.25
N SER D 1029 35.06 -3.04 -39.34
CA SER D 1029 35.99 -2.01 -39.77
C SER D 1029 36.06 -0.85 -38.79
N SER D 1030 35.03 -0.67 -37.97
CA SER D 1030 35.10 0.31 -36.90
C SER D 1030 35.97 -0.15 -35.73
N PHE D 1031 36.26 -1.45 -35.62
CA PHE D 1031 37.29 -1.92 -34.68
C PHE D 1031 38.66 -1.48 -35.14
N ASP D 1032 39.65 -1.59 -34.26
CA ASP D 1032 41.01 -1.25 -34.60
C ASP D 1032 41.94 -2.45 -34.67
N ARG D 1033 41.99 -3.22 -33.57
CA ARG D 1033 42.86 -4.42 -33.50
C ARG D 1033 42.05 -5.63 -33.04
N ILE D 1034 42.19 -6.75 -33.74
CA ILE D 1034 41.52 -8.04 -33.39
C ILE D 1034 42.61 -9.10 -33.41
N MET D 1035 43.52 -9.06 -32.43
CA MET D 1035 44.67 -10.00 -32.41
C MET D 1035 44.66 -10.88 -31.15
N TYR D 1036 44.84 -12.18 -31.36
CA TYR D 1036 44.94 -13.22 -30.34
C TYR D 1036 46.31 -13.08 -29.69
N VAL D 1037 46.32 -12.72 -28.41
CA VAL D 1037 47.56 -12.74 -27.65
C VAL D 1037 47.80 -14.15 -27.13
N PRO D 1038 48.98 -14.70 -27.32
CA PRO D 1038 49.16 -16.14 -27.06
C PRO D 1038 49.40 -16.47 -25.60
N GLU D 1039 50.09 -15.61 -24.86
CA GLU D 1039 50.44 -15.97 -23.49
C GLU D 1039 49.31 -15.64 -22.52
N GLU D 1040 48.44 -14.72 -22.88
CA GLU D 1040 47.20 -14.49 -22.14
C GLU D 1040 46.04 -15.27 -22.73
N ASP D 1041 46.23 -15.84 -23.91
CA ASP D 1041 45.34 -16.84 -24.52
C ASP D 1041 43.95 -16.27 -24.79
N LEU D 1042 43.91 -14.97 -25.05
CA LEU D 1042 42.67 -14.29 -25.30
C LEU D 1042 42.78 -13.51 -26.59
N PHE D 1043 41.69 -12.86 -26.94
CA PHE D 1043 41.62 -12.01 -28.13
C PHE D 1043 41.47 -10.59 -27.62
N GLU D 1044 42.48 -9.77 -27.85
CA GLU D 1044 42.41 -8.37 -27.45
C GLU D 1044 41.68 -7.57 -28.52
N PHE D 1045 40.67 -6.82 -28.11
CA PHE D 1045 39.89 -5.98 -29.00
C PHE D 1045 40.16 -4.54 -28.61
N ALA D 1046 41.08 -3.90 -29.30
CA ALA D 1046 41.28 -2.47 -29.14
C ALA D 1046 40.24 -1.77 -30.01
N LEU D 1047 39.43 -0.92 -29.39
CA LEU D 1047 38.41 -0.18 -30.12
C LEU D 1047 38.36 1.26 -29.65
N ASP D 1048 37.81 2.12 -30.49
CA ASP D 1048 37.65 3.52 -30.20
C ASP D 1048 36.17 3.84 -30.23
N TYR D 1049 35.69 4.51 -29.19
CA TYR D 1049 34.29 4.89 -29.20
C TYR D 1049 34.00 6.04 -30.15
N LYS D 1050 35.01 6.79 -30.57
CA LYS D 1050 34.83 7.74 -31.65
C LYS D 1050 34.52 7.05 -32.97
N ASN D 1051 34.98 5.82 -33.15
CA ASN D 1051 34.61 5.06 -34.33
C ASN D 1051 33.14 4.67 -34.31
N PHE D 1052 32.59 4.49 -33.11
CA PHE D 1052 31.30 3.82 -33.04
C PHE D 1052 30.16 4.81 -32.78
N SER D 1053 28.98 4.40 -33.24
CA SER D 1053 27.75 5.16 -33.12
C SER D 1053 27.27 5.18 -31.68
N ARG D 1054 26.63 6.29 -31.31
CA ARG D 1054 25.92 6.49 -30.03
C ARG D 1054 26.85 6.40 -28.82
N THR D 1055 28.15 6.45 -29.04
CA THR D 1055 29.14 6.30 -27.98
C THR D 1055 29.68 7.66 -27.55
N ASP D 1056 28.82 8.66 -27.63
CA ASP D 1056 29.18 10.04 -27.32
C ASP D 1056 29.47 10.27 -25.85
N ALA D 1057 28.89 9.47 -24.96
CA ALA D 1057 28.88 9.83 -23.55
C ALA D 1057 30.17 9.43 -22.84
N ASP D 1058 31.03 8.63 -23.48
CA ASP D 1058 32.14 8.05 -22.76
C ASP D 1058 33.26 9.07 -22.52
N TYR D 1059 34.25 8.65 -21.74
CA TYR D 1059 35.36 9.52 -21.38
C TYR D 1059 36.67 9.10 -22.01
N ILE D 1060 37.13 7.86 -21.79
CA ILE D 1060 38.40 7.42 -22.35
C ILE D 1060 38.26 7.16 -23.85
N LYS D 1061 37.22 6.43 -24.23
CA LYS D 1061 36.89 6.04 -25.60
C LYS D 1061 37.99 5.23 -26.27
N LYS D 1062 38.76 4.48 -25.50
CA LYS D 1062 39.86 3.64 -26.01
C LYS D 1062 39.97 2.45 -25.07
N TRP D 1063 39.34 1.34 -25.43
CA TRP D 1063 39.26 0.20 -24.52
C TRP D 1063 39.83 -1.05 -25.16
N LYS D 1064 40.27 -1.96 -24.31
CA LYS D 1064 40.90 -3.22 -24.71
C LYS D 1064 40.04 -4.37 -24.19
N LEU D 1065 39.09 -4.80 -25.01
CA LEU D 1065 38.17 -5.86 -24.62
C LEU D 1065 38.90 -7.20 -24.64
N TYR D 1066 38.29 -8.19 -23.98
CA TYR D 1066 38.90 -9.51 -23.91
C TYR D 1066 37.87 -10.64 -23.87
N SER D 1067 38.36 -11.87 -23.99
CA SER D 1067 37.54 -13.07 -23.91
C SER D 1067 37.69 -13.77 -22.58
N TYR D 1068 37.96 -13.04 -21.50
CA TYR D 1068 38.28 -13.65 -20.22
C TYR D 1068 37.05 -14.22 -19.54
N GLY D 1069 37.12 -15.49 -19.20
CA GLY D 1069 36.06 -16.14 -18.45
C GLY D 1069 34.94 -16.62 -19.32
N ASN D 1070 33.93 -17.18 -18.66
CA ASN D 1070 32.77 -17.76 -19.32
C ASN D 1070 31.55 -16.88 -19.10
N ARG D 1071 30.53 -17.09 -19.93
CA ARG D 1071 29.31 -16.30 -19.88
C ARG D 1071 28.10 -17.22 -19.81
N ILE D 1072 26.93 -16.62 -19.78
CA ILE D 1072 25.66 -17.33 -19.64
C ILE D 1072 24.76 -16.89 -20.77
N ARG D 1073 24.46 -17.81 -21.69
CA ARG D 1073 23.55 -17.51 -22.77
C ARG D 1073 22.12 -17.88 -22.37
N ILE D 1074 21.15 -17.09 -22.83
CA ILE D 1074 19.75 -17.40 -22.55
C ILE D 1074 19.29 -18.60 -23.35
N PHE D 1075 19.25 -18.45 -24.68
CA PHE D 1075 18.77 -19.56 -25.55
C PHE D 1075 17.28 -19.80 -25.26
N PHE D 1084 12.24 -20.50 -22.05
CA PHE D 1084 13.66 -20.16 -22.19
C PHE D 1084 14.52 -21.26 -21.59
N ASP D 1085 15.65 -21.53 -22.25
CA ASP D 1085 16.58 -22.53 -21.75
C ASP D 1085 17.67 -21.89 -20.91
N TRP D 1086 18.74 -22.64 -20.65
CA TRP D 1086 19.90 -22.13 -19.95
C TRP D 1086 21.15 -22.62 -20.67
N GLU D 1087 22.15 -21.76 -20.82
CA GLU D 1087 23.34 -22.12 -21.60
C GLU D 1087 24.55 -21.41 -21.03
N GLU D 1088 25.50 -22.16 -20.49
CA GLU D 1088 26.78 -21.60 -20.10
C GLU D 1088 27.79 -21.87 -21.20
N VAL D 1089 28.58 -20.86 -21.55
CA VAL D 1089 29.58 -21.00 -22.60
C VAL D 1089 30.88 -20.33 -22.18
N CYS D 1090 31.98 -21.07 -22.31
CA CYS D 1090 33.32 -20.53 -22.18
C CYS D 1090 33.67 -19.85 -23.49
N LEU D 1091 34.27 -18.68 -23.42
CA LEU D 1091 34.21 -17.78 -24.57
C LEU D 1091 35.32 -18.02 -25.58
N THR D 1092 36.56 -18.24 -25.13
CA THR D 1092 37.68 -18.38 -26.03
C THR D 1092 37.56 -19.64 -26.88
N SER D 1093 37.11 -20.75 -26.28
CA SER D 1093 36.85 -21.96 -27.03
C SER D 1093 35.71 -21.77 -28.02
N ALA D 1094 34.72 -20.96 -27.66
CA ALA D 1094 33.62 -20.69 -28.58
C ALA D 1094 34.11 -19.89 -29.78
N TYR D 1095 35.02 -18.96 -29.55
CA TYR D 1095 35.56 -18.19 -30.66
C TYR D 1095 36.46 -19.04 -31.54
N LYS D 1096 37.20 -19.98 -30.93
CA LYS D 1096 37.99 -20.92 -31.70
C LYS D 1096 37.10 -21.81 -32.55
N GLU D 1097 35.96 -22.22 -32.00
CA GLU D 1097 35.03 -23.05 -32.75
C GLU D 1097 34.38 -22.27 -33.89
N LEU D 1098 34.07 -21.00 -33.68
CA LEU D 1098 33.46 -20.22 -34.75
C LEU D 1098 34.47 -19.89 -35.84
N PHE D 1099 35.73 -19.72 -35.48
CA PHE D 1099 36.76 -19.50 -36.48
C PHE D 1099 37.07 -20.76 -37.29
N ASN D 1100 37.31 -21.89 -36.62
CA ASN D 1100 37.64 -23.11 -37.33
C ASN D 1100 36.43 -23.72 -38.01
N LYS D 1101 35.22 -23.33 -37.59
CA LYS D 1101 34.03 -23.67 -38.36
C LYS D 1101 34.02 -22.96 -39.69
N TYR D 1102 34.65 -21.79 -39.77
CA TYR D 1102 34.68 -21.03 -41.00
C TYR D 1102 36.10 -20.84 -41.52
N GLY D 1103 37.09 -21.47 -40.89
CA GLY D 1103 38.40 -21.64 -41.47
C GLY D 1103 39.22 -20.39 -41.71
N ILE D 1104 39.66 -19.76 -40.63
CA ILE D 1104 40.47 -18.56 -40.70
C ILE D 1104 41.62 -18.74 -39.72
N ASN D 1105 42.85 -18.56 -40.19
CA ASN D 1105 44.01 -18.59 -39.31
C ASN D 1105 44.01 -17.31 -38.49
N TYR D 1106 43.77 -17.44 -37.19
CA TYR D 1106 43.56 -16.30 -36.32
C TYR D 1106 44.76 -16.02 -35.43
N GLN D 1107 45.97 -16.18 -35.94
CA GLN D 1107 47.19 -15.88 -35.19
C GLN D 1107 47.99 -14.76 -35.84
N GLN D 1108 47.32 -13.95 -36.66
CA GLN D 1108 48.00 -12.86 -37.41
C GLN D 1108 47.80 -11.53 -36.69
N GLY D 1109 47.41 -11.57 -35.41
CA GLY D 1109 47.15 -10.31 -34.72
C GLY D 1109 45.98 -9.63 -35.41
N ASP D 1110 46.17 -8.41 -35.93
CA ASP D 1110 45.04 -7.77 -36.64
C ASP D 1110 44.63 -8.67 -37.81
N ILE D 1111 43.33 -8.92 -37.94
CA ILE D 1111 42.71 -9.73 -38.96
C ILE D 1111 41.35 -9.18 -39.32
N ARG D 1112 41.20 -7.85 -39.26
CA ARG D 1112 39.92 -7.22 -39.60
C ARG D 1112 39.58 -7.42 -41.06
N ALA D 1113 40.59 -7.43 -41.92
CA ALA D 1113 40.36 -7.75 -43.33
C ALA D 1113 39.93 -9.20 -43.50
N LEU D 1114 40.46 -10.09 -42.66
CA LEU D 1114 40.09 -11.50 -42.72
C LEU D 1114 38.64 -11.70 -42.32
N LEU D 1115 38.15 -10.87 -41.41
CA LEU D 1115 36.77 -11.01 -40.93
C LEU D 1115 35.78 -10.28 -41.81
N CYS D 1116 36.24 -9.35 -42.66
CA CYS D 1116 35.38 -8.77 -43.68
C CYS D 1116 35.54 -9.44 -45.02
N GLU D 1117 35.84 -10.73 -45.04
CA GLU D 1117 35.90 -11.47 -46.29
C GLU D 1117 34.94 -12.63 -46.35
N GLN D 1118 34.33 -13.01 -45.23
CA GLN D 1118 33.25 -13.98 -45.28
C GLN D 1118 32.01 -13.35 -45.87
N SER D 1119 31.23 -14.17 -46.57
CA SER D 1119 30.07 -13.68 -47.31
C SER D 1119 28.80 -14.43 -46.99
N ASP D 1120 28.79 -15.31 -45.99
CA ASP D 1120 27.59 -16.02 -45.61
C ASP D 1120 26.92 -15.33 -44.42
N LYS D 1121 25.60 -15.37 -44.40
CA LYS D 1121 24.83 -14.87 -43.26
C LYS D 1121 25.08 -15.67 -42.01
N ALA D 1122 25.26 -16.98 -42.14
CA ALA D 1122 25.39 -17.89 -41.02
C ALA D 1122 26.66 -17.66 -40.21
N PHE D 1123 27.61 -16.88 -40.71
CA PHE D 1123 28.73 -16.50 -39.86
C PHE D 1123 28.41 -15.25 -39.06
N TYR D 1124 28.01 -14.17 -39.75
CA TYR D 1124 27.83 -12.89 -39.07
C TYR D 1124 26.59 -12.85 -38.20
N SER D 1125 25.60 -13.69 -38.48
CA SER D 1125 24.53 -13.89 -37.51
C SER D 1125 25.05 -14.60 -36.27
N SER D 1126 26.00 -15.51 -36.45
CA SER D 1126 26.61 -16.26 -35.37
C SER D 1126 27.74 -15.51 -34.71
N PHE D 1127 28.35 -14.54 -35.39
CA PHE D 1127 29.42 -13.79 -34.75
C PHE D 1127 28.89 -12.60 -33.97
N MET D 1128 27.75 -12.07 -34.39
CA MET D 1128 27.16 -10.94 -33.68
C MET D 1128 26.68 -11.36 -32.30
N ALA D 1129 26.16 -12.58 -32.20
CA ALA D 1129 25.73 -13.11 -30.91
C ALA D 1129 26.90 -13.28 -29.96
N LEU D 1130 28.02 -13.83 -30.46
CA LEU D 1130 29.20 -13.99 -29.61
C LEU D 1130 29.81 -12.65 -29.24
N MET D 1131 29.76 -11.69 -30.15
CA MET D 1131 30.34 -10.39 -29.87
C MET D 1131 29.51 -9.65 -28.83
N SER D 1132 28.19 -9.81 -28.87
CA SER D 1132 27.35 -9.25 -27.82
C SER D 1132 27.57 -9.99 -26.50
N LEU D 1133 27.72 -11.30 -26.55
CA LEU D 1133 27.84 -12.09 -25.34
C LEU D 1133 29.21 -11.95 -24.70
N MET D 1134 30.17 -11.38 -25.42
CA MET D 1134 31.38 -10.91 -24.77
C MET D 1134 31.06 -9.85 -23.73
N LEU D 1135 30.14 -8.95 -24.04
CA LEU D 1135 29.79 -7.88 -23.12
C LEU D 1135 28.39 -8.14 -22.56
N GLN D 1136 28.33 -8.91 -21.48
CA GLN D 1136 27.08 -8.97 -20.74
C GLN D 1136 27.23 -8.47 -19.32
N MET D 1137 28.12 -9.06 -18.52
CA MET D 1137 28.36 -8.76 -17.11
C MET D 1137 27.09 -8.83 -16.25
N ARG D 1138 26.11 -9.63 -16.64
CA ARG D 1138 24.84 -9.72 -15.92
C ARG D 1138 24.41 -11.18 -15.86
N ASN D 1139 25.35 -12.04 -15.50
CA ASN D 1139 25.24 -13.44 -15.87
C ASN D 1139 24.51 -14.25 -14.81
N SER D 1140 23.19 -14.38 -14.95
CA SER D 1140 22.37 -15.13 -14.03
C SER D 1140 21.52 -16.15 -14.79
N ILE D 1141 20.90 -17.04 -14.02
CA ILE D 1141 20.09 -18.10 -14.60
C ILE D 1141 18.61 -17.79 -14.31
N THR D 1142 18.38 -17.08 -13.20
CA THR D 1142 17.06 -16.83 -12.60
C THR D 1142 16.31 -18.13 -12.30
N GLY D 1143 17.05 -19.18 -11.96
CA GLY D 1143 16.44 -20.40 -11.46
C GLY D 1143 17.11 -20.83 -10.18
N ARG D 1144 18.32 -20.35 -9.96
CA ARG D 1144 19.10 -20.66 -8.78
C ARG D 1144 19.66 -19.39 -8.21
N THR D 1145 19.38 -19.13 -6.94
CA THR D 1145 19.79 -17.88 -6.31
C THR D 1145 21.29 -17.76 -6.13
N ASP D 1146 22.02 -18.88 -6.11
CA ASP D 1146 23.45 -18.84 -5.85
C ASP D 1146 24.29 -18.60 -7.10
N VAL D 1147 23.75 -18.84 -8.29
CA VAL D 1147 24.53 -18.84 -9.52
C VAL D 1147 24.27 -17.52 -10.23
N ASP D 1148 25.12 -16.52 -9.95
CA ASP D 1148 25.13 -15.25 -10.64
C ASP D 1148 26.49 -14.62 -10.41
N PHE D 1149 27.00 -13.92 -11.41
CA PHE D 1149 28.27 -13.24 -11.25
C PHE D 1149 28.34 -12.08 -12.23
N LEU D 1150 29.10 -11.06 -11.83
CA LEU D 1150 29.42 -9.92 -12.66
C LEU D 1150 30.92 -9.92 -12.87
N ILE D 1151 31.36 -9.98 -14.12
CA ILE D 1151 32.77 -10.15 -14.43
C ILE D 1151 33.17 -9.11 -15.47
N SER D 1152 34.43 -8.69 -15.42
CA SER D 1152 34.90 -7.57 -16.21
C SER D 1152 35.76 -8.05 -17.37
N PRO D 1153 35.47 -7.61 -18.60
CA PRO D 1153 36.29 -8.02 -19.73
C PRO D 1153 37.47 -7.09 -19.94
N VAL D 1154 37.70 -6.20 -18.99
CA VAL D 1154 38.72 -5.16 -19.11
C VAL D 1154 39.73 -5.36 -18.00
N LYS D 1155 41.00 -5.21 -18.32
CA LYS D 1155 42.03 -5.16 -17.29
C LYS D 1155 41.89 -3.89 -16.48
N ASN D 1156 42.35 -3.93 -15.24
CA ASN D 1156 42.33 -2.75 -14.39
C ASN D 1156 43.64 -2.00 -14.56
N SER D 1157 43.90 -1.04 -13.65
CA SER D 1157 45.18 -0.33 -13.62
C SER D 1157 46.37 -1.24 -13.38
N ASP D 1158 46.17 -2.38 -12.73
CA ASP D 1158 47.23 -3.38 -12.68
C ASP D 1158 47.24 -4.24 -13.93
N GLY D 1159 46.13 -4.90 -14.22
CA GLY D 1159 46.07 -5.78 -15.35
C GLY D 1159 45.30 -7.05 -15.05
N ILE D 1160 45.04 -7.31 -13.78
CA ILE D 1160 44.13 -8.40 -13.45
C ILE D 1160 42.70 -7.94 -13.68
N PHE D 1161 41.81 -8.92 -13.83
CA PHE D 1161 40.42 -8.62 -14.09
C PHE D 1161 39.67 -8.51 -12.77
N TYR D 1162 38.35 -8.38 -12.87
CA TYR D 1162 37.48 -8.43 -11.71
C TYR D 1162 36.48 -9.56 -11.91
N ASP D 1163 36.56 -10.59 -11.07
CA ASP D 1163 35.53 -11.60 -10.96
C ASP D 1163 34.88 -11.44 -9.60
N SER D 1164 33.55 -11.49 -9.58
CA SER D 1164 32.80 -11.45 -8.34
C SER D 1164 33.12 -12.63 -7.44
N ARG D 1165 33.43 -13.78 -8.02
CA ARG D 1165 33.80 -15.01 -7.29
C ARG D 1165 35.01 -14.82 -6.41
N ASN D 1166 35.89 -13.89 -6.74
CA ASN D 1166 37.03 -13.58 -5.89
C ASN D 1166 36.65 -12.75 -4.68
N TYR D 1167 35.46 -12.15 -4.68
CA TYR D 1167 35.13 -11.17 -3.67
C TYR D 1167 33.89 -11.51 -2.86
N GLU D 1168 33.06 -12.44 -3.33
CA GLU D 1168 31.96 -12.93 -2.50
C GLU D 1168 32.48 -13.66 -1.28
N ALA D 1169 33.56 -14.42 -1.44
CA ALA D 1169 34.15 -15.16 -0.33
C ALA D 1169 35.23 -14.35 0.38
N GLN D 1170 34.88 -13.13 0.75
CA GLN D 1170 35.79 -12.25 1.49
C GLN D 1170 35.01 -11.53 2.57
N GLU D 1171 35.73 -11.02 3.56
CA GLU D 1171 35.12 -10.45 4.75
C GLU D 1171 34.42 -9.13 4.50
N ASN D 1172 35.11 -8.15 3.91
CA ASN D 1172 34.48 -6.93 3.44
C ASN D 1172 35.24 -6.50 2.19
N ALA D 1173 34.71 -6.88 1.04
CA ALA D 1173 35.44 -6.73 -0.20
C ALA D 1173 35.50 -5.26 -0.62
N ILE D 1174 36.67 -4.86 -1.11
CA ILE D 1174 36.91 -3.49 -1.56
C ILE D 1174 36.22 -3.20 -2.89
N LEU D 1175 35.72 -4.23 -3.55
CA LEU D 1175 34.83 -4.08 -4.68
C LEU D 1175 33.47 -4.63 -4.25
N PRO D 1176 32.39 -4.37 -4.98
CA PRO D 1176 31.12 -5.00 -4.67
C PRO D 1176 31.17 -6.51 -4.83
N LYS D 1177 30.37 -7.19 -4.03
CA LYS D 1177 30.31 -8.64 -4.10
C LYS D 1177 29.50 -9.14 -5.28
N ASN D 1178 28.22 -8.87 -5.31
CA ASN D 1178 27.38 -9.46 -6.34
C ASN D 1178 26.95 -8.40 -7.34
N ALA D 1179 26.10 -8.82 -8.27
CA ALA D 1179 25.56 -7.93 -9.28
C ALA D 1179 24.64 -6.88 -8.69
N ASP D 1180 24.08 -7.13 -7.51
CA ASP D 1180 23.26 -6.13 -6.84
C ASP D 1180 24.07 -5.14 -6.06
N ALA D 1181 25.10 -5.59 -5.36
CA ALA D 1181 25.97 -4.70 -4.61
C ALA D 1181 26.68 -3.72 -5.52
N ASN D 1182 26.92 -4.11 -6.77
CA ASN D 1182 27.39 -3.17 -7.78
C ASN D 1182 26.39 -2.05 -7.99
N GLY D 1183 25.09 -2.37 -7.97
CA GLY D 1183 24.08 -1.35 -8.15
C GLY D 1183 24.04 -0.37 -7.00
N ALA D 1184 24.12 -0.88 -5.79
CA ALA D 1184 24.13 0.01 -4.63
C ALA D 1184 25.41 0.84 -4.57
N TYR D 1185 26.55 0.23 -4.88
CA TYR D 1185 27.82 0.94 -4.82
C TYR D 1185 27.87 2.04 -5.87
N ASN D 1186 27.31 1.78 -7.04
CA ASN D 1186 27.25 2.83 -8.03
C ASN D 1186 26.15 3.85 -7.76
N ILE D 1187 25.16 3.52 -6.93
CA ILE D 1187 24.29 4.60 -6.49
C ILE D 1187 25.05 5.47 -5.48
N ALA D 1188 25.87 4.85 -4.66
CA ALA D 1188 26.64 5.59 -3.66
C ALA D 1188 27.69 6.48 -4.30
N ARG D 1189 28.27 6.05 -5.42
CA ARG D 1189 29.29 6.87 -6.06
C ARG D 1189 28.73 8.16 -6.60
N LYS D 1190 27.45 8.19 -6.99
CA LYS D 1190 26.87 9.42 -7.49
C LYS D 1190 26.72 10.45 -6.37
N VAL D 1191 26.39 9.98 -5.18
CA VAL D 1191 26.33 10.92 -4.05
C VAL D 1191 27.73 11.33 -3.62
N LEU D 1192 28.72 10.45 -3.80
CA LEU D 1192 30.10 10.85 -3.53
C LEU D 1192 30.57 11.91 -4.52
N TRP D 1193 30.16 11.80 -5.78
CA TRP D 1193 30.42 12.85 -6.76
C TRP D 1193 29.72 14.13 -6.36
N ALA D 1194 28.52 14.02 -5.82
CA ALA D 1194 27.80 15.21 -5.37
C ALA D 1194 28.51 15.86 -4.19
N ILE D 1195 29.11 15.05 -3.32
CA ILE D 1195 29.92 15.58 -2.22
C ILE D 1195 31.12 16.33 -2.76
N GLY D 1196 31.78 15.76 -3.77
CA GLY D 1196 32.85 16.48 -4.45
C GLY D 1196 32.38 17.76 -5.12
N GLN D 1197 31.14 17.76 -5.61
CA GLN D 1197 30.57 18.97 -6.18
C GLN D 1197 30.28 20.02 -5.13
N PHE D 1198 29.95 19.59 -3.91
CA PHE D 1198 29.54 20.51 -2.86
C PHE D 1198 30.68 21.38 -2.38
N LYS D 1199 31.91 20.94 -2.54
CA LYS D 1199 33.06 21.71 -2.09
C LYS D 1199 33.55 22.67 -3.14
N LYS D 1200 33.22 22.41 -4.42
CA LYS D 1200 33.59 23.29 -5.52
C LYS D 1200 32.87 24.62 -5.45
N ALA D 1201 31.57 24.61 -5.19
CA ALA D 1201 30.82 25.84 -5.08
C ALA D 1201 31.05 26.48 -3.71
N GLU D 1202 30.35 27.58 -3.46
CA GLU D 1202 30.55 28.34 -2.24
C GLU D 1202 29.23 28.48 -1.48
N ASP D 1203 29.35 28.89 -0.20
CA ASP D 1203 28.28 28.88 0.79
C ASP D 1203 27.07 29.72 0.42
N GLU D 1204 27.21 30.65 -0.50
CA GLU D 1204 26.08 31.44 -0.95
C GLU D 1204 25.36 30.81 -2.13
N LYS D 1205 26.03 29.99 -2.91
CA LYS D 1205 25.46 29.34 -4.07
C LYS D 1205 25.12 27.88 -3.80
N LEU D 1206 25.37 27.40 -2.58
CA LEU D 1206 25.19 25.99 -2.25
C LEU D 1206 23.74 25.55 -2.31
N ASP D 1207 22.80 26.49 -2.23
CA ASP D 1207 21.39 26.17 -2.36
C ASP D 1207 20.93 25.97 -3.79
N LYS D 1208 21.78 26.23 -4.79
CA LYS D 1208 21.38 26.07 -6.18
C LYS D 1208 22.29 25.16 -6.98
N VAL D 1209 23.10 24.32 -6.34
CA VAL D 1209 23.95 23.39 -7.08
C VAL D 1209 23.08 22.33 -7.73
N LYS D 1210 23.27 22.12 -9.03
CA LYS D 1210 22.48 21.12 -9.72
C LYS D 1210 23.05 19.73 -9.47
N ILE D 1211 22.18 18.84 -8.99
CA ILE D 1211 22.61 17.51 -8.58
C ILE D 1211 22.19 16.45 -9.58
N ALA D 1212 21.17 16.70 -10.41
CA ALA D 1212 20.63 15.69 -11.30
C ALA D 1212 21.64 15.43 -12.41
N ILE D 1213 22.53 14.48 -12.13
CA ILE D 1213 23.80 14.39 -12.85
C ILE D 1213 23.59 13.75 -14.21
N SER D 1214 24.09 14.41 -15.25
CA SER D 1214 24.03 13.86 -16.59
C SER D 1214 25.05 12.73 -16.74
N ASN D 1215 24.82 11.91 -17.76
CA ASN D 1215 25.49 10.61 -17.85
C ASN D 1215 26.98 10.74 -18.07
N LYS D 1216 27.41 11.70 -18.89
CA LYS D 1216 28.82 11.81 -19.24
C LYS D 1216 29.64 12.23 -18.04
N GLU D 1217 29.08 13.11 -17.21
CA GLU D 1217 29.74 13.50 -15.98
C GLU D 1217 29.91 12.31 -15.05
N TRP D 1218 28.88 11.47 -14.96
CA TRP D 1218 28.94 10.29 -14.12
C TRP D 1218 29.98 9.30 -14.65
N LEU D 1219 30.06 9.16 -15.96
CA LEU D 1219 31.03 8.25 -16.55
C LEU D 1219 32.44 8.76 -16.34
N GLU D 1220 32.63 10.07 -16.38
CA GLU D 1220 33.95 10.62 -16.14
C GLU D 1220 34.36 10.45 -14.69
N TYR D 1221 33.39 10.62 -13.78
CA TYR D 1221 33.65 10.33 -12.37
C TYR D 1221 33.99 8.87 -12.15
N ALA D 1222 33.28 7.98 -12.83
CA ALA D 1222 33.50 6.55 -12.66
C ALA D 1222 34.83 6.10 -13.22
N GLN D 1223 35.23 6.62 -14.37
CA GLN D 1223 36.51 6.25 -14.94
C GLN D 1223 37.68 6.92 -14.25
N THR D 1224 37.45 8.06 -13.61
CA THR D 1224 38.51 8.67 -12.83
C THR D 1224 38.59 8.14 -11.41
N SER D 1225 37.82 7.11 -11.07
CA SER D 1225 37.79 6.67 -9.68
C SER D 1225 39.00 5.83 -9.32
N VAL D 1226 39.47 4.96 -10.23
CA VAL D 1226 40.56 4.06 -9.92
C VAL D 1226 41.92 4.67 -10.24
N LYS D 1227 41.93 5.86 -10.86
CA LYS D 1227 43.11 6.56 -11.39
C LYS D 1227 43.89 5.66 -12.35
N MET F 120 -37.21 -58.61 10.14
CA MET F 120 -36.73 -57.26 9.84
C MET F 120 -35.52 -56.87 10.70
N TYR F 121 -34.96 -57.84 11.42
CA TYR F 121 -33.88 -57.63 12.38
C TYR F 121 -32.78 -58.68 12.20
N LEU F 122 -32.32 -58.87 10.96
CA LEU F 122 -31.50 -60.05 10.70
C LEU F 122 -30.01 -59.73 10.47
N VAL F 123 -29.67 -58.71 9.66
CA VAL F 123 -28.26 -58.40 9.41
C VAL F 123 -27.96 -56.99 9.90
N VAL F 124 -29.02 -56.21 10.17
CA VAL F 124 -28.85 -54.80 10.51
C VAL F 124 -28.24 -54.64 11.90
N GLN F 125 -28.37 -55.67 12.73
CA GLN F 125 -27.70 -55.68 14.03
C GLN F 125 -26.17 -55.63 13.87
N ALA F 126 -25.64 -56.25 12.82
CA ALA F 126 -24.21 -56.12 12.52
C ALA F 126 -23.84 -54.73 12.07
N LEU F 127 -24.75 -53.99 11.44
CA LEU F 127 -24.51 -52.60 11.09
C LEU F 127 -24.41 -51.73 12.33
N ILE F 128 -25.36 -51.87 13.25
CA ILE F 128 -25.34 -51.04 14.45
C ILE F 128 -24.17 -51.43 15.35
N ARG F 129 -23.85 -52.73 15.37
CA ARG F 129 -22.68 -53.25 16.07
C ARG F 129 -21.38 -52.66 15.58
N ALA F 130 -21.29 -52.33 14.30
CA ALA F 130 -20.10 -51.65 13.79
C ALA F 130 -20.15 -50.16 14.03
N CYS F 131 -21.33 -49.56 13.96
CA CYS F 131 -21.47 -48.11 14.13
C CYS F 131 -21.09 -47.68 15.54
N ILE F 132 -21.44 -48.50 16.53
CA ILE F 132 -21.07 -48.13 17.90
C ILE F 132 -19.57 -48.28 18.12
N ILE F 133 -18.93 -49.19 17.38
CA ILE F 133 -17.49 -49.35 17.50
C ILE F 133 -16.78 -48.17 16.86
N LYS F 134 -17.29 -47.68 15.73
CA LYS F 134 -16.73 -46.47 15.14
C LYS F 134 -16.94 -45.25 16.02
N GLU F 135 -18.07 -45.18 16.71
CA GLU F 135 -18.31 -44.10 17.68
C GLU F 135 -17.31 -44.15 18.84
N ILE F 136 -17.10 -45.35 19.42
CA ILE F 136 -16.25 -45.41 20.60
C ILE F 136 -14.78 -45.25 20.23
N ASP F 137 -14.39 -45.66 19.02
CA ASP F 137 -13.03 -45.39 18.62
C ASP F 137 -12.81 -43.93 18.29
N LEU F 138 -13.85 -43.25 17.79
CA LEU F 138 -13.79 -41.80 17.68
C LEU F 138 -13.61 -41.15 19.05
N TYR F 139 -14.28 -41.69 20.07
CA TYR F 139 -14.15 -41.13 21.41
C TYR F 139 -12.74 -41.34 21.98
N THR F 140 -12.21 -42.55 21.87
CA THR F 140 -10.88 -42.78 22.44
C THR F 140 -9.79 -42.09 21.64
N GLU F 141 -10.01 -41.81 20.35
CA GLU F 141 -9.00 -41.04 19.64
C GLU F 141 -9.21 -39.55 19.84
N GLN F 142 -10.39 -39.13 20.31
CA GLN F 142 -10.50 -37.79 20.89
C GLN F 142 -9.79 -37.69 22.22
N LEU F 143 -9.68 -38.80 22.94
CA LEU F 143 -9.16 -38.75 24.30
C LEU F 143 -7.65 -38.90 24.37
N TYR F 144 -7.06 -39.67 23.45
CA TYR F 144 -5.65 -40.11 23.55
C TYR F 144 -4.64 -38.97 23.60
N ASN F 145 -4.90 -37.87 22.88
CA ASN F 145 -4.00 -36.74 22.91
C ASN F 145 -4.02 -36.02 24.26
N ILE F 146 -5.22 -35.85 24.83
CA ILE F 146 -5.35 -35.28 26.17
C ILE F 146 -4.74 -36.20 27.21
N ILE F 147 -4.81 -37.51 26.98
CA ILE F 147 -4.14 -38.48 27.84
C ILE F 147 -2.63 -38.31 27.81
N LYS F 148 -2.05 -38.16 26.62
CA LYS F 148 -0.60 -38.00 26.54
C LYS F 148 -0.11 -36.67 27.09
N SER F 149 -0.96 -35.65 27.13
CA SER F 149 -0.56 -34.33 27.59
C SER F 149 -0.79 -34.15 29.09
N LEU F 150 -0.68 -35.22 29.86
CA LEU F 150 -0.84 -35.17 31.31
C LEU F 150 0.45 -35.60 31.98
N PRO F 151 0.82 -34.97 33.08
CA PRO F 151 1.95 -35.46 33.86
C PRO F 151 1.58 -36.73 34.61
N TYR F 152 2.61 -37.47 35.00
CA TYR F 152 2.39 -38.79 35.55
C TYR F 152 1.82 -38.77 36.96
N ASP F 153 2.03 -37.67 37.70
CA ASP F 153 1.38 -37.48 38.98
C ASP F 153 -0.05 -36.99 38.86
N LYS F 154 -0.52 -36.74 37.63
CA LYS F 154 -1.91 -36.38 37.39
C LYS F 154 -2.63 -37.38 36.53
N ARG F 155 -2.03 -38.55 36.27
CA ARG F 155 -2.64 -39.56 35.43
C ARG F 155 -3.85 -40.16 36.11
N PRO F 156 -5.06 -39.95 35.56
CA PRO F 156 -6.28 -40.26 36.30
C PRO F 156 -6.60 -41.75 36.35
N ASN F 157 -7.71 -42.10 36.99
CA ASN F 157 -8.06 -43.49 37.24
C ASN F 157 -8.96 -43.97 36.11
N VAL F 158 -8.69 -45.17 35.61
CA VAL F 158 -9.36 -45.69 34.44
C VAL F 158 -10.21 -46.89 34.81
N VAL F 159 -11.10 -47.25 33.90
CA VAL F 159 -11.98 -48.42 34.05
C VAL F 159 -11.59 -49.43 32.98
N TYR F 160 -10.27 -49.50 32.73
CA TYR F 160 -9.62 -50.25 31.66
C TYR F 160 -10.21 -51.65 31.46
N SER F 161 -10.44 -51.98 30.19
CA SER F 161 -11.08 -53.23 29.85
C SER F 161 -10.40 -53.99 28.72
N ASP F 162 -9.72 -53.30 27.81
CA ASP F 162 -9.32 -53.79 26.50
C ASP F 162 -10.50 -54.38 25.73
N GLN F 163 -11.68 -53.78 25.94
CA GLN F 163 -12.96 -54.08 25.37
C GLN F 163 -13.66 -52.74 25.26
N PRO F 164 -14.32 -52.47 24.14
CA PRO F 164 -15.04 -51.19 23.97
C PRO F 164 -16.21 -51.09 24.93
N LEU F 165 -16.08 -50.20 25.91
CA LEU F 165 -17.12 -49.95 26.90
C LEU F 165 -17.68 -48.56 26.68
N ASP F 166 -18.95 -48.52 26.25
CA ASP F 166 -19.76 -47.39 25.80
C ASP F 166 -19.76 -46.27 26.84
N PRO F 167 -19.25 -45.10 26.49
CA PRO F 167 -19.24 -43.98 27.43
C PRO F 167 -20.59 -43.30 27.62
N ASN F 168 -21.64 -43.73 26.92
CA ASN F 168 -22.94 -43.11 27.12
C ASN F 168 -23.63 -43.66 28.37
N ASN F 169 -23.33 -44.90 28.75
CA ASN F 169 -23.91 -45.50 29.93
C ASN F 169 -22.87 -45.91 30.95
N LEU F 170 -21.69 -46.32 30.48
CA LEU F 170 -20.48 -46.79 31.18
C LEU F 170 -20.63 -48.18 31.78
N ASP F 171 -21.86 -48.73 31.84
CA ASP F 171 -22.18 -50.03 32.43
C ASP F 171 -21.54 -50.21 33.81
N LEU F 172 -21.87 -49.29 34.72
CA LEU F 172 -21.12 -49.13 35.95
C LEU F 172 -21.59 -50.08 37.05
N SER F 173 -22.39 -51.08 36.71
CA SER F 173 -22.87 -52.02 37.71
C SER F 173 -21.84 -53.11 38.01
N GLU F 174 -20.94 -53.40 37.07
CA GLU F 174 -20.05 -54.54 37.22
C GLU F 174 -18.76 -54.13 37.91
N PRO F 175 -18.39 -54.76 39.03
CA PRO F 175 -17.10 -54.46 39.66
C PRO F 175 -15.96 -55.34 39.18
N GLU F 176 -16.12 -56.05 38.06
CA GLU F 176 -15.05 -56.83 37.46
C GLU F 176 -13.89 -55.95 37.02
N LEU F 177 -14.18 -54.77 36.48
CA LEU F 177 -13.14 -53.83 36.06
C LEU F 177 -12.36 -53.33 37.26
N TRP F 178 -11.05 -53.54 37.24
CA TRP F 178 -10.20 -52.97 38.26
C TRP F 178 -10.04 -51.47 38.00
N ALA F 179 -9.78 -50.71 39.06
CA ALA F 179 -9.64 -49.27 38.92
C ALA F 179 -8.31 -48.90 39.58
N GLU F 180 -7.31 -48.64 38.76
CA GLU F 180 -6.00 -48.19 39.22
C GLU F 180 -5.64 -46.93 38.43
N GLN F 181 -4.40 -46.49 38.60
CA GLN F 181 -3.95 -45.32 37.87
C GLN F 181 -3.27 -45.71 36.57
N VAL F 182 -3.57 -44.97 35.52
CA VAL F 182 -3.01 -45.25 34.19
C VAL F 182 -1.53 -44.84 34.18
N GLY F 183 -0.74 -45.60 33.43
CA GLY F 183 0.66 -45.26 33.26
C GLY F 183 1.00 -44.72 31.89
N GLU F 184 1.98 -45.33 31.24
CA GLU F 184 2.56 -44.80 30.02
C GLU F 184 1.66 -45.10 28.82
N CYS F 185 1.48 -44.08 27.98
CA CYS F 185 0.62 -44.15 26.81
C CYS F 185 1.47 -44.26 25.56
N MET F 186 1.76 -45.48 25.14
CA MET F 186 2.56 -45.76 23.97
C MET F 186 1.65 -45.95 22.77
N ARG F 187 2.22 -45.95 21.57
CA ARG F 187 1.49 -46.33 20.37
C ARG F 187 1.98 -47.69 19.90
N TYR F 188 1.07 -48.49 19.34
CA TYR F 188 1.47 -49.70 18.65
C TYR F 188 2.33 -49.39 17.43
N ALA F 189 3.20 -50.34 17.09
CA ALA F 189 4.01 -50.23 15.88
C ALA F 189 3.38 -50.92 14.68
N HIS F 190 2.45 -51.85 14.89
CA HIS F 190 1.80 -52.52 13.77
C HIS F 190 0.64 -51.70 13.23
N ASN F 191 -0.30 -51.34 14.08
CA ASN F 191 -1.32 -50.37 13.71
C ASN F 191 -1.13 -49.10 14.54
N ASP F 192 -2.07 -48.17 14.40
CA ASP F 192 -2.01 -46.89 15.07
C ASP F 192 -2.79 -46.88 16.38
N GLN F 193 -2.84 -48.00 17.06
CA GLN F 193 -3.80 -48.09 18.14
C GLN F 193 -3.20 -47.56 19.45
N PRO F 194 -4.00 -46.86 20.25
CA PRO F 194 -3.50 -46.29 21.52
C PRO F 194 -3.35 -47.31 22.64
N CYS F 195 -2.21 -47.99 22.71
CA CYS F 195 -2.03 -48.94 23.79
C CYS F 195 -1.74 -48.22 25.11
N PHE F 196 -2.35 -48.72 26.18
CA PHE F 196 -2.27 -48.10 27.49
C PHE F 196 -1.75 -49.10 28.52
N TYR F 197 -0.96 -48.59 29.44
CA TYR F 197 -0.41 -49.37 30.54
C TYR F 197 -1.00 -48.90 31.84
N ILE F 198 -1.24 -49.85 32.74
CA ILE F 198 -1.76 -49.57 34.08
C ILE F 198 -0.59 -49.66 35.04
N GLY F 199 -0.56 -48.76 36.01
CA GLY F 199 0.56 -48.72 36.94
C GLY F 199 1.81 -48.22 36.26
N SER F 200 2.75 -49.12 36.01
CA SER F 200 3.99 -48.79 35.33
C SER F 200 4.19 -49.74 34.14
N THR F 201 5.35 -49.62 33.51
CA THR F 201 5.81 -50.59 32.54
C THR F 201 6.03 -51.96 33.17
N LYS F 202 6.49 -52.01 34.44
CA LYS F 202 6.81 -53.23 35.16
C LYS F 202 5.63 -54.17 35.36
N ARG F 203 4.41 -53.68 35.22
CA ARG F 203 3.26 -54.57 35.21
C ARG F 203 3.05 -55.24 33.86
N GLU F 204 3.53 -54.61 32.78
CA GLU F 204 3.44 -55.10 31.39
C GLU F 204 1.98 -55.36 30.99
N LEU F 205 1.09 -54.50 31.46
CA LEU F 205 -0.34 -54.66 31.23
C LEU F 205 -0.76 -53.79 30.07
N ARG F 206 -0.91 -54.41 28.90
CA ARG F 206 -1.07 -53.71 27.63
C ARG F 206 -2.56 -53.71 27.26
N VAL F 207 -3.22 -52.59 27.51
CA VAL F 207 -4.67 -52.46 27.40
C VAL F 207 -4.95 -51.40 26.33
N ASN F 208 -6.08 -51.54 25.62
CA ASN F 208 -6.39 -50.62 24.55
C ASN F 208 -7.72 -49.88 24.72
N TYR F 209 -8.33 -49.89 25.90
CA TYR F 209 -9.61 -49.21 26.08
C TYR F 209 -9.71 -48.70 27.51
N ILE F 210 -9.68 -47.38 27.69
CA ILE F 210 -9.82 -46.77 29.00
C ILE F 210 -10.83 -45.63 28.93
N VAL F 211 -11.51 -45.42 30.06
CA VAL F 211 -12.41 -44.28 30.24
C VAL F 211 -12.14 -43.73 31.64
N PRO F 212 -11.96 -42.42 31.81
CA PRO F 212 -11.72 -41.88 33.15
C PRO F 212 -13.01 -41.63 33.91
N VAL F 213 -12.94 -41.86 35.22
CA VAL F 213 -13.98 -41.51 36.18
C VAL F 213 -13.28 -41.00 37.44
N ILE F 214 -14.10 -40.65 38.43
CA ILE F 214 -13.59 -40.40 39.78
C ILE F 214 -13.70 -41.66 40.64
N GLY F 215 -13.95 -42.80 40.02
CA GLY F 215 -14.00 -44.08 40.69
C GLY F 215 -12.61 -44.66 40.90
N VAL F 216 -11.94 -44.16 41.95
CA VAL F 216 -10.49 -44.35 42.08
C VAL F 216 -10.13 -45.79 42.41
N ARG F 217 -10.60 -46.31 43.54
CA ARG F 217 -10.09 -47.60 43.96
C ARG F 217 -10.96 -48.76 43.48
N ASP F 218 -12.19 -48.84 43.99
CA ASP F 218 -13.20 -49.73 43.43
C ASP F 218 -14.57 -49.08 43.50
N GLU F 219 -14.61 -47.90 44.11
CA GLU F 219 -15.86 -47.20 44.40
C GLU F 219 -16.16 -46.27 43.24
N ILE F 220 -16.99 -46.72 42.31
CA ILE F 220 -17.30 -46.00 41.09
C ILE F 220 -18.55 -45.17 41.35
N GLU F 221 -18.42 -43.84 41.28
CA GLU F 221 -19.58 -43.00 41.53
C GLU F 221 -20.00 -42.20 40.29
N ARG F 222 -19.10 -41.38 39.75
CA ARG F 222 -19.50 -40.41 38.75
C ARG F 222 -18.52 -40.43 37.60
N VAL F 223 -18.98 -39.96 36.45
CA VAL F 223 -18.22 -40.04 35.20
C VAL F 223 -17.34 -38.81 35.07
N MET F 224 -16.11 -39.01 34.60
CA MET F 224 -15.26 -37.90 34.19
C MET F 224 -15.47 -37.63 32.70
N THR F 225 -16.05 -36.47 32.39
CA THR F 225 -16.25 -36.06 31.01
C THR F 225 -14.99 -35.37 30.47
N LEU F 226 -15.10 -34.86 29.24
CA LEU F 226 -13.92 -34.39 28.53
C LEU F 226 -13.41 -33.06 29.07
N GLU F 227 -14.31 -32.15 29.45
CA GLU F 227 -13.86 -30.87 29.98
C GLU F 227 -13.28 -31.01 31.37
N GLU F 228 -13.63 -32.07 32.10
CA GLU F 228 -13.07 -32.34 33.40
C GLU F 228 -11.85 -33.25 33.37
N VAL F 229 -11.45 -33.77 32.21
CA VAL F 229 -10.10 -34.32 32.09
C VAL F 229 -9.17 -33.29 31.46
N ARG F 230 -9.70 -32.35 30.68
CA ARG F 230 -8.88 -31.25 30.20
C ARG F 230 -8.52 -30.29 31.32
N ASN F 231 -9.50 -29.96 32.18
CA ASN F 231 -9.25 -29.08 33.30
C ASN F 231 -8.57 -29.79 34.46
N LEU F 232 -8.50 -31.12 34.42
CA LEU F 232 -7.77 -31.87 35.42
C LEU F 232 -6.27 -31.60 35.35
N HIS F 233 -5.77 -31.26 34.17
CA HIS F 233 -4.41 -30.79 33.96
C HIS F 233 -4.15 -29.49 34.75
MG MG G . -0.76 -12.93 11.46
MG MG H . 7.89 -5.26 22.49
#